data_2D8X
#
_entry.id   2D8X
#
loop_
_entity.id
_entity.type
_entity.pdbx_description
1 polymer 'Protein PINCH'
2 non-polymer 'ZINC ION'
#
_entity_poly.entity_id   1
_entity_poly.type   'polypeptide(L)'
_entity_poly.pdbx_seq_one_letter_code
;GSSGSSGCHQCGEFIIGRVIKAMNNSWHPECFRCDLCQEVLADIGFVKNAGRHLCRPCHNREKASGPSSG
;
_entity_poly.pdbx_strand_id   A
#
# COMPACT_ATOMS: atom_id res chain seq x y z
N GLY A 1 21.47 18.53 -8.00
CA GLY A 1 20.12 18.60 -8.54
C GLY A 1 19.21 17.56 -7.92
N SER A 2 19.01 16.44 -8.63
CA SER A 2 18.15 15.37 -8.16
C SER A 2 18.61 14.02 -8.70
N SER A 3 18.19 12.95 -8.04
CA SER A 3 18.56 11.60 -8.46
C SER A 3 17.32 10.72 -8.62
N GLY A 4 17.10 10.22 -9.82
CA GLY A 4 15.95 9.37 -10.08
C GLY A 4 14.66 10.16 -10.18
N SER A 5 13.69 9.62 -10.91
CA SER A 5 12.40 10.28 -11.09
C SER A 5 11.36 9.67 -10.15
N SER A 6 11.24 8.35 -10.19
CA SER A 6 10.27 7.65 -9.35
C SER A 6 10.95 6.52 -8.57
N GLY A 7 11.20 6.77 -7.29
CA GLY A 7 11.83 5.77 -6.45
C GLY A 7 10.92 5.26 -5.35
N CYS A 8 11.12 4.02 -4.95
CA CYS A 8 10.31 3.40 -3.91
C CYS A 8 10.50 4.12 -2.57
N HIS A 9 9.42 4.23 -1.80
CA HIS A 9 9.46 4.90 -0.52
C HIS A 9 9.75 3.90 0.60
N GLN A 10 9.18 2.71 0.48
CA GLN A 10 9.38 1.66 1.48
C GLN A 10 10.86 1.49 1.81
N CYS A 11 11.60 0.91 0.88
CA CYS A 11 13.02 0.70 1.06
C CYS A 11 13.84 1.92 0.63
N GLY A 12 13.46 2.49 -0.51
CA GLY A 12 14.15 3.66 -1.02
C GLY A 12 14.75 3.42 -2.38
N GLU A 13 15.28 2.21 -2.61
CA GLU A 13 15.89 1.87 -3.88
C GLU A 13 15.02 2.33 -5.05
N PHE A 14 15.66 2.60 -6.18
CA PHE A 14 14.94 3.06 -7.37
C PHE A 14 14.22 1.89 -8.04
N ILE A 15 12.99 2.15 -8.48
CA ILE A 15 12.19 1.12 -9.14
C ILE A 15 12.50 1.07 -10.64
N ILE A 16 12.78 -0.14 -11.13
CA ILE A 16 13.07 -0.34 -12.54
C ILE A 16 12.20 -1.43 -13.14
N GLY A 17 11.31 -1.03 -14.05
CA GLY A 17 10.43 -1.98 -14.70
C GLY A 17 8.98 -1.80 -14.28
N ARG A 18 8.66 -2.19 -13.06
CA ARG A 18 7.29 -2.07 -12.55
C ARG A 18 7.24 -1.10 -11.38
N VAL A 19 6.44 -0.05 -11.52
CA VAL A 19 6.30 0.95 -10.46
C VAL A 19 4.89 0.94 -9.89
N ILE A 20 4.76 0.57 -8.62
CA ILE A 20 3.47 0.53 -7.96
C ILE A 20 3.12 1.89 -7.35
N LYS A 21 2.20 2.60 -8.00
CA LYS A 21 1.77 3.91 -7.52
C LYS A 21 0.73 3.77 -6.41
N ALA A 22 1.06 4.29 -5.23
CA ALA A 22 0.16 4.23 -4.09
C ALA A 22 0.47 5.34 -3.09
N MET A 23 -0.49 5.61 -2.20
CA MET A 23 -0.32 6.65 -1.19
C MET A 23 0.35 7.88 -1.78
N ASN A 24 0.10 8.14 -3.06
CA ASN A 24 0.69 9.28 -3.74
C ASN A 24 2.20 9.16 -3.81
N ASN A 25 2.68 7.96 -4.11
CA ASN A 25 4.12 7.72 -4.21
C ASN A 25 4.39 6.39 -4.91
N SER A 26 5.62 6.24 -5.42
CA SER A 26 6.02 5.02 -6.11
C SER A 26 6.58 4.00 -5.13
N TRP A 27 6.31 2.72 -5.40
CA TRP A 27 6.79 1.64 -4.54
C TRP A 27 7.08 0.38 -5.36
N HIS A 28 7.66 -0.62 -4.71
CA HIS A 28 7.97 -1.87 -5.37
C HIS A 28 6.81 -2.85 -5.28
N PRO A 29 6.78 -3.83 -6.21
CA PRO A 29 5.73 -4.84 -6.24
C PRO A 29 5.83 -5.83 -5.08
N GLU A 30 6.84 -5.65 -4.25
CA GLU A 30 7.05 -6.53 -3.10
C GLU A 30 7.11 -5.71 -1.80
N CYS A 31 7.42 -4.43 -1.94
CA CYS A 31 7.52 -3.55 -0.77
C CYS A 31 6.12 -3.16 -0.28
N PHE A 32 5.33 -2.58 -1.16
CA PHE A 32 3.97 -2.16 -0.82
C PHE A 32 3.15 -3.35 -0.34
N ARG A 33 3.24 -3.64 0.96
CA ARG A 33 2.50 -4.75 1.54
C ARG A 33 1.55 -4.26 2.64
N CYS A 34 0.63 -5.12 3.04
CA CYS A 34 -0.34 -4.78 4.07
C CYS A 34 0.37 -4.38 5.37
N ASP A 35 -0.37 -3.75 6.27
CA ASP A 35 0.18 -3.32 7.55
C ASP A 35 -0.25 -4.26 8.68
N LEU A 36 -1.01 -5.29 8.33
CA LEU A 36 -1.49 -6.25 9.31
C LEU A 36 -1.07 -7.67 8.92
N CYS A 37 -1.01 -7.94 7.63
CA CYS A 37 -0.62 -9.25 7.13
C CYS A 37 0.57 -9.14 6.18
N GLN A 38 0.97 -7.91 5.88
CA GLN A 38 2.10 -7.68 4.98
C GLN A 38 1.91 -8.41 3.66
N GLU A 39 0.74 -8.23 3.05
CA GLU A 39 0.43 -8.88 1.79
C GLU A 39 0.62 -7.91 0.61
N VAL A 40 1.35 -8.35 -0.40
CA VAL A 40 1.61 -7.52 -1.58
C VAL A 40 0.32 -6.89 -2.09
N LEU A 41 0.24 -5.56 -2.00
CA LEU A 41 -0.95 -4.84 -2.46
C LEU A 41 -0.67 -4.13 -3.79
N ALA A 42 -0.09 -4.87 -4.73
CA ALA A 42 0.22 -4.32 -6.04
C ALA A 42 -0.88 -4.64 -7.05
N ASP A 43 -1.24 -5.92 -7.15
CA ASP A 43 -2.28 -6.36 -8.07
C ASP A 43 -3.63 -6.45 -7.36
N ILE A 44 -3.64 -7.08 -6.20
CA ILE A 44 -4.86 -7.24 -5.42
C ILE A 44 -5.42 -5.89 -5.00
N GLY A 45 -4.54 -4.89 -4.90
CA GLY A 45 -4.98 -3.57 -4.50
C GLY A 45 -4.81 -3.31 -3.03
N PHE A 46 -4.98 -2.05 -2.61
CA PHE A 46 -4.84 -1.67 -1.22
C PHE A 46 -5.98 -0.78 -0.77
N VAL A 47 -6.08 -0.55 0.53
CA VAL A 47 -7.13 0.29 1.09
C VAL A 47 -6.58 1.28 2.10
N LYS A 48 -6.60 2.56 1.75
CA LYS A 48 -6.10 3.61 2.64
C LYS A 48 -6.97 3.73 3.89
N ASN A 49 -6.36 3.54 5.05
CA ASN A 49 -7.09 3.63 6.32
C ASN A 49 -6.15 4.06 7.44
N ALA A 50 -6.58 5.03 8.23
CA ALA A 50 -5.78 5.52 9.35
C ALA A 50 -4.34 5.82 8.91
N GLY A 51 -4.18 6.21 7.65
CA GLY A 51 -2.85 6.51 7.14
C GLY A 51 -1.99 5.26 7.02
N ARG A 52 -2.63 4.13 6.78
CA ARG A 52 -1.91 2.85 6.64
C ARG A 52 -2.44 2.06 5.46
N HIS A 53 -1.54 1.38 4.77
CA HIS A 53 -1.91 0.57 3.61
C HIS A 53 -2.32 -0.84 4.03
N LEU A 54 -3.59 -1.16 3.84
CA LEU A 54 -4.11 -2.48 4.22
C LEU A 54 -4.78 -3.15 3.02
N CYS A 55 -5.04 -4.44 3.15
CA CYS A 55 -5.69 -5.20 2.08
C CYS A 55 -7.17 -5.40 2.39
N ARG A 56 -7.99 -5.45 1.33
CA ARG A 56 -9.43 -5.64 1.49
C ARG A 56 -9.73 -6.55 2.66
N PRO A 57 -9.10 -7.74 2.68
CA PRO A 57 -9.29 -8.73 3.75
C PRO A 57 -9.19 -8.10 5.14
N CYS A 58 -8.00 -7.63 5.46
CA CYS A 58 -7.75 -7.00 6.76
C CYS A 58 -8.65 -5.79 6.96
N HIS A 59 -8.42 -4.75 6.17
CA HIS A 59 -9.22 -3.53 6.25
C HIS A 59 -10.68 -3.85 6.58
N ASN A 60 -11.24 -4.82 5.87
CA ASN A 60 -12.61 -5.23 6.08
C ASN A 60 -12.82 -5.73 7.51
N ARG A 61 -11.86 -6.51 8.00
CA ARG A 61 -11.93 -7.05 9.35
C ARG A 61 -11.86 -5.95 10.39
N GLU A 62 -11.03 -4.94 10.14
CA GLU A 62 -10.88 -3.82 11.05
C GLU A 62 -12.08 -2.89 10.99
N LYS A 63 -12.30 -2.29 9.84
CA LYS A 63 -13.43 -1.38 9.65
C LYS A 63 -14.75 -2.05 10.04
N ALA A 64 -14.79 -3.37 9.91
CA ALA A 64 -15.99 -4.13 10.25
C ALA A 64 -16.66 -3.56 11.49
N SER A 65 -17.82 -2.94 11.30
CA SER A 65 -18.56 -2.36 12.41
C SER A 65 -19.07 -3.43 13.37
N GLY A 66 -18.86 -3.21 14.67
CA GLY A 66 -19.30 -4.16 15.66
C GLY A 66 -20.59 -4.86 15.27
N PRO A 67 -20.76 -6.10 15.74
CA PRO A 67 -21.95 -6.90 15.45
C PRO A 67 -23.20 -6.36 16.16
N SER A 68 -23.00 -5.68 17.28
CA SER A 68 -24.09 -5.12 18.05
C SER A 68 -24.35 -3.67 17.64
N SER A 69 -25.31 -3.46 16.75
CA SER A 69 -25.64 -2.13 16.27
C SER A 69 -27.14 -1.86 16.42
N GLY A 70 -27.49 -0.94 17.33
CA GLY A 70 -28.88 -0.61 17.55
C GLY A 70 -29.53 0.00 16.33
N GLY A 1 10.01 19.44 -14.28
CA GLY A 1 10.93 19.76 -15.35
C GLY A 1 11.73 18.54 -15.80
N SER A 2 12.70 18.14 -14.99
CA SER A 2 13.54 16.99 -15.33
C SER A 2 12.70 15.71 -15.41
N SER A 3 13.34 14.62 -15.81
CA SER A 3 12.66 13.34 -15.94
C SER A 3 11.89 13.01 -14.67
N GLY A 4 10.69 12.45 -14.84
CA GLY A 4 9.87 12.09 -13.69
C GLY A 4 10.46 10.94 -12.90
N SER A 5 11.34 11.26 -11.96
CA SER A 5 11.98 10.24 -11.13
C SER A 5 10.96 9.60 -10.18
N SER A 6 10.91 8.27 -10.20
CA SER A 6 9.99 7.54 -9.35
C SER A 6 10.72 6.42 -8.60
N GLY A 7 11.02 6.67 -7.33
CA GLY A 7 11.70 5.67 -6.53
C GLY A 7 10.84 5.13 -5.40
N CYS A 8 11.06 3.88 -5.03
CA CYS A 8 10.29 3.25 -3.96
C CYS A 8 10.53 3.95 -2.63
N HIS A 9 9.48 4.10 -1.84
CA HIS A 9 9.57 4.76 -0.54
C HIS A 9 9.88 3.74 0.55
N GLN A 10 9.29 2.55 0.44
CA GLN A 10 9.50 1.50 1.44
C GLN A 10 10.98 1.33 1.73
N CYS A 11 11.72 0.80 0.76
CA CYS A 11 13.15 0.57 0.92
C CYS A 11 13.93 1.81 0.51
N GLY A 12 13.52 2.43 -0.59
CA GLY A 12 14.20 3.62 -1.07
C GLY A 12 14.80 3.41 -2.46
N GLU A 13 15.33 2.23 -2.71
CA GLU A 13 15.94 1.92 -4.01
C GLU A 13 15.05 2.39 -5.15
N PHE A 14 15.66 2.69 -6.28
CA PHE A 14 14.92 3.16 -7.46
C PHE A 14 14.22 2.00 -8.15
N ILE A 15 12.99 2.24 -8.60
CA ILE A 15 12.20 1.23 -9.27
C ILE A 15 12.48 1.23 -10.77
N ILE A 16 12.76 0.05 -11.32
CA ILE A 16 13.05 -0.08 -12.74
C ILE A 16 12.19 -1.18 -13.37
N GLY A 17 11.24 -0.77 -14.19
CA GLY A 17 10.37 -1.74 -14.85
C GLY A 17 8.92 -1.59 -14.43
N ARG A 18 8.62 -2.02 -13.20
CA ARG A 18 7.26 -1.95 -12.68
C ARG A 18 7.21 -1.03 -11.46
N VAL A 19 6.42 0.03 -11.56
CA VAL A 19 6.28 0.98 -10.47
C VAL A 19 4.86 0.96 -9.89
N ILE A 20 4.76 0.61 -8.62
CA ILE A 20 3.46 0.55 -7.96
C ILE A 20 3.12 1.87 -7.29
N LYS A 21 2.13 2.58 -7.86
CA LYS A 21 1.72 3.86 -7.32
C LYS A 21 0.71 3.67 -6.19
N ALA A 22 1.07 4.13 -5.00
CA ALA A 22 0.20 4.02 -3.84
C ALA A 22 0.52 5.09 -2.80
N MET A 23 -0.38 5.26 -1.84
CA MET A 23 -0.19 6.26 -0.79
C MET A 23 0.38 7.55 -1.37
N ASN A 24 0.12 7.79 -2.64
CA ASN A 24 0.61 9.00 -3.31
C ASN A 24 2.13 8.94 -3.46
N ASN A 25 2.64 7.79 -3.88
CA ASN A 25 4.07 7.61 -4.06
C ASN A 25 4.37 6.31 -4.81
N SER A 26 5.60 6.18 -5.29
CA SER A 26 6.01 4.99 -6.02
C SER A 26 6.58 3.94 -5.08
N TRP A 27 6.33 2.67 -5.38
CA TRP A 27 6.81 1.57 -4.57
C TRP A 27 7.09 0.33 -5.42
N HIS A 28 7.67 -0.69 -4.80
CA HIS A 28 7.98 -1.93 -5.50
C HIS A 28 6.82 -2.91 -5.40
N PRO A 29 6.77 -3.87 -6.34
CA PRO A 29 5.71 -4.88 -6.37
C PRO A 29 5.83 -5.89 -5.23
N GLU A 30 6.85 -5.70 -4.40
CA GLU A 30 7.08 -6.60 -3.26
C GLU A 30 7.15 -5.80 -1.96
N CYS A 31 7.56 -4.54 -2.06
CA CYS A 31 7.67 -3.68 -0.89
C CYS A 31 6.29 -3.27 -0.39
N PHE A 32 5.47 -2.72 -1.29
CA PHE A 32 4.13 -2.28 -0.93
C PHE A 32 3.30 -3.44 -0.42
N ARG A 33 3.30 -3.64 0.90
CA ARG A 33 2.55 -4.72 1.52
C ARG A 33 1.59 -4.17 2.58
N CYS A 34 0.72 -5.04 3.08
CA CYS A 34 -0.25 -4.64 4.10
C CYS A 34 0.46 -4.22 5.38
N ASP A 35 -0.29 -3.61 6.29
CA ASP A 35 0.25 -3.15 7.56
C ASP A 35 -0.18 -4.07 8.70
N LEU A 36 -1.01 -5.04 8.38
CA LEU A 36 -1.50 -5.98 9.38
C LEU A 36 -1.07 -7.41 9.05
N CYS A 37 -1.00 -7.71 7.76
CA CYS A 37 -0.59 -9.03 7.31
C CYS A 37 0.58 -8.95 6.34
N GLN A 38 0.97 -7.72 6.01
CA GLN A 38 2.09 -7.50 5.10
C GLN A 38 1.90 -8.30 3.80
N GLU A 39 0.74 -8.13 3.17
CA GLU A 39 0.44 -8.83 1.93
C GLU A 39 0.61 -7.91 0.73
N VAL A 40 1.38 -8.37 -0.26
CA VAL A 40 1.62 -7.60 -1.47
C VAL A 40 0.34 -6.94 -1.96
N LEU A 41 0.29 -5.62 -1.90
CA LEU A 41 -0.88 -4.87 -2.34
C LEU A 41 -0.63 -4.23 -3.70
N ALA A 42 -0.11 -5.01 -4.63
CA ALA A 42 0.17 -4.52 -5.98
C ALA A 42 -0.93 -4.92 -6.95
N ASP A 43 -1.23 -6.22 -6.99
CA ASP A 43 -2.28 -6.72 -7.88
C ASP A 43 -3.63 -6.77 -7.17
N ILE A 44 -3.61 -7.15 -5.90
CA ILE A 44 -4.84 -7.23 -5.11
C ILE A 44 -5.35 -5.83 -4.75
N GLY A 45 -4.43 -4.88 -4.68
CA GLY A 45 -4.80 -3.51 -4.34
C GLY A 45 -4.72 -3.24 -2.85
N PHE A 46 -4.78 -1.96 -2.49
CA PHE A 46 -4.71 -1.57 -1.08
C PHE A 46 -5.87 -0.66 -0.72
N VAL A 47 -6.01 -0.37 0.57
CA VAL A 47 -7.09 0.48 1.06
C VAL A 47 -6.57 1.46 2.12
N LYS A 48 -6.43 2.72 1.72
CA LYS A 48 -5.95 3.76 2.62
C LYS A 48 -6.83 3.85 3.86
N ASN A 49 -6.25 3.54 5.02
CA ASN A 49 -6.98 3.58 6.28
C ASN A 49 -6.07 4.04 7.41
N ALA A 50 -6.59 4.95 8.24
CA ALA A 50 -5.83 5.47 9.37
C ALA A 50 -4.40 5.80 8.96
N GLY A 51 -4.23 6.26 7.72
CA GLY A 51 -2.91 6.61 7.23
C GLY A 51 -2.00 5.40 7.08
N ARG A 52 -2.60 4.26 6.72
CA ARG A 52 -1.84 3.03 6.55
C ARG A 52 -2.37 2.22 5.36
N HIS A 53 -1.46 1.59 4.64
CA HIS A 53 -1.85 0.78 3.48
C HIS A 53 -2.23 -0.63 3.90
N LEU A 54 -3.52 -0.95 3.81
CA LEU A 54 -4.01 -2.26 4.18
C LEU A 54 -4.65 -2.96 2.98
N CYS A 55 -4.94 -4.25 3.14
CA CYS A 55 -5.55 -5.03 2.07
C CYS A 55 -7.04 -5.24 2.34
N ARG A 56 -7.81 -5.33 1.26
CA ARG A 56 -9.25 -5.53 1.37
C ARG A 56 -9.59 -6.45 2.55
N PRO A 57 -8.94 -7.62 2.58
CA PRO A 57 -9.15 -8.60 3.65
C PRO A 57 -9.10 -7.99 5.04
N CYS A 58 -7.96 -7.40 5.38
CA CYS A 58 -7.78 -6.77 6.67
C CYS A 58 -8.72 -5.58 6.84
N HIS A 59 -8.49 -4.53 6.05
CA HIS A 59 -9.32 -3.34 6.11
C HIS A 59 -10.79 -3.70 6.31
N ASN A 60 -11.18 -4.87 5.82
CA ASN A 60 -12.55 -5.34 5.93
C ASN A 60 -12.81 -5.89 7.34
N ARG A 61 -11.85 -6.65 7.87
CA ARG A 61 -11.99 -7.23 9.20
C ARG A 61 -12.13 -6.14 10.26
N GLU A 62 -11.48 -5.01 10.02
CA GLU A 62 -11.54 -3.89 10.96
C GLU A 62 -12.88 -3.16 10.86
N LYS A 63 -13.10 -2.50 9.73
CA LYS A 63 -14.34 -1.76 9.50
C LYS A 63 -15.55 -2.62 9.84
N ALA A 64 -15.43 -3.93 9.63
CA ALA A 64 -16.51 -4.86 9.93
C ALA A 64 -17.31 -4.39 11.14
N SER A 65 -16.63 -4.22 12.27
CA SER A 65 -17.28 -3.79 13.50
C SER A 65 -17.03 -2.31 13.75
N GLY A 66 -18.06 -1.62 14.23
CA GLY A 66 -17.93 -0.19 14.51
C GLY A 66 -19.15 0.59 14.06
N PRO A 67 -19.07 1.93 14.19
CA PRO A 67 -20.15 2.82 13.80
C PRO A 67 -20.35 2.88 12.29
N SER A 68 -19.55 2.11 11.56
CA SER A 68 -19.63 2.07 10.11
C SER A 68 -21.07 2.10 9.64
N SER A 69 -21.87 1.17 10.16
CA SER A 69 -23.28 1.07 9.79
C SER A 69 -23.44 0.78 8.30
N GLY A 70 -22.62 -0.15 7.81
CA GLY A 70 -22.69 -0.53 6.41
C GLY A 70 -23.10 -1.97 6.20
N GLY A 1 11.85 12.61 -22.55
CA GLY A 1 11.94 11.99 -21.24
C GLY A 1 10.99 12.61 -20.23
N SER A 2 11.29 12.45 -18.95
CA SER A 2 10.46 13.00 -17.89
C SER A 2 11.32 13.64 -16.81
N SER A 3 10.83 14.76 -16.26
CA SER A 3 11.55 15.47 -15.22
C SER A 3 11.08 15.04 -13.83
N GLY A 4 11.68 13.98 -13.31
CA GLY A 4 11.31 13.49 -12.00
C GLY A 4 11.70 12.04 -11.79
N SER A 5 12.32 11.75 -10.65
CA SER A 5 12.77 10.40 -10.33
C SER A 5 11.71 9.66 -9.52
N SER A 6 11.28 8.52 -10.04
CA SER A 6 10.26 7.71 -9.36
C SER A 6 10.89 6.51 -8.65
N GLY A 7 11.24 6.71 -7.38
CA GLY A 7 11.85 5.64 -6.62
C GLY A 7 10.95 5.13 -5.50
N CYS A 8 11.13 3.86 -5.13
CA CYS A 8 10.33 3.26 -4.08
C CYS A 8 10.57 3.95 -2.74
N HIS A 9 9.52 4.07 -1.94
CA HIS A 9 9.61 4.71 -0.64
C HIS A 9 9.92 3.68 0.44
N GLN A 10 9.32 2.51 0.32
CA GLN A 10 9.53 1.43 1.30
C GLN A 10 11.02 1.26 1.60
N CYS A 11 11.77 0.75 0.63
CA CYS A 11 13.20 0.54 0.79
C CYS A 11 13.99 1.78 0.37
N GLY A 12 13.60 2.37 -0.76
CA GLY A 12 14.27 3.55 -1.26
C GLY A 12 14.89 3.33 -2.63
N GLU A 13 15.42 2.13 -2.86
CA GLU A 13 16.04 1.81 -4.13
C GLU A 13 15.15 2.25 -5.30
N PHE A 14 15.79 2.58 -6.43
CA PHE A 14 15.06 3.03 -7.61
C PHE A 14 14.30 1.87 -8.24
N ILE A 15 13.07 2.15 -8.67
CA ILE A 15 12.22 1.13 -9.29
C ILE A 15 12.48 1.06 -10.79
N ILE A 16 12.66 -0.15 -11.30
CA ILE A 16 12.90 -0.36 -12.73
C ILE A 16 11.99 -1.44 -13.29
N GLY A 17 11.12 -1.06 -14.21
CA GLY A 17 10.20 -2.02 -14.82
C GLY A 17 8.77 -1.81 -14.37
N ARG A 18 8.46 -2.25 -13.16
CA ARG A 18 7.11 -2.11 -12.62
C ARG A 18 7.11 -1.17 -11.41
N VAL A 19 6.30 -0.12 -11.49
CA VAL A 19 6.19 0.85 -10.41
C VAL A 19 4.78 0.88 -9.83
N ILE A 20 4.66 0.56 -8.55
CA ILE A 20 3.38 0.55 -7.87
C ILE A 20 3.06 1.91 -7.27
N LYS A 21 2.16 2.64 -7.91
CA LYS A 21 1.77 3.97 -7.43
C LYS A 21 0.74 3.86 -6.31
N ALA A 22 1.12 4.34 -5.12
CA ALA A 22 0.24 4.29 -3.97
C ALA A 22 0.59 5.38 -2.96
N MET A 23 -0.33 5.66 -2.04
CA MET A 23 -0.10 6.68 -1.02
C MET A 23 0.58 7.90 -1.62
N ASN A 24 0.29 8.19 -2.88
CA ASN A 24 0.88 9.33 -3.57
C ASN A 24 2.40 9.18 -3.67
N ASN A 25 2.85 7.97 -4.01
CA ASN A 25 4.27 7.71 -4.14
C ASN A 25 4.51 6.39 -4.87
N SER A 26 5.72 6.22 -5.39
CA SER A 26 6.08 5.00 -6.12
C SER A 26 6.64 3.95 -5.16
N TRP A 27 6.39 2.68 -5.49
CA TRP A 27 6.85 1.58 -4.66
C TRP A 27 7.10 0.33 -5.52
N HIS A 28 7.70 -0.69 -4.91
CA HIS A 28 8.01 -1.93 -5.60
C HIS A 28 6.82 -2.89 -5.53
N PRO A 29 6.76 -3.84 -6.48
CA PRO A 29 5.70 -4.83 -6.53
C PRO A 29 5.78 -5.84 -5.40
N GLU A 30 6.80 -5.70 -4.56
CA GLU A 30 6.99 -6.60 -3.43
C GLU A 30 7.04 -5.82 -2.12
N CYS A 31 7.56 -4.60 -2.18
CA CYS A 31 7.66 -3.74 -1.00
C CYS A 31 6.29 -3.38 -0.45
N PHE A 32 5.50 -2.70 -1.28
CA PHE A 32 4.16 -2.29 -0.88
C PHE A 32 3.37 -3.48 -0.33
N ARG A 33 3.35 -3.60 1.00
CA ARG A 33 2.63 -4.69 1.64
C ARG A 33 1.64 -4.15 2.68
N CYS A 34 0.73 -5.01 3.12
CA CYS A 34 -0.27 -4.62 4.11
C CYS A 34 0.40 -4.17 5.41
N ASP A 35 -0.34 -3.40 6.21
CA ASP A 35 0.17 -2.92 7.48
C ASP A 35 -0.37 -3.73 8.65
N LEU A 36 -0.96 -4.88 8.33
CA LEU A 36 -1.54 -5.75 9.35
C LEU A 36 -1.08 -7.19 9.15
N CYS A 37 -0.95 -7.59 7.89
CA CYS A 37 -0.52 -8.95 7.56
C CYS A 37 0.71 -8.93 6.66
N GLN A 38 1.03 -7.75 6.14
CA GLN A 38 2.19 -7.58 5.27
C GLN A 38 2.00 -8.37 3.98
N GLU A 39 0.90 -8.11 3.28
CA GLU A 39 0.61 -8.79 2.02
C GLU A 39 0.77 -7.85 0.85
N VAL A 40 1.47 -8.31 -0.19
CA VAL A 40 1.69 -7.50 -1.38
C VAL A 40 0.40 -6.86 -1.87
N LEU A 41 0.35 -5.54 -1.82
CA LEU A 41 -0.83 -4.79 -2.25
C LEU A 41 -0.61 -4.16 -3.62
N ALA A 42 0.16 -4.84 -4.47
CA ALA A 42 0.45 -4.34 -5.80
C ALA A 42 -0.71 -4.62 -6.76
N ASP A 43 -1.11 -5.89 -6.83
CA ASP A 43 -2.19 -6.29 -7.71
C ASP A 43 -3.54 -6.16 -7.00
N ILE A 44 -3.66 -6.81 -5.84
CA ILE A 44 -4.89 -6.77 -5.07
C ILE A 44 -5.21 -5.35 -4.62
N GLY A 45 -4.21 -4.48 -4.68
CA GLY A 45 -4.41 -3.09 -4.28
C GLY A 45 -4.45 -2.92 -2.78
N PHE A 46 -4.56 -1.68 -2.34
CA PHE A 46 -4.61 -1.38 -0.90
C PHE A 46 -5.86 -0.59 -0.55
N VAL A 47 -6.11 -0.43 0.74
CA VAL A 47 -7.28 0.31 1.22
C VAL A 47 -6.89 1.30 2.31
N LYS A 48 -6.74 2.57 1.92
CA LYS A 48 -6.38 3.62 2.87
C LYS A 48 -7.17 3.47 4.16
N ASN A 49 -6.48 3.61 5.29
CA ASN A 49 -7.10 3.50 6.60
C ASN A 49 -6.18 4.00 7.70
N ALA A 50 -6.67 4.94 8.50
CA ALA A 50 -5.89 5.50 9.59
C ALA A 50 -4.45 5.80 9.15
N GLY A 51 -4.32 6.32 7.93
CA GLY A 51 -3.01 6.64 7.40
C GLY A 51 -2.15 5.42 7.19
N ARG A 52 -2.79 4.29 6.89
CA ARG A 52 -2.07 3.04 6.65
C ARG A 52 -2.68 2.28 5.48
N HIS A 53 -1.82 1.59 4.72
CA HIS A 53 -2.27 0.82 3.57
C HIS A 53 -2.53 -0.63 3.97
N LEU A 54 -3.80 -1.02 3.96
CA LEU A 54 -4.19 -2.38 4.31
C LEU A 54 -4.78 -3.11 3.11
N CYS A 55 -5.00 -4.41 3.26
CA CYS A 55 -5.56 -5.22 2.19
C CYS A 55 -7.04 -5.50 2.43
N ARG A 56 -7.79 -5.65 1.35
CA ARG A 56 -9.22 -5.92 1.44
C ARG A 56 -9.53 -6.81 2.64
N PRO A 57 -8.83 -7.96 2.71
CA PRO A 57 -9.03 -8.92 3.81
C PRO A 57 -9.02 -8.24 5.18
N CYS A 58 -7.89 -7.62 5.52
CA CYS A 58 -7.76 -6.94 6.80
C CYS A 58 -8.77 -5.80 6.93
N HIS A 59 -8.61 -4.78 6.10
CA HIS A 59 -9.50 -3.62 6.11
C HIS A 59 -10.94 -4.07 6.32
N ASN A 60 -11.35 -5.08 5.56
CA ASN A 60 -12.72 -5.60 5.66
C ASN A 60 -13.00 -6.14 7.06
N ARG A 61 -11.98 -6.75 7.66
CA ARG A 61 -12.13 -7.32 9.00
C ARG A 61 -12.36 -6.22 10.03
N GLU A 62 -11.57 -5.15 9.94
CA GLU A 62 -11.69 -4.03 10.86
C GLU A 62 -12.99 -3.26 10.62
N LYS A 63 -13.12 -2.70 9.41
CA LYS A 63 -14.30 -1.94 9.04
C LYS A 63 -15.58 -2.72 9.37
N ALA A 64 -15.52 -4.04 9.16
CA ALA A 64 -16.67 -4.90 9.43
C ALA A 64 -17.47 -4.39 10.62
N SER A 65 -18.74 -4.08 10.38
CA SER A 65 -19.62 -3.57 11.43
C SER A 65 -19.14 -2.20 11.92
N GLY A 66 -18.73 -1.36 10.98
CA GLY A 66 -18.27 -0.03 11.34
C GLY A 66 -19.36 1.01 11.23
N PRO A 67 -19.07 2.23 11.73
CA PRO A 67 -20.01 3.35 11.70
C PRO A 67 -20.24 3.87 10.28
N SER A 68 -21.05 4.93 10.17
CA SER A 68 -21.35 5.52 8.87
C SER A 68 -20.09 5.67 8.03
N SER A 69 -20.17 5.23 6.78
CA SER A 69 -19.03 5.29 5.87
C SER A 69 -19.50 5.54 4.44
N GLY A 70 -18.54 5.76 3.54
CA GLY A 70 -18.87 6.01 2.15
C GLY A 70 -20.03 5.16 1.67
N GLY A 1 13.95 18.85 -6.42
CA GLY A 1 14.07 18.59 -7.84
C GLY A 1 12.86 17.87 -8.40
N SER A 2 12.66 16.63 -7.98
CA SER A 2 11.55 15.83 -8.45
C SER A 2 11.38 15.96 -9.96
N SER A 3 12.49 15.95 -10.68
CA SER A 3 12.47 16.09 -12.13
C SER A 3 12.33 14.72 -12.79
N GLY A 4 11.11 14.35 -13.12
CA GLY A 4 10.86 13.07 -13.76
C GLY A 4 11.59 11.92 -13.07
N SER A 5 11.32 11.75 -11.78
CA SER A 5 11.96 10.70 -11.00
C SER A 5 10.92 9.79 -10.36
N SER A 6 11.32 8.55 -10.09
CA SER A 6 10.41 7.57 -9.48
C SER A 6 11.20 6.56 -8.66
N GLY A 7 11.07 6.64 -7.34
CA GLY A 7 11.76 5.72 -6.45
C GLY A 7 10.88 5.19 -5.36
N CYS A 8 11.06 3.92 -5.01
CA CYS A 8 10.27 3.28 -3.96
C CYS A 8 10.51 3.97 -2.62
N HIS A 9 9.45 4.08 -1.82
CA HIS A 9 9.54 4.71 -0.51
C HIS A 9 9.87 3.68 0.56
N GLN A 10 9.27 2.49 0.45
CA GLN A 10 9.49 1.42 1.41
C GLN A 10 10.98 1.26 1.70
N CYS A 11 11.71 0.70 0.73
CA CYS A 11 13.15 0.48 0.89
C CYS A 11 13.93 1.73 0.48
N GLY A 12 13.51 2.36 -0.61
CA GLY A 12 14.18 3.57 -1.07
C GLY A 12 14.77 3.38 -2.46
N GLU A 13 15.31 2.20 -2.73
CA GLU A 13 15.90 1.91 -4.02
C GLU A 13 15.02 2.40 -5.17
N PHE A 14 15.63 2.71 -6.30
CA PHE A 14 14.90 3.20 -7.46
C PHE A 14 14.17 2.05 -8.16
N ILE A 15 12.93 2.30 -8.56
CA ILE A 15 12.13 1.29 -9.23
C ILE A 15 12.40 1.29 -10.74
N ILE A 16 12.60 0.10 -11.30
CA ILE A 16 12.86 -0.03 -12.73
C ILE A 16 11.99 -1.12 -13.35
N GLY A 17 11.11 -0.71 -14.25
CA GLY A 17 10.23 -1.66 -14.91
C GLY A 17 8.79 -1.53 -14.45
N ARG A 18 8.52 -1.96 -13.22
CA ARG A 18 7.17 -1.89 -12.67
C ARG A 18 7.13 -0.99 -11.44
N VAL A 19 6.31 0.05 -11.51
CA VAL A 19 6.18 0.99 -10.40
C VAL A 19 4.77 0.97 -9.82
N ILE A 20 4.66 0.61 -8.55
CA ILE A 20 3.37 0.55 -7.88
C ILE A 20 3.01 1.89 -7.25
N LYS A 21 2.10 2.62 -7.88
CA LYS A 21 1.68 3.92 -7.37
C LYS A 21 0.64 3.76 -6.26
N ALA A 22 1.00 4.20 -5.06
CA ALA A 22 0.10 4.11 -3.92
C ALA A 22 0.44 5.15 -2.85
N MET A 23 -0.45 5.34 -1.89
CA MET A 23 -0.24 6.31 -0.82
C MET A 23 0.40 7.58 -1.36
N ASN A 24 0.11 7.90 -2.62
CA ASN A 24 0.65 9.09 -3.26
C ASN A 24 2.17 9.00 -3.38
N ASN A 25 2.65 7.83 -3.81
CA ASN A 25 4.08 7.62 -3.97
C ASN A 25 4.35 6.31 -4.72
N SER A 26 5.57 6.17 -5.24
CA SER A 26 5.95 4.98 -5.99
C SER A 26 6.54 3.93 -5.06
N TRP A 27 6.27 2.66 -5.36
CA TRP A 27 6.76 1.56 -4.56
C TRP A 27 7.02 0.32 -5.42
N HIS A 28 7.63 -0.69 -4.82
CA HIS A 28 7.94 -1.93 -5.54
C HIS A 28 6.77 -2.91 -5.45
N PRO A 29 6.72 -3.85 -6.39
CA PRO A 29 5.66 -4.87 -6.44
C PRO A 29 5.77 -5.88 -5.30
N GLU A 30 6.79 -5.70 -4.46
CA GLU A 30 7.01 -6.60 -3.32
C GLU A 30 7.09 -5.82 -2.03
N CYS A 31 7.49 -4.55 -2.12
CA CYS A 31 7.62 -3.70 -0.95
C CYS A 31 6.24 -3.29 -0.42
N PHE A 32 5.42 -2.72 -1.29
CA PHE A 32 4.08 -2.29 -0.91
C PHE A 32 3.25 -3.46 -0.40
N ARG A 33 3.29 -3.67 0.92
CA ARG A 33 2.54 -4.77 1.53
C ARG A 33 1.62 -4.24 2.62
N CYS A 34 0.68 -5.08 3.05
CA CYS A 34 -0.27 -4.70 4.08
C CYS A 34 0.46 -4.26 5.35
N ASP A 35 -0.29 -3.65 6.27
CA ASP A 35 0.29 -3.18 7.52
C ASP A 35 -0.13 -4.08 8.68
N LEU A 36 -0.95 -5.08 8.38
CA LEU A 36 -1.42 -6.01 9.40
C LEU A 36 -0.97 -7.44 9.10
N CYS A 37 -0.88 -7.76 7.82
CA CYS A 37 -0.46 -9.10 7.39
C CYS A 37 0.72 -9.00 6.42
N GLN A 38 1.06 -7.77 6.03
CA GLN A 38 2.17 -7.55 5.11
C GLN A 38 1.99 -8.35 3.83
N GLU A 39 0.83 -8.17 3.18
CA GLU A 39 0.54 -8.88 1.94
C GLU A 39 0.67 -7.96 0.73
N VAL A 40 1.39 -8.42 -0.28
CA VAL A 40 1.58 -7.64 -1.50
C VAL A 40 0.29 -6.97 -1.94
N LEU A 41 0.26 -5.65 -1.90
CA LEU A 41 -0.91 -4.89 -2.29
C LEU A 41 -0.73 -4.29 -3.68
N ALA A 42 -0.03 -5.00 -4.55
CA ALA A 42 0.22 -4.54 -5.91
C ALA A 42 -0.91 -4.96 -6.84
N ASP A 43 -1.13 -6.27 -6.96
CA ASP A 43 -2.18 -6.79 -7.81
C ASP A 43 -3.54 -6.72 -7.13
N ILE A 44 -3.59 -7.16 -5.88
CA ILE A 44 -4.84 -7.15 -5.11
C ILE A 44 -5.22 -5.72 -4.72
N GLY A 45 -4.22 -4.85 -4.65
CA GLY A 45 -4.48 -3.47 -4.29
C GLY A 45 -4.49 -3.25 -2.79
N PHE A 46 -4.54 -1.98 -2.38
CA PHE A 46 -4.56 -1.64 -0.96
C PHE A 46 -5.74 -0.75 -0.63
N VAL A 47 -5.97 -0.51 0.65
CA VAL A 47 -7.08 0.32 1.10
C VAL A 47 -6.60 1.35 2.13
N LYS A 48 -6.63 2.62 1.75
CA LYS A 48 -6.21 3.70 2.64
C LYS A 48 -7.04 3.69 3.93
N ASN A 49 -6.35 3.63 5.06
CA ASN A 49 -7.02 3.61 6.36
C ASN A 49 -6.07 4.07 7.46
N ALA A 50 -6.54 4.99 8.30
CA ALA A 50 -5.75 5.51 9.40
C ALA A 50 -4.33 5.83 8.94
N GLY A 51 -4.20 6.27 7.69
CA GLY A 51 -2.89 6.59 7.15
C GLY A 51 -2.00 5.38 7.02
N ARG A 52 -2.59 4.23 6.69
CA ARG A 52 -1.85 3.00 6.54
C ARG A 52 -2.40 2.17 5.36
N HIS A 53 -1.49 1.55 4.61
CA HIS A 53 -1.88 0.73 3.47
C HIS A 53 -2.23 -0.68 3.91
N LEU A 54 -3.52 -1.03 3.83
CA LEU A 54 -3.98 -2.35 4.22
C LEU A 54 -4.58 -3.09 3.03
N CYS A 55 -4.89 -4.37 3.22
CA CYS A 55 -5.48 -5.19 2.17
C CYS A 55 -6.97 -5.40 2.41
N ARG A 56 -7.73 -5.52 1.33
CA ARG A 56 -9.17 -5.73 1.42
C ARG A 56 -9.51 -6.61 2.62
N PRO A 57 -8.86 -7.78 2.69
CA PRO A 57 -9.08 -8.75 3.78
C PRO A 57 -9.04 -8.09 5.16
N CYS A 58 -7.87 -7.58 5.53
CA CYS A 58 -7.70 -6.92 6.82
C CYS A 58 -8.68 -5.75 6.96
N HIS A 59 -8.48 -4.71 6.16
CA HIS A 59 -9.34 -3.54 6.20
C HIS A 59 -10.79 -3.94 6.43
N ASN A 60 -11.26 -4.92 5.66
CA ASN A 60 -12.63 -5.40 5.78
C ASN A 60 -12.96 -5.79 7.22
N ARG A 61 -12.00 -6.46 7.86
CA ARG A 61 -12.18 -6.90 9.25
C ARG A 61 -12.35 -5.71 10.18
N GLU A 62 -11.54 -4.67 9.97
CA GLU A 62 -11.60 -3.47 10.79
C GLU A 62 -12.87 -2.66 10.48
N LYS A 63 -12.99 -2.23 9.23
CA LYS A 63 -14.16 -1.44 8.82
C LYS A 63 -15.44 -2.14 9.21
N ALA A 64 -15.43 -3.48 9.18
CA ALA A 64 -16.60 -4.26 9.53
C ALA A 64 -17.34 -3.66 10.72
N SER A 65 -16.63 -3.51 11.83
CA SER A 65 -17.22 -2.94 13.04
C SER A 65 -17.44 -1.44 12.89
N GLY A 66 -18.48 -0.93 13.55
CA GLY A 66 -18.78 0.48 13.46
C GLY A 66 -20.07 0.85 14.18
N PRO A 67 -20.46 2.12 14.11
CA PRO A 67 -21.68 2.62 14.75
C PRO A 67 -22.94 2.10 14.08
N SER A 68 -23.84 1.53 14.87
CA SER A 68 -25.09 0.98 14.35
C SER A 68 -25.77 2.00 13.44
N SER A 69 -26.08 1.57 12.22
CA SER A 69 -26.74 2.43 11.25
C SER A 69 -28.26 2.28 11.32
N GLY A 70 -28.97 3.39 11.31
CA GLY A 70 -30.42 3.36 11.38
C GLY A 70 -31.06 3.95 10.13
N GLY A 1 14.73 11.04 0.16
CA GLY A 1 15.51 10.63 -1.00
C GLY A 1 14.75 10.80 -2.30
N SER A 2 14.38 12.04 -2.61
CA SER A 2 13.64 12.34 -3.83
C SER A 2 14.59 12.53 -5.00
N SER A 3 15.56 13.43 -4.82
CA SER A 3 16.53 13.71 -5.88
C SER A 3 15.86 13.82 -7.24
N GLY A 4 14.71 14.50 -7.27
CA GLY A 4 13.97 14.67 -8.50
C GLY A 4 13.88 13.38 -9.30
N SER A 5 13.12 12.42 -8.78
CA SER A 5 12.95 11.13 -9.44
C SER A 5 11.90 10.28 -8.73
N SER A 6 11.50 9.19 -9.37
CA SER A 6 10.51 8.30 -8.79
C SER A 6 11.18 7.06 -8.18
N GLY A 7 11.16 7.00 -6.84
CA GLY A 7 11.77 5.87 -6.15
C GLY A 7 10.86 5.29 -5.08
N CYS A 8 11.04 4.01 -4.81
CA CYS A 8 10.23 3.33 -3.81
C CYS A 8 10.41 3.97 -2.43
N HIS A 9 9.32 4.04 -1.67
CA HIS A 9 9.36 4.63 -0.33
C HIS A 9 9.63 3.56 0.73
N GLN A 10 9.09 2.37 0.52
CA GLN A 10 9.27 1.27 1.45
C GLN A 10 10.75 1.09 1.79
N CYS A 11 11.52 0.63 0.80
CA CYS A 11 12.95 0.41 0.99
C CYS A 11 13.74 1.66 0.62
N GLY A 12 13.43 2.25 -0.52
CA GLY A 12 14.11 3.44 -0.98
C GLY A 12 14.74 3.27 -2.35
N GLU A 13 15.22 2.06 -2.63
CA GLU A 13 15.84 1.78 -3.92
C GLU A 13 14.97 2.27 -5.06
N PHE A 14 15.60 2.61 -6.19
CA PHE A 14 14.89 3.09 -7.35
C PHE A 14 14.14 1.97 -8.05
N ILE A 15 12.93 2.26 -8.50
CA ILE A 15 12.10 1.26 -9.18
C ILE A 15 12.39 1.25 -10.68
N ILE A 16 12.62 0.06 -11.22
CA ILE A 16 12.90 -0.09 -12.64
C ILE A 16 12.03 -1.18 -13.26
N GLY A 17 11.17 -0.79 -14.19
CA GLY A 17 10.28 -1.73 -14.84
C GLY A 17 8.83 -1.56 -14.44
N ARG A 18 8.51 -1.99 -13.23
CA ARG A 18 7.15 -1.89 -12.72
C ARG A 18 7.09 -0.98 -11.50
N VAL A 19 6.31 0.09 -11.59
CA VAL A 19 6.17 1.04 -10.49
C VAL A 19 4.75 1.01 -9.92
N ILE A 20 4.65 0.66 -8.64
CA ILE A 20 3.36 0.60 -7.97
C ILE A 20 3.00 1.93 -7.32
N LYS A 21 2.13 2.70 -7.97
CA LYS A 21 1.71 3.99 -7.45
C LYS A 21 0.67 3.82 -6.35
N ALA A 22 1.02 4.25 -5.14
CA ALA A 22 0.12 4.15 -4.00
C ALA A 22 0.45 5.20 -2.94
N MET A 23 -0.45 5.37 -1.98
CA MET A 23 -0.26 6.35 -0.92
C MET A 23 0.39 7.62 -1.45
N ASN A 24 0.10 7.96 -2.70
CA ASN A 24 0.66 9.15 -3.33
C ASN A 24 2.18 9.05 -3.43
N ASN A 25 2.66 7.88 -3.86
CA ASN A 25 4.09 7.65 -4.00
C ASN A 25 4.36 6.36 -4.77
N SER A 26 5.59 6.22 -5.26
CA SER A 26 5.98 5.03 -6.02
C SER A 26 6.53 3.95 -5.08
N TRP A 27 6.27 2.70 -5.43
CA TRP A 27 6.74 1.58 -4.63
C TRP A 27 7.02 0.35 -5.51
N HIS A 28 7.60 -0.68 -4.90
CA HIS A 28 7.92 -1.90 -5.64
C HIS A 28 6.74 -2.88 -5.58
N PRO A 29 6.72 -3.81 -6.56
CA PRO A 29 5.65 -4.82 -6.65
C PRO A 29 5.74 -5.86 -5.53
N GLU A 30 6.74 -5.70 -4.67
CA GLU A 30 6.94 -6.63 -3.55
C GLU A 30 6.97 -5.88 -2.23
N CYS A 31 7.42 -4.62 -2.27
CA CYS A 31 7.50 -3.80 -1.08
C CYS A 31 6.11 -3.44 -0.56
N PHE A 32 5.34 -2.72 -1.39
CA PHE A 32 4.00 -2.32 -1.02
C PHE A 32 3.21 -3.50 -0.46
N ARG A 33 3.28 -3.68 0.86
CA ARG A 33 2.58 -4.77 1.53
C ARG A 33 1.61 -4.23 2.58
N CYS A 34 0.72 -5.08 3.05
CA CYS A 34 -0.26 -4.69 4.06
C CYS A 34 0.44 -4.25 5.35
N ASP A 35 -0.26 -3.45 6.15
CA ASP A 35 0.29 -2.97 7.40
C ASP A 35 -0.25 -3.77 8.58
N LEU A 36 -0.88 -4.90 8.28
CA LEU A 36 -1.43 -5.77 9.30
C LEU A 36 -1.04 -7.23 9.06
N CYS A 37 -0.95 -7.61 7.79
CA CYS A 37 -0.59 -8.97 7.43
C CYS A 37 0.63 -8.98 6.50
N GLN A 38 1.02 -7.79 6.05
CA GLN A 38 2.17 -7.66 5.15
C GLN A 38 1.95 -8.46 3.87
N GLU A 39 0.85 -8.20 3.19
CA GLU A 39 0.53 -8.90 1.95
C GLU A 39 0.68 -7.98 0.75
N VAL A 40 1.42 -8.44 -0.26
CA VAL A 40 1.65 -7.66 -1.46
C VAL A 40 0.35 -7.04 -1.97
N LEU A 41 0.27 -5.72 -1.87
CA LEU A 41 -0.91 -4.99 -2.32
C LEU A 41 -0.69 -4.39 -3.70
N ALA A 42 0.00 -5.13 -4.57
CA ALA A 42 0.26 -4.67 -5.92
C ALA A 42 -0.88 -5.03 -6.86
N ASP A 43 -1.21 -6.32 -6.92
CA ASP A 43 -2.28 -6.79 -7.78
C ASP A 43 -3.61 -6.78 -7.04
N ILE A 44 -3.65 -7.41 -5.88
CA ILE A 44 -4.86 -7.47 -5.07
C ILE A 44 -5.35 -6.09 -4.70
N GLY A 45 -4.42 -5.12 -4.66
CA GLY A 45 -4.78 -3.76 -4.33
C GLY A 45 -4.80 -3.52 -2.84
N PHE A 46 -4.65 -2.26 -2.44
CA PHE A 46 -4.64 -1.89 -1.04
C PHE A 46 -5.79 -0.95 -0.71
N VAL A 47 -5.94 -0.62 0.57
CA VAL A 47 -7.00 0.29 1.02
C VAL A 47 -6.47 1.31 2.00
N LYS A 48 -6.60 2.59 1.65
CA LYS A 48 -6.14 3.68 2.50
C LYS A 48 -6.97 3.76 3.78
N ASN A 49 -6.34 3.46 4.90
CA ASN A 49 -7.02 3.50 6.20
C ASN A 49 -6.08 3.98 7.29
N ALA A 50 -6.57 4.88 8.14
CA ALA A 50 -5.77 5.42 9.24
C ALA A 50 -4.36 5.74 8.77
N GLY A 51 -4.24 6.21 7.54
CA GLY A 51 -2.93 6.55 7.00
C GLY A 51 -2.02 5.34 6.88
N ARG A 52 -2.60 4.20 6.53
CA ARG A 52 -1.83 2.97 6.38
C ARG A 52 -2.36 2.13 5.22
N HIS A 53 -1.44 1.53 4.47
CA HIS A 53 -1.80 0.70 3.33
C HIS A 53 -2.14 -0.73 3.76
N LEU A 54 -3.42 -1.08 3.68
CA LEU A 54 -3.86 -2.42 4.07
C LEU A 54 -4.51 -3.13 2.89
N CYS A 55 -4.89 -4.39 3.11
CA CYS A 55 -5.53 -5.19 2.06
C CYS A 55 -7.01 -5.39 2.37
N ARG A 56 -7.81 -5.47 1.32
CA ARG A 56 -9.25 -5.66 1.46
C ARG A 56 -9.56 -6.57 2.66
N PRO A 57 -8.92 -7.74 2.68
CA PRO A 57 -9.11 -8.73 3.75
C PRO A 57 -9.01 -8.08 5.14
N CYS A 58 -7.86 -7.49 5.43
CA CYS A 58 -7.65 -6.85 6.73
C CYS A 58 -8.55 -5.62 6.88
N HIS A 59 -8.28 -4.59 6.09
CA HIS A 59 -9.06 -3.36 6.15
C HIS A 59 -10.54 -3.67 6.41
N ASN A 60 -11.00 -4.79 5.87
CA ASN A 60 -12.39 -5.20 6.05
C ASN A 60 -12.66 -5.61 7.48
N ARG A 61 -11.75 -6.40 8.06
CA ARG A 61 -11.89 -6.86 9.43
C ARG A 61 -12.00 -5.68 10.39
N GLU A 62 -11.30 -4.60 10.07
CA GLU A 62 -11.31 -3.40 10.90
C GLU A 62 -12.62 -2.63 10.73
N LYS A 63 -12.80 -2.04 9.56
CA LYS A 63 -14.01 -1.27 9.26
C LYS A 63 -15.26 -2.07 9.64
N ALA A 64 -15.16 -3.39 9.57
CA ALA A 64 -16.28 -4.25 9.91
C ALA A 64 -17.12 -3.66 11.03
N SER A 65 -18.42 -3.55 10.79
CA SER A 65 -19.34 -2.98 11.79
C SER A 65 -18.85 -1.61 12.25
N GLY A 66 -18.39 -0.80 11.30
CA GLY A 66 -17.92 0.53 11.62
C GLY A 66 -16.54 0.51 12.26
N PRO A 67 -15.73 1.54 11.96
CA PRO A 67 -14.37 1.66 12.51
C PRO A 67 -14.37 1.96 14.00
N SER A 68 -15.51 2.41 14.52
CA SER A 68 -15.63 2.73 15.94
C SER A 68 -17.09 2.66 16.38
N SER A 69 -17.33 1.95 17.48
CA SER A 69 -18.67 1.79 18.01
C SER A 69 -19.39 3.14 18.09
N GLY A 70 -18.82 4.06 18.86
CA GLY A 70 -19.41 5.37 19.01
C GLY A 70 -20.71 5.34 19.80
N GLY A 1 23.30 13.50 -11.22
CA GLY A 1 23.83 12.15 -11.13
C GLY A 1 23.02 11.26 -10.22
N SER A 2 22.87 11.67 -8.96
CA SER A 2 22.12 10.90 -7.99
C SER A 2 20.66 11.38 -7.93
N SER A 3 20.09 11.63 -9.10
CA SER A 3 18.70 12.09 -9.17
C SER A 3 17.93 11.33 -10.25
N GLY A 4 16.84 10.68 -9.83
CA GLY A 4 16.04 9.92 -10.77
C GLY A 4 14.70 10.56 -11.04
N SER A 5 13.70 9.75 -11.38
CA SER A 5 12.37 10.24 -11.66
C SER A 5 11.35 9.69 -10.67
N SER A 6 11.48 8.40 -10.36
CA SER A 6 10.57 7.75 -9.42
C SER A 6 11.30 6.67 -8.62
N GLY A 7 11.19 6.73 -7.30
CA GLY A 7 11.84 5.76 -6.46
C GLY A 7 10.92 5.22 -5.37
N CYS A 8 11.13 3.98 -4.96
CA CYS A 8 10.31 3.36 -3.93
C CYS A 8 10.54 4.03 -2.58
N HIS A 9 9.47 4.15 -1.80
CA HIS A 9 9.55 4.77 -0.48
C HIS A 9 9.83 3.74 0.60
N GLN A 10 9.23 2.56 0.45
CA GLN A 10 9.42 1.48 1.42
C GLN A 10 10.89 1.28 1.73
N CYS A 11 11.62 0.73 0.77
CA CYS A 11 13.06 0.49 0.95
C CYS A 11 13.88 1.71 0.54
N GLY A 12 13.51 2.30 -0.59
CA GLY A 12 14.21 3.48 -1.07
C GLY A 12 14.82 3.26 -2.44
N GLU A 13 15.27 2.04 -2.71
CA GLU A 13 15.88 1.70 -3.99
C GLU A 13 15.01 2.19 -5.15
N PHE A 14 15.64 2.48 -6.28
CA PHE A 14 14.93 2.95 -7.46
C PHE A 14 14.14 1.82 -8.12
N ILE A 15 12.94 2.13 -8.59
CA ILE A 15 12.10 1.15 -9.24
C ILE A 15 12.37 1.08 -10.74
N ILE A 16 12.61 -0.12 -11.24
CA ILE A 16 12.88 -0.32 -12.66
C ILE A 16 11.97 -1.38 -13.25
N GLY A 17 11.08 -0.97 -14.15
CA GLY A 17 10.17 -1.90 -14.78
C GLY A 17 8.73 -1.66 -14.36
N ARG A 18 8.40 -2.07 -13.14
CA ARG A 18 7.04 -1.90 -12.62
C ARG A 18 7.03 -0.96 -11.43
N VAL A 19 6.25 0.12 -11.53
CA VAL A 19 6.15 1.10 -10.46
C VAL A 19 4.75 1.11 -9.87
N ILE A 20 4.64 0.75 -8.59
CA ILE A 20 3.36 0.73 -7.91
C ILE A 20 3.05 2.08 -7.28
N LYS A 21 2.08 2.78 -7.84
CA LYS A 21 1.68 4.09 -7.34
C LYS A 21 0.66 3.95 -6.21
N ALA A 22 1.02 4.43 -5.03
CA ALA A 22 0.14 4.36 -3.87
C ALA A 22 0.49 5.44 -2.85
N MET A 23 -0.45 5.72 -1.94
CA MET A 23 -0.23 6.72 -0.91
C MET A 23 0.43 7.97 -1.49
N ASN A 24 0.21 8.20 -2.78
CA ASN A 24 0.78 9.36 -3.46
C ASN A 24 2.29 9.23 -3.57
N ASN A 25 2.76 8.02 -3.88
CA ASN A 25 4.18 7.76 -4.02
C ASN A 25 4.43 6.45 -4.77
N SER A 26 5.64 6.30 -5.29
CA SER A 26 6.01 5.09 -6.04
C SER A 26 6.59 4.03 -5.11
N TRP A 27 6.30 2.78 -5.41
CA TRP A 27 6.78 1.66 -4.60
C TRP A 27 7.04 0.43 -5.46
N HIS A 28 7.64 -0.60 -4.86
CA HIS A 28 7.92 -1.83 -5.57
C HIS A 28 6.74 -2.79 -5.51
N PRO A 29 6.67 -3.72 -6.47
CA PRO A 29 5.59 -4.71 -6.53
C PRO A 29 5.68 -5.74 -5.41
N GLU A 30 6.70 -5.61 -4.57
CA GLU A 30 6.90 -6.53 -3.46
C GLU A 30 6.96 -5.77 -2.14
N CYS A 31 7.43 -4.52 -2.19
CA CYS A 31 7.55 -3.69 -1.00
C CYS A 31 6.16 -3.34 -0.45
N PHE A 32 5.38 -2.62 -1.26
CA PHE A 32 4.04 -2.22 -0.85
C PHE A 32 3.26 -3.40 -0.31
N ARG A 33 3.33 -3.60 1.01
CA ARG A 33 2.62 -4.70 1.65
C ARG A 33 1.64 -4.18 2.69
N CYS A 34 0.77 -5.06 3.17
CA CYS A 34 -0.23 -4.68 4.16
C CYS A 34 0.44 -4.27 5.48
N ASP A 35 -0.28 -3.51 6.29
CA ASP A 35 0.25 -3.05 7.57
C ASP A 35 -0.30 -3.89 8.72
N LEU A 36 -0.94 -5.00 8.37
CA LEU A 36 -1.51 -5.89 9.38
C LEU A 36 -1.11 -7.34 9.12
N CYS A 37 -0.98 -7.69 7.84
CA CYS A 37 -0.61 -9.04 7.45
C CYS A 37 0.62 -9.03 6.55
N GLN A 38 1.02 -7.83 6.12
CA GLN A 38 2.18 -7.67 5.25
C GLN A 38 1.99 -8.46 3.95
N GLU A 39 0.90 -8.19 3.25
CA GLU A 39 0.61 -8.87 1.99
C GLU A 39 0.77 -7.92 0.81
N VAL A 40 1.52 -8.37 -0.19
CA VAL A 40 1.76 -7.57 -1.38
C VAL A 40 0.46 -6.96 -1.90
N LEU A 41 0.37 -5.64 -1.83
CA LEU A 41 -0.82 -4.93 -2.30
C LEU A 41 -0.57 -4.27 -3.66
N ALA A 42 0.05 -5.01 -4.57
CA ALA A 42 0.35 -4.50 -5.90
C ALA A 42 -0.76 -4.85 -6.88
N ASP A 43 -1.15 -6.12 -6.90
CA ASP A 43 -2.20 -6.59 -7.80
C ASP A 43 -3.55 -6.65 -7.07
N ILE A 44 -3.55 -7.29 -5.91
CA ILE A 44 -4.76 -7.43 -5.11
C ILE A 44 -5.34 -6.07 -4.76
N GLY A 45 -4.47 -5.07 -4.65
CA GLY A 45 -4.91 -3.73 -4.32
C GLY A 45 -4.71 -3.40 -2.85
N PHE A 46 -4.93 -2.14 -2.50
CA PHE A 46 -4.77 -1.70 -1.11
C PHE A 46 -5.92 -0.79 -0.69
N VAL A 47 -6.02 -0.54 0.60
CA VAL A 47 -7.08 0.31 1.14
C VAL A 47 -6.53 1.31 2.15
N LYS A 48 -6.47 2.57 1.74
CA LYS A 48 -5.96 3.63 2.60
C LYS A 48 -6.82 3.77 3.86
N ASN A 49 -6.20 3.55 5.02
CA ASN A 49 -6.90 3.64 6.29
C ASN A 49 -5.97 4.13 7.39
N ALA A 50 -6.42 5.11 8.16
CA ALA A 50 -5.64 5.66 9.26
C ALA A 50 -4.21 5.97 8.80
N GLY A 51 -4.07 6.35 7.53
CA GLY A 51 -2.75 6.66 6.99
C GLY A 51 -1.88 5.43 6.86
N ARG A 52 -2.50 4.28 6.63
CA ARG A 52 -1.77 3.03 6.48
C ARG A 52 -2.30 2.22 5.31
N HIS A 53 -1.42 1.46 4.66
CA HIS A 53 -1.80 0.64 3.53
C HIS A 53 -2.21 -0.77 3.98
N LEU A 54 -3.49 -1.09 3.82
CA LEU A 54 -4.01 -2.39 4.22
C LEU A 54 -4.64 -3.10 3.03
N CYS A 55 -4.90 -4.39 3.19
CA CYS A 55 -5.50 -5.19 2.13
C CYS A 55 -7.00 -5.39 2.40
N ARG A 56 -7.77 -5.51 1.32
CA ARG A 56 -9.21 -5.71 1.43
C ARG A 56 -9.55 -6.62 2.61
N PRO A 57 -8.89 -7.79 2.66
CA PRO A 57 -9.10 -8.77 3.73
C PRO A 57 -9.07 -8.13 5.12
N CYS A 58 -7.91 -7.57 5.48
CA CYS A 58 -7.74 -6.93 6.77
C CYS A 58 -8.72 -5.77 6.94
N HIS A 59 -8.55 -4.75 6.10
CA HIS A 59 -9.42 -3.58 6.15
C HIS A 59 -10.88 -3.98 6.37
N ASN A 60 -11.30 -5.03 5.68
CA ASN A 60 -12.67 -5.53 5.80
C ASN A 60 -12.95 -6.01 7.22
N ARG A 61 -11.97 -6.69 7.81
CA ARG A 61 -12.11 -7.21 9.17
C ARG A 61 -12.27 -6.06 10.17
N GLU A 62 -11.54 -4.98 9.96
CA GLU A 62 -11.60 -3.83 10.84
C GLU A 62 -12.94 -3.09 10.69
N LYS A 63 -13.15 -2.51 9.51
CA LYS A 63 -14.38 -1.78 9.24
C LYS A 63 -15.61 -2.62 9.61
N ALA A 64 -15.49 -3.93 9.45
CA ALA A 64 -16.58 -4.84 9.76
C ALA A 64 -17.31 -4.40 11.02
N SER A 65 -18.61 -4.11 10.88
CA SER A 65 -19.43 -3.67 12.00
C SER A 65 -19.00 -2.28 12.47
N GLY A 66 -18.69 -1.41 11.51
CA GLY A 66 -18.28 -0.06 11.85
C GLY A 66 -19.32 0.98 11.47
N PRO A 67 -18.95 2.26 11.59
CA PRO A 67 -19.85 3.37 11.27
C PRO A 67 -20.11 3.49 9.78
N SER A 68 -20.86 4.52 9.39
CA SER A 68 -21.19 4.74 7.99
C SER A 68 -20.54 6.02 7.47
N SER A 69 -19.40 5.87 6.82
CA SER A 69 -18.67 7.03 6.28
C SER A 69 -18.82 7.10 4.76
N GLY A 70 -18.41 6.03 4.08
CA GLY A 70 -18.50 5.98 2.64
C GLY A 70 -17.43 5.11 2.01
N GLY A 1 13.84 23.97 -12.22
CA GLY A 1 14.51 22.75 -11.78
C GLY A 1 13.64 21.89 -10.91
N SER A 2 13.10 20.82 -11.49
CA SER A 2 12.23 19.90 -10.75
C SER A 2 12.69 18.46 -10.92
N SER A 3 13.63 18.03 -10.10
CA SER A 3 14.15 16.68 -10.16
C SER A 3 13.03 15.66 -10.05
N GLY A 4 12.78 14.95 -11.15
CA GLY A 4 11.72 13.95 -11.16
C GLY A 4 12.27 12.53 -11.09
N SER A 5 12.69 12.12 -9.90
CA SER A 5 13.23 10.78 -9.71
C SER A 5 12.20 9.86 -9.06
N SER A 6 11.79 8.83 -9.79
CA SER A 6 10.81 7.88 -9.29
C SER A 6 11.49 6.73 -8.55
N GLY A 7 11.40 6.75 -7.23
CA GLY A 7 12.01 5.70 -6.43
C GLY A 7 11.08 5.17 -5.36
N CYS A 8 11.22 3.89 -5.03
CA CYS A 8 10.39 3.26 -4.02
C CYS A 8 10.52 3.98 -2.68
N HIS A 9 9.41 4.06 -1.95
CA HIS A 9 9.40 4.72 -0.64
C HIS A 9 9.70 3.72 0.47
N GLN A 10 9.20 2.50 0.31
CA GLN A 10 9.41 1.45 1.30
C GLN A 10 10.89 1.30 1.64
N CYS A 11 11.65 0.76 0.70
CA CYS A 11 13.08 0.56 0.89
C CYS A 11 13.86 1.80 0.48
N GLY A 12 13.54 2.33 -0.70
CA GLY A 12 14.23 3.51 -1.19
C GLY A 12 14.85 3.30 -2.55
N GLU A 13 15.37 2.09 -2.78
CA GLU A 13 16.00 1.76 -4.05
C GLU A 13 15.17 2.27 -5.22
N PHE A 14 15.81 2.42 -6.38
CA PHE A 14 15.13 2.90 -7.57
C PHE A 14 14.37 1.77 -8.26
N ILE A 15 13.12 2.03 -8.61
CA ILE A 15 12.29 1.03 -9.28
C ILE A 15 12.53 1.02 -10.78
N ILE A 16 12.76 -0.17 -11.33
CA ILE A 16 13.01 -0.32 -12.75
C ILE A 16 12.13 -1.40 -13.36
N GLY A 17 11.25 -1.01 -14.27
CA GLY A 17 10.36 -1.96 -14.90
C GLY A 17 8.92 -1.80 -14.46
N ARG A 18 8.64 -2.18 -13.22
CA ARG A 18 7.29 -2.07 -12.68
C ARG A 18 7.26 -1.12 -11.48
N VAL A 19 6.47 -0.06 -11.59
CA VAL A 19 6.34 0.91 -10.51
C VAL A 19 4.93 0.93 -9.95
N ILE A 20 4.80 0.59 -8.67
CA ILE A 20 3.49 0.57 -8.01
C ILE A 20 3.17 1.93 -7.41
N LYS A 21 2.29 2.68 -8.09
CA LYS A 21 1.90 3.99 -7.63
C LYS A 21 0.84 3.89 -6.54
N ALA A 22 1.17 4.36 -5.34
CA ALA A 22 0.24 4.32 -4.21
C ALA A 22 0.58 5.42 -3.19
N MET A 23 -0.39 5.71 -2.33
CA MET A 23 -0.20 6.73 -1.31
C MET A 23 0.50 7.96 -1.88
N ASN A 24 0.29 8.19 -3.17
CA ASN A 24 0.90 9.34 -3.85
C ASN A 24 2.41 9.20 -3.90
N ASN A 25 2.88 7.98 -4.17
CA ASN A 25 4.31 7.70 -4.25
C ASN A 25 4.58 6.39 -4.98
N SER A 26 5.81 6.22 -5.46
CA SER A 26 6.19 5.01 -6.17
C SER A 26 6.71 3.95 -5.21
N TRP A 27 6.45 2.69 -5.53
CA TRP A 27 6.89 1.58 -4.70
C TRP A 27 7.16 0.34 -5.54
N HIS A 28 7.74 -0.68 -4.92
CA HIS A 28 8.04 -1.93 -5.61
C HIS A 28 6.86 -2.89 -5.56
N PRO A 29 6.82 -3.84 -6.51
CA PRO A 29 5.75 -4.83 -6.59
C PRO A 29 5.80 -5.83 -5.45
N GLU A 30 6.78 -5.70 -4.58
CA GLU A 30 6.94 -6.59 -3.44
C GLU A 30 6.97 -5.80 -2.12
N CYS A 31 7.52 -4.60 -2.18
CA CYS A 31 7.61 -3.75 -1.00
C CYS A 31 6.22 -3.39 -0.49
N PHE A 32 5.45 -2.69 -1.32
CA PHE A 32 4.10 -2.28 -0.96
C PHE A 32 3.30 -3.45 -0.40
N ARG A 33 3.34 -3.61 0.92
CA ARG A 33 2.63 -4.69 1.58
C ARG A 33 1.65 -4.14 2.63
N CYS A 34 0.73 -4.99 3.06
CA CYS A 34 -0.26 -4.60 4.06
C CYS A 34 0.40 -4.11 5.34
N ASP A 35 -0.36 -3.42 6.17
CA ASP A 35 0.16 -2.90 7.43
C ASP A 35 -0.34 -3.72 8.61
N LEU A 36 -0.97 -4.85 8.32
CA LEU A 36 -1.51 -5.73 9.35
C LEU A 36 -1.06 -7.17 9.12
N CYS A 37 -0.96 -7.56 7.86
CA CYS A 37 -0.55 -8.91 7.50
C CYS A 37 0.66 -8.88 6.57
N GLN A 38 1.02 -7.68 6.12
CA GLN A 38 2.16 -7.52 5.22
C GLN A 38 1.97 -8.32 3.94
N GLU A 39 0.84 -8.08 3.26
CA GLU A 39 0.53 -8.78 2.02
C GLU A 39 0.66 -7.85 0.82
N VAL A 40 1.42 -8.28 -0.18
CA VAL A 40 1.62 -7.48 -1.38
C VAL A 40 0.32 -6.84 -1.84
N LEU A 41 0.29 -5.51 -1.81
CA LEU A 41 -0.90 -4.77 -2.22
C LEU A 41 -0.70 -4.15 -3.61
N ALA A 42 0.02 -4.85 -4.47
CA ALA A 42 0.28 -4.37 -5.82
C ALA A 42 -0.91 -4.63 -6.74
N ASP A 43 -1.33 -5.89 -6.80
CA ASP A 43 -2.45 -6.29 -7.64
C ASP A 43 -3.77 -6.23 -6.85
N ILE A 44 -3.78 -6.89 -5.69
CA ILE A 44 -4.97 -6.91 -4.85
C ILE A 44 -5.38 -5.50 -4.45
N GLY A 45 -4.45 -4.57 -4.53
CA GLY A 45 -4.73 -3.19 -4.18
C GLY A 45 -4.76 -2.98 -2.68
N PHE A 46 -4.63 -1.72 -2.26
CA PHE A 46 -4.64 -1.39 -0.83
C PHE A 46 -5.89 -0.59 -0.47
N VAL A 47 -6.13 -0.45 0.82
CA VAL A 47 -7.30 0.29 1.31
C VAL A 47 -6.91 1.27 2.41
N LYS A 48 -6.90 2.55 2.06
CA LYS A 48 -6.55 3.60 3.02
C LYS A 48 -7.31 3.42 4.33
N ASN A 49 -6.61 3.56 5.45
CA ASN A 49 -7.23 3.41 6.76
C ASN A 49 -6.29 3.88 7.86
N ALA A 50 -6.72 4.89 8.62
CA ALA A 50 -5.91 5.44 9.69
C ALA A 50 -4.50 5.80 9.21
N GLY A 51 -4.42 6.25 7.96
CA GLY A 51 -3.14 6.63 7.40
C GLY A 51 -2.25 5.43 7.13
N ARG A 52 -2.87 4.28 6.88
CA ARG A 52 -2.13 3.07 6.60
C ARG A 52 -2.75 2.30 5.44
N HIS A 53 -1.91 1.63 4.66
CA HIS A 53 -2.37 0.86 3.50
C HIS A 53 -2.60 -0.60 3.89
N LEU A 54 -3.86 -1.01 3.89
CA LEU A 54 -4.21 -2.38 4.24
C LEU A 54 -4.82 -3.11 3.04
N CYS A 55 -5.02 -4.41 3.19
CA CYS A 55 -5.59 -5.23 2.12
C CYS A 55 -7.07 -5.50 2.38
N ARG A 56 -7.83 -5.64 1.30
CA ARG A 56 -9.26 -5.91 1.41
C ARG A 56 -9.56 -6.81 2.60
N PRO A 57 -8.87 -7.95 2.67
CA PRO A 57 -9.03 -8.93 3.75
C PRO A 57 -9.01 -8.27 5.13
N CYS A 58 -7.90 -7.61 5.44
CA CYS A 58 -7.76 -6.94 6.72
C CYS A 58 -8.76 -5.81 6.87
N HIS A 59 -8.59 -4.75 6.09
CA HIS A 59 -9.48 -3.60 6.13
C HIS A 59 -10.92 -4.05 6.40
N ASN A 60 -11.33 -5.12 5.73
CA ASN A 60 -12.68 -5.64 5.89
C ASN A 60 -12.91 -6.14 7.32
N ARG A 61 -11.93 -6.87 7.84
CA ARG A 61 -12.03 -7.40 9.20
C ARG A 61 -12.18 -6.27 10.21
N GLU A 62 -11.37 -5.23 10.06
CA GLU A 62 -11.41 -4.09 10.97
C GLU A 62 -12.70 -3.31 10.80
N LYS A 63 -12.91 -2.75 9.61
CA LYS A 63 -14.10 -1.98 9.31
C LYS A 63 -15.36 -2.79 9.63
N ALA A 64 -15.32 -4.08 9.32
CA ALA A 64 -16.46 -4.96 9.58
C ALA A 64 -16.98 -4.78 11.00
N SER A 65 -16.11 -5.04 11.98
CA SER A 65 -16.48 -4.92 13.39
C SER A 65 -17.18 -3.59 13.64
N GLY A 66 -18.49 -3.65 13.87
CA GLY A 66 -19.26 -2.45 14.14
C GLY A 66 -20.66 -2.52 13.56
N PRO A 67 -21.54 -1.60 14.00
CA PRO A 67 -22.93 -1.54 13.53
C PRO A 67 -23.03 -1.10 12.07
N SER A 68 -21.94 -0.55 11.55
CA SER A 68 -21.91 -0.09 10.16
C SER A 68 -20.61 -0.47 9.48
N SER A 69 -20.69 -0.87 8.23
CA SER A 69 -19.51 -1.27 7.46
C SER A 69 -19.83 -1.39 5.98
N GLY A 70 -19.22 -0.51 5.18
CA GLY A 70 -19.47 -0.53 3.75
C GLY A 70 -20.94 -0.62 3.41
N GLY A 1 16.94 18.81 -16.10
CA GLY A 1 15.70 18.81 -15.36
C GLY A 1 14.49 18.49 -16.23
N SER A 2 14.52 17.31 -16.86
CA SER A 2 13.43 16.89 -17.72
C SER A 2 12.26 16.37 -16.91
N SER A 3 12.52 15.38 -16.06
CA SER A 3 11.48 14.80 -15.22
C SER A 3 12.00 14.52 -13.81
N GLY A 4 11.09 14.48 -12.85
CA GLY A 4 11.48 14.24 -11.47
C GLY A 4 12.05 12.84 -11.28
N SER A 5 12.19 12.44 -10.01
CA SER A 5 12.73 11.13 -9.70
C SER A 5 11.64 10.23 -9.12
N SER A 6 11.59 8.99 -9.60
CA SER A 6 10.59 8.02 -9.13
C SER A 6 11.27 6.84 -8.43
N GLY A 7 11.28 6.89 -7.10
CA GLY A 7 11.90 5.82 -6.33
C GLY A 7 10.98 5.28 -5.25
N CYS A 8 11.10 3.99 -4.96
CA CYS A 8 10.28 3.36 -3.94
C CYS A 8 10.40 4.08 -2.61
N HIS A 9 9.31 4.14 -1.86
CA HIS A 9 9.29 4.81 -0.56
C HIS A 9 9.59 3.82 0.56
N GLN A 10 9.12 2.59 0.39
CA GLN A 10 9.34 1.55 1.40
C GLN A 10 10.82 1.40 1.72
N CYS A 11 11.59 0.92 0.75
CA CYS A 11 13.02 0.72 0.93
C CYS A 11 13.80 1.96 0.49
N GLY A 12 13.46 2.47 -0.70
CA GLY A 12 14.14 3.65 -1.21
C GLY A 12 14.74 3.42 -2.59
N GLU A 13 15.26 2.22 -2.80
CA GLU A 13 15.89 1.88 -4.07
C GLU A 13 15.03 2.37 -5.23
N PHE A 14 15.66 2.55 -6.40
CA PHE A 14 14.96 3.02 -7.58
C PHE A 14 14.18 1.88 -8.24
N ILE A 15 12.93 2.16 -8.58
CA ILE A 15 12.08 1.15 -9.21
C ILE A 15 12.33 1.10 -10.72
N ILE A 16 12.48 -0.11 -11.25
CA ILE A 16 12.73 -0.30 -12.67
C ILE A 16 11.84 -1.41 -13.23
N GLY A 17 10.98 -1.05 -14.19
CA GLY A 17 10.10 -2.02 -14.79
C GLY A 17 8.65 -1.85 -14.36
N ARG A 18 8.35 -2.24 -13.13
CA ARG A 18 7.00 -2.12 -12.60
C ARG A 18 6.96 -1.17 -11.40
N VAL A 19 6.23 -0.07 -11.55
CA VAL A 19 6.11 0.92 -10.48
C VAL A 19 4.70 0.91 -9.88
N ILE A 20 4.61 0.63 -8.59
CA ILE A 20 3.33 0.60 -7.90
C ILE A 20 2.99 1.96 -7.31
N LYS A 21 2.13 2.70 -7.99
CA LYS A 21 1.71 4.03 -7.53
C LYS A 21 0.67 3.91 -6.41
N ALA A 22 1.04 4.37 -5.23
CA ALA A 22 0.15 4.33 -4.07
C ALA A 22 0.49 5.43 -3.07
N MET A 23 -0.45 5.71 -2.18
CA MET A 23 -0.25 6.74 -1.16
C MET A 23 0.43 7.97 -1.75
N ASN A 24 0.17 8.21 -3.04
CA ASN A 24 0.76 9.37 -3.73
C ASN A 24 2.27 9.22 -3.82
N ASN A 25 2.74 8.01 -4.11
CA ASN A 25 4.17 7.75 -4.23
C ASN A 25 4.42 6.43 -4.95
N SER A 26 5.64 6.27 -5.45
CA SER A 26 6.01 5.05 -6.16
C SER A 26 6.59 4.01 -5.21
N TRP A 27 6.29 2.74 -5.47
CA TRP A 27 6.77 1.65 -4.63
C TRP A 27 7.02 0.39 -5.47
N HIS A 28 7.63 -0.61 -4.84
CA HIS A 28 7.93 -1.86 -5.51
C HIS A 28 6.75 -2.83 -5.42
N PRO A 29 6.68 -3.78 -6.36
CA PRO A 29 5.61 -4.78 -6.41
C PRO A 29 5.70 -5.78 -5.26
N GLU A 30 6.73 -5.63 -4.43
CA GLU A 30 6.92 -6.52 -3.29
C GLU A 30 6.96 -5.74 -1.98
N CYS A 31 7.49 -4.52 -2.04
CA CYS A 31 7.59 -3.67 -0.86
C CYS A 31 6.20 -3.32 -0.33
N PHE A 32 5.40 -2.67 -1.18
CA PHE A 32 4.06 -2.27 -0.79
C PHE A 32 3.27 -3.46 -0.25
N ARG A 33 3.30 -3.64 1.06
CA ARG A 33 2.59 -4.74 1.71
C ARG A 33 1.61 -4.21 2.75
N CYS A 34 0.72 -5.08 3.20
CA CYS A 34 -0.28 -4.72 4.20
C CYS A 34 0.39 -4.27 5.49
N ASP A 35 -0.39 -3.66 6.38
CA ASP A 35 0.12 -3.19 7.66
C ASP A 35 -0.35 -4.09 8.80
N LEU A 36 -1.10 -5.12 8.46
CA LEU A 36 -1.62 -6.06 9.45
C LEU A 36 -1.20 -7.49 9.13
N CYS A 37 -1.08 -7.79 7.84
CA CYS A 37 -0.68 -9.11 7.39
C CYS A 37 0.52 -9.04 6.46
N GLN A 38 0.93 -7.82 6.13
CA GLN A 38 2.07 -7.61 5.25
C GLN A 38 1.91 -8.40 3.95
N GLU A 39 0.77 -8.19 3.28
CA GLU A 39 0.50 -8.88 2.02
C GLU A 39 0.68 -7.95 0.84
N VAL A 40 1.45 -8.40 -0.15
CA VAL A 40 1.71 -7.61 -1.35
C VAL A 40 0.43 -6.95 -1.86
N LEU A 41 0.39 -5.62 -1.77
CA LEU A 41 -0.79 -4.87 -2.22
C LEU A 41 -0.53 -4.25 -3.59
N ALA A 42 0.11 -5.02 -4.47
CA ALA A 42 0.40 -4.56 -5.82
C ALA A 42 -0.73 -4.91 -6.79
N ASP A 43 -1.05 -6.20 -6.86
CA ASP A 43 -2.11 -6.68 -7.73
C ASP A 43 -3.45 -6.69 -7.01
N ILE A 44 -3.49 -7.31 -5.84
CA ILE A 44 -4.71 -7.39 -5.05
C ILE A 44 -5.25 -6.00 -4.73
N GLY A 45 -4.34 -5.04 -4.58
CA GLY A 45 -4.75 -3.68 -4.27
C GLY A 45 -4.56 -3.32 -2.82
N PHE A 46 -4.83 -2.07 -2.47
CA PHE A 46 -4.68 -1.61 -1.10
C PHE A 46 -5.84 -0.70 -0.70
N VAL A 47 -5.96 -0.43 0.60
CA VAL A 47 -7.02 0.43 1.10
C VAL A 47 -6.50 1.37 2.18
N LYS A 48 -6.36 2.64 1.82
CA LYS A 48 -5.87 3.65 2.76
C LYS A 48 -6.71 3.66 4.04
N ASN A 49 -6.04 3.73 5.17
CA ASN A 49 -6.72 3.75 6.47
C ASN A 49 -5.77 4.20 7.58
N ALA A 50 -6.19 5.20 8.33
CA ALA A 50 -5.38 5.73 9.43
C ALA A 50 -3.94 5.93 9.00
N GLY A 51 -3.75 6.33 7.74
CA GLY A 51 -2.41 6.55 7.22
C GLY A 51 -1.62 5.27 7.09
N ARG A 52 -2.31 4.18 6.79
CA ARG A 52 -1.66 2.87 6.64
C ARG A 52 -2.25 2.10 5.47
N HIS A 53 -1.41 1.33 4.79
CA HIS A 53 -1.84 0.54 3.65
C HIS A 53 -2.33 -0.84 4.10
N LEU A 54 -3.61 -1.11 3.88
CA LEU A 54 -4.20 -2.39 4.25
C LEU A 54 -4.84 -3.07 3.04
N CYS A 55 -4.97 -4.39 3.13
CA CYS A 55 -5.56 -5.17 2.04
C CYS A 55 -7.06 -5.37 2.28
N ARG A 56 -7.82 -5.48 1.19
CA ARG A 56 -9.26 -5.68 1.28
C ARG A 56 -9.61 -6.57 2.46
N PRO A 57 -8.96 -7.75 2.53
CA PRO A 57 -9.20 -8.72 3.60
C PRO A 57 -9.18 -8.07 4.98
N CYS A 58 -8.02 -7.52 5.35
CA CYS A 58 -7.86 -6.87 6.65
C CYS A 58 -8.82 -5.69 6.78
N HIS A 59 -8.58 -4.64 6.01
CA HIS A 59 -9.42 -3.45 6.05
C HIS A 59 -10.89 -3.83 6.26
N ASN A 60 -11.32 -4.90 5.60
CA ASN A 60 -12.70 -5.36 5.72
C ASN A 60 -12.96 -5.93 7.11
N ARG A 61 -12.01 -6.71 7.62
CA ARG A 61 -12.14 -7.32 8.94
C ARG A 61 -12.29 -6.24 10.01
N GLU A 62 -11.49 -5.19 9.91
CA GLU A 62 -11.53 -4.10 10.87
C GLU A 62 -12.80 -3.26 10.69
N LYS A 63 -12.89 -2.60 9.54
CA LYS A 63 -14.04 -1.75 9.23
C LYS A 63 -15.34 -2.52 9.45
N ALA A 64 -15.33 -3.81 9.12
CA ALA A 64 -16.51 -4.65 9.30
C ALA A 64 -17.29 -4.24 10.55
N SER A 65 -18.55 -3.85 10.34
CA SER A 65 -19.40 -3.45 11.46
C SER A 65 -20.00 -4.67 12.16
N GLY A 66 -20.09 -4.59 13.49
CA GLY A 66 -20.65 -5.69 14.26
C GLY A 66 -22.05 -5.41 14.74
N PRO A 67 -22.63 -6.37 15.47
CA PRO A 67 -23.99 -6.24 16.01
C PRO A 67 -24.07 -5.20 17.13
N SER A 68 -22.95 -4.55 17.40
CA SER A 68 -22.90 -3.54 18.45
C SER A 68 -22.31 -2.24 17.92
N SER A 69 -23.08 -1.15 18.01
CA SER A 69 -22.63 0.15 17.53
C SER A 69 -21.23 0.46 18.05
N GLY A 70 -20.48 1.23 17.28
CA GLY A 70 -19.12 1.60 17.67
C GLY A 70 -18.19 1.75 16.48
N GLY A 1 14.99 18.67 -16.49
CA GLY A 1 14.19 17.82 -15.62
C GLY A 1 14.00 16.43 -16.19
N SER A 2 14.66 15.45 -15.59
CA SER A 2 14.57 14.07 -16.05
C SER A 2 13.17 13.52 -15.81
N SER A 3 12.57 12.97 -16.87
CA SER A 3 11.23 12.41 -16.77
C SER A 3 11.25 11.08 -16.01
N GLY A 4 11.24 11.16 -14.69
CA GLY A 4 11.25 9.97 -13.86
C GLY A 4 11.56 10.27 -12.41
N SER A 5 12.75 9.88 -11.97
CA SER A 5 13.17 10.10 -10.60
C SER A 5 12.12 9.57 -9.62
N SER A 6 11.55 8.41 -9.94
CA SER A 6 10.54 7.80 -9.09
C SER A 6 11.10 6.59 -8.36
N GLY A 7 11.46 6.78 -7.10
CA GLY A 7 12.01 5.69 -6.31
C GLY A 7 11.04 5.20 -5.25
N CYS A 8 11.20 3.94 -4.85
CA CYS A 8 10.32 3.35 -3.84
C CYS A 8 10.52 4.03 -2.49
N HIS A 9 9.42 4.18 -1.74
CA HIS A 9 9.48 4.81 -0.43
C HIS A 9 9.69 3.77 0.67
N GLN A 10 9.06 2.61 0.52
CA GLN A 10 9.18 1.55 1.50
C GLN A 10 10.64 1.33 1.89
N CYS A 11 11.44 0.83 0.93
CA CYS A 11 12.85 0.59 1.18
C CYS A 11 13.69 1.79 0.79
N GLY A 12 13.38 2.38 -0.37
CA GLY A 12 14.12 3.53 -0.84
C GLY A 12 14.76 3.30 -2.19
N GLU A 13 15.26 2.09 -2.41
CA GLU A 13 15.90 1.75 -3.68
C GLU A 13 15.06 2.21 -4.86
N PHE A 14 15.72 2.52 -5.96
CA PHE A 14 15.04 2.98 -7.17
C PHE A 14 14.31 1.82 -7.84
N ILE A 15 13.10 2.11 -8.34
CA ILE A 15 12.30 1.09 -9.02
C ILE A 15 12.60 1.04 -10.50
N ILE A 16 12.85 -0.16 -11.01
CA ILE A 16 13.15 -0.34 -12.43
C ILE A 16 12.27 -1.41 -13.05
N GLY A 17 11.46 -1.02 -14.04
CA GLY A 17 10.58 -1.96 -14.69
C GLY A 17 9.12 -1.73 -14.34
N ARG A 18 8.75 -2.12 -13.13
CA ARG A 18 7.36 -1.95 -12.67
C ARG A 18 7.30 -1.02 -11.47
N VAL A 19 6.58 0.09 -11.62
CA VAL A 19 6.43 1.06 -10.56
C VAL A 19 5.00 1.10 -10.03
N ILE A 20 4.84 0.77 -8.75
CA ILE A 20 3.52 0.76 -8.12
C ILE A 20 3.19 2.12 -7.53
N LYS A 21 2.33 2.87 -8.21
CA LYS A 21 1.93 4.19 -7.74
C LYS A 21 0.87 4.09 -6.65
N ALA A 22 1.20 4.52 -5.44
CA ALA A 22 0.27 4.48 -4.32
C ALA A 22 0.60 5.57 -3.29
N MET A 23 -0.36 5.84 -2.41
CA MET A 23 -0.18 6.85 -1.37
C MET A 23 0.53 8.08 -1.94
N ASN A 24 0.30 8.36 -3.22
CA ASN A 24 0.92 9.51 -3.87
C ASN A 24 2.44 9.35 -3.92
N ASN A 25 2.90 8.15 -4.24
CA ASN A 25 4.33 7.87 -4.32
C ASN A 25 4.58 6.54 -5.03
N SER A 26 5.82 6.36 -5.50
CA SER A 26 6.19 5.14 -6.20
C SER A 26 6.70 4.08 -5.22
N TRP A 27 6.42 2.82 -5.52
CA TRP A 27 6.85 1.72 -4.67
C TRP A 27 7.12 0.47 -5.49
N HIS A 28 7.64 -0.57 -4.84
CA HIS A 28 7.93 -1.83 -5.51
C HIS A 28 6.73 -2.77 -5.48
N PRO A 29 6.69 -3.71 -6.43
CA PRO A 29 5.60 -4.69 -6.52
C PRO A 29 5.63 -5.71 -5.39
N GLU A 30 6.63 -5.59 -4.52
CA GLU A 30 6.78 -6.50 -3.39
C GLU A 30 6.82 -5.72 -2.08
N CYS A 31 7.22 -4.46 -2.15
CA CYS A 31 7.30 -3.61 -0.97
C CYS A 31 5.91 -3.20 -0.49
N PHE A 32 5.16 -2.53 -1.35
CA PHE A 32 3.82 -2.08 -1.02
C PHE A 32 2.97 -3.24 -0.52
N ARG A 33 3.11 -3.57 0.76
CA ARG A 33 2.35 -4.67 1.36
C ARG A 33 1.42 -4.15 2.45
N CYS A 34 0.60 -5.05 2.99
CA CYS A 34 -0.34 -4.69 4.05
C CYS A 34 0.39 -4.21 5.29
N ASP A 35 -0.35 -3.65 6.24
CA ASP A 35 0.24 -3.16 7.48
C ASP A 35 -0.10 -4.10 8.63
N LEU A 36 -0.91 -5.11 8.35
CA LEU A 36 -1.31 -6.08 9.38
C LEU A 36 -0.84 -7.48 9.01
N CYS A 37 -0.83 -7.78 7.72
CA CYS A 37 -0.41 -9.08 7.23
C CYS A 37 0.72 -8.94 6.21
N GLN A 38 1.09 -7.70 5.91
CA GLN A 38 2.14 -7.43 4.95
C GLN A 38 1.94 -8.24 3.67
N GLU A 39 0.77 -8.08 3.06
CA GLU A 39 0.45 -8.80 1.83
C GLU A 39 0.54 -7.87 0.62
N VAL A 40 1.42 -8.22 -0.31
CA VAL A 40 1.61 -7.42 -1.52
C VAL A 40 0.27 -6.90 -2.04
N LEU A 41 0.06 -5.59 -1.93
CA LEU A 41 -1.16 -4.96 -2.40
C LEU A 41 -0.95 -4.27 -3.74
N ALA A 42 -0.15 -4.90 -4.61
CA ALA A 42 0.13 -4.34 -5.92
C ALA A 42 -1.02 -4.61 -6.89
N ASP A 43 -1.39 -5.88 -7.02
CA ASP A 43 -2.48 -6.27 -7.91
C ASP A 43 -3.80 -6.37 -7.15
N ILE A 44 -3.82 -7.22 -6.12
CA ILE A 44 -5.02 -7.40 -5.31
C ILE A 44 -5.63 -6.06 -4.91
N GLY A 45 -4.78 -5.04 -4.80
CA GLY A 45 -5.26 -3.72 -4.42
C GLY A 45 -5.06 -3.42 -2.95
N PHE A 46 -5.20 -2.15 -2.58
CA PHE A 46 -5.03 -1.73 -1.20
C PHE A 46 -6.17 -0.82 -0.77
N VAL A 47 -6.31 -0.64 0.55
CA VAL A 47 -7.35 0.22 1.09
C VAL A 47 -6.79 1.21 2.10
N LYS A 48 -6.58 2.45 1.65
CA LYS A 48 -6.04 3.50 2.51
C LYS A 48 -6.84 3.60 3.80
N ASN A 49 -6.13 3.70 4.92
CA ASN A 49 -6.77 3.80 6.22
C ASN A 49 -5.78 4.30 7.28
N ALA A 50 -6.19 5.30 8.04
CA ALA A 50 -5.34 5.86 9.09
C ALA A 50 -3.91 6.05 8.59
N GLY A 51 -3.77 6.44 7.32
CA GLY A 51 -2.45 6.66 6.75
C GLY A 51 -1.66 5.37 6.65
N ARG A 52 -2.35 4.26 6.40
CA ARG A 52 -1.70 2.96 6.28
C ARG A 52 -2.34 2.14 5.17
N HIS A 53 -1.53 1.31 4.50
CA HIS A 53 -2.01 0.47 3.42
C HIS A 53 -2.47 -0.89 3.95
N LEU A 54 -3.75 -1.19 3.78
CA LEU A 54 -4.31 -2.46 4.23
C LEU A 54 -5.00 -3.19 3.10
N CYS A 55 -5.15 -4.50 3.24
CA CYS A 55 -5.78 -5.33 2.22
C CYS A 55 -7.25 -5.58 2.58
N ARG A 56 -8.07 -5.73 1.55
CA ARG A 56 -9.50 -5.97 1.75
C ARG A 56 -9.73 -6.88 2.96
N PRO A 57 -9.04 -8.02 2.98
CA PRO A 57 -9.15 -9.00 4.07
C PRO A 57 -9.05 -8.34 5.45
N CYS A 58 -7.89 -7.75 5.72
CA CYS A 58 -7.67 -7.08 7.00
C CYS A 58 -8.63 -5.92 7.20
N HIS A 59 -8.51 -4.90 6.36
CA HIS A 59 -9.38 -3.73 6.43
C HIS A 59 -10.81 -4.14 6.76
N ASN A 60 -11.30 -5.16 6.07
CA ASN A 60 -12.66 -5.64 6.28
C ASN A 60 -12.84 -6.15 7.71
N ARG A 61 -11.82 -6.83 8.22
CA ARG A 61 -11.85 -7.37 9.57
C ARG A 61 -11.96 -6.25 10.61
N GLU A 62 -11.28 -5.14 10.33
CA GLU A 62 -11.30 -3.99 11.24
C GLU A 62 -12.63 -3.25 11.15
N LYS A 63 -12.89 -2.63 10.00
CA LYS A 63 -14.12 -1.89 9.79
C LYS A 63 -15.33 -2.72 10.20
N ALA A 64 -15.22 -4.04 10.06
CA ALA A 64 -16.30 -4.94 10.41
C ALA A 64 -17.02 -4.47 11.67
N SER A 65 -18.33 -4.27 11.56
CA SER A 65 -19.12 -3.81 12.70
C SER A 65 -19.55 -4.99 13.57
N GLY A 66 -18.62 -5.48 14.39
CA GLY A 66 -18.91 -6.60 15.26
C GLY A 66 -19.20 -6.16 16.68
N PRO A 67 -19.61 -7.12 17.53
CA PRO A 67 -19.93 -6.86 18.94
C PRO A 67 -18.68 -6.53 19.76
N SER A 68 -17.54 -6.48 19.10
CA SER A 68 -16.27 -6.18 19.76
C SER A 68 -16.47 -5.12 20.84
N SER A 69 -17.06 -4.00 20.45
CA SER A 69 -17.31 -2.90 21.39
C SER A 69 -17.75 -3.43 22.75
N GLY A 70 -18.69 -4.37 22.73
CA GLY A 70 -19.19 -4.95 23.96
C GLY A 70 -18.21 -5.92 24.59
N GLY A 1 20.28 18.96 -10.61
CA GLY A 1 20.99 17.99 -9.80
C GLY A 1 20.05 17.00 -9.13
N SER A 2 19.08 16.49 -9.88
CA SER A 2 18.11 15.54 -9.35
C SER A 2 18.69 14.13 -9.34
N SER A 3 18.67 13.50 -8.16
CA SER A 3 19.19 12.15 -8.02
C SER A 3 18.20 11.12 -8.55
N GLY A 4 16.95 11.24 -8.12
CA GLY A 4 15.92 10.32 -8.55
C GLY A 4 14.58 11.01 -8.79
N SER A 5 13.70 10.34 -9.53
CA SER A 5 12.38 10.89 -9.83
C SER A 5 11.28 10.01 -9.26
N SER A 6 11.34 8.72 -9.57
CA SER A 6 10.34 7.77 -9.10
C SER A 6 11.00 6.58 -8.40
N GLY A 7 11.23 6.73 -7.09
CA GLY A 7 11.85 5.66 -6.33
C GLY A 7 10.95 5.13 -5.24
N CYS A 8 11.09 3.84 -4.94
CA CYS A 8 10.29 3.20 -3.92
C CYS A 8 10.49 3.87 -2.56
N HIS A 9 9.42 3.98 -1.78
CA HIS A 9 9.49 4.61 -0.47
C HIS A 9 9.76 3.57 0.62
N GLN A 10 9.15 2.39 0.47
CA GLN A 10 9.33 1.32 1.44
C GLN A 10 10.81 1.12 1.76
N CYS A 11 11.55 0.60 0.80
CA CYS A 11 12.98 0.35 0.98
C CYS A 11 13.80 1.59 0.61
N GLY A 12 13.42 2.23 -0.49
CA GLY A 12 14.12 3.42 -0.94
C GLY A 12 14.76 3.23 -2.30
N GLU A 13 15.30 2.04 -2.55
CA GLU A 13 15.95 1.74 -3.81
C GLU A 13 15.11 2.24 -4.98
N PHE A 14 15.78 2.56 -6.08
CA PHE A 14 15.09 3.05 -7.28
C PHE A 14 14.36 1.92 -7.99
N ILE A 15 13.16 2.21 -8.47
CA ILE A 15 12.36 1.22 -9.18
C ILE A 15 12.67 1.22 -10.68
N ILE A 16 12.87 0.03 -11.23
CA ILE A 16 13.17 -0.11 -12.64
C ILE A 16 12.31 -1.19 -13.29
N GLY A 17 11.39 -0.76 -14.15
CA GLY A 17 10.52 -1.71 -14.83
C GLY A 17 9.06 -1.54 -14.41
N ARG A 18 8.73 -1.99 -13.22
CA ARG A 18 7.37 -1.90 -12.71
C ARG A 18 7.32 -0.99 -11.48
N VAL A 19 6.50 0.06 -11.56
CA VAL A 19 6.35 1.00 -10.46
C VAL A 19 4.93 1.00 -9.92
N ILE A 20 4.78 0.67 -8.65
CA ILE A 20 3.48 0.64 -8.01
C ILE A 20 3.13 1.97 -7.36
N LYS A 21 2.25 2.73 -8.00
CA LYS A 21 1.83 4.03 -7.49
C LYS A 21 0.79 3.87 -6.38
N ALA A 22 1.16 4.28 -5.17
CA ALA A 22 0.26 4.20 -4.03
C ALA A 22 0.57 5.26 -2.99
N MET A 23 -0.34 5.46 -2.06
CA MET A 23 -0.16 6.46 -0.99
C MET A 23 0.50 7.72 -1.55
N ASN A 24 0.22 8.02 -2.81
CA ASN A 24 0.79 9.20 -3.46
C ASN A 24 2.31 9.09 -3.55
N ASN A 25 2.79 7.92 -3.95
CA ASN A 25 4.22 7.68 -4.08
C ASN A 25 4.50 6.39 -4.84
N SER A 26 5.73 6.22 -5.30
CA SER A 26 6.12 5.03 -6.04
C SER A 26 6.64 3.95 -5.10
N TRP A 27 6.39 2.70 -5.45
CA TRP A 27 6.83 1.57 -4.63
C TRP A 27 7.09 0.34 -5.50
N HIS A 28 7.65 -0.69 -4.89
CA HIS A 28 7.95 -1.93 -5.61
C HIS A 28 6.77 -2.90 -5.56
N PRO A 29 6.72 -3.83 -6.52
CA PRO A 29 5.64 -4.83 -6.60
C PRO A 29 5.71 -5.84 -5.47
N GLU A 30 6.72 -5.71 -4.62
CA GLU A 30 6.90 -6.64 -3.50
C GLU A 30 6.95 -5.87 -2.18
N CYS A 31 7.35 -4.60 -2.25
CA CYS A 31 7.45 -3.77 -1.06
C CYS A 31 6.06 -3.33 -0.58
N PHE A 32 5.32 -2.65 -1.45
CA PHE A 32 3.98 -2.19 -1.11
C PHE A 32 3.13 -3.35 -0.58
N ARG A 33 3.26 -3.63 0.71
CA ARG A 33 2.51 -4.71 1.33
C ARG A 33 1.59 -4.17 2.42
N CYS A 34 0.70 -5.02 2.92
CA CYS A 34 -0.23 -4.63 3.97
C CYS A 34 0.50 -4.13 5.21
N ASP A 35 -0.23 -3.51 6.13
CA ASP A 35 0.36 -2.99 7.35
C ASP A 35 0.00 -3.87 8.55
N LEU A 36 -0.79 -4.91 8.29
CA LEU A 36 -1.20 -5.83 9.33
C LEU A 36 -0.74 -7.25 9.03
N CYS A 37 -0.71 -7.60 7.75
CA CYS A 37 -0.29 -8.92 7.32
C CYS A 37 0.84 -8.83 6.30
N GLN A 38 1.21 -7.60 5.94
CA GLN A 38 2.28 -7.38 4.97
C GLN A 38 2.06 -8.21 3.72
N GLU A 39 0.89 -8.05 3.11
CA GLU A 39 0.55 -8.79 1.90
C GLU A 39 0.63 -7.88 0.67
N VAL A 40 1.50 -8.24 -0.26
CA VAL A 40 1.68 -7.46 -1.48
C VAL A 40 0.35 -6.93 -1.99
N LEU A 41 0.17 -5.61 -1.92
CA LEU A 41 -1.05 -4.98 -2.38
C LEU A 41 -0.87 -4.34 -3.75
N ALA A 42 -0.12 -5.02 -4.62
CA ALA A 42 0.13 -4.52 -5.97
C ALA A 42 -1.04 -4.83 -6.89
N ASP A 43 -1.46 -6.09 -6.92
CA ASP A 43 -2.56 -6.51 -7.77
C ASP A 43 -3.89 -6.44 -7.00
N ILE A 44 -3.94 -7.08 -5.84
CA ILE A 44 -5.14 -7.09 -5.02
C ILE A 44 -5.52 -5.68 -4.60
N GLY A 45 -4.59 -4.75 -4.76
CA GLY A 45 -4.85 -3.37 -4.39
C GLY A 45 -4.79 -3.15 -2.89
N PHE A 46 -4.89 -1.90 -2.47
CA PHE A 46 -4.86 -1.55 -1.05
C PHE A 46 -6.08 -0.73 -0.66
N VAL A 47 -6.25 -0.53 0.65
CA VAL A 47 -7.37 0.25 1.16
C VAL A 47 -6.92 1.30 2.15
N LYS A 48 -6.77 2.53 1.67
CA LYS A 48 -6.34 3.64 2.52
C LYS A 48 -7.15 3.69 3.81
N ASN A 49 -6.47 3.60 4.94
CA ASN A 49 -7.14 3.65 6.23
C ASN A 49 -6.19 4.15 7.32
N ALA A 50 -6.69 5.07 8.15
CA ALA A 50 -5.88 5.63 9.23
C ALA A 50 -4.48 5.97 8.75
N GLY A 51 -4.35 6.28 7.47
CA GLY A 51 -3.06 6.63 6.90
C GLY A 51 -2.15 5.43 6.77
N ARG A 52 -2.73 4.28 6.46
CA ARG A 52 -1.96 3.05 6.31
C ARG A 52 -2.52 2.18 5.18
N HIS A 53 -1.63 1.58 4.40
CA HIS A 53 -2.03 0.74 3.29
C HIS A 53 -2.37 -0.67 3.78
N LEU A 54 -3.65 -1.01 3.72
CA LEU A 54 -4.11 -2.33 4.16
C LEU A 54 -4.76 -3.09 3.01
N CYS A 55 -4.96 -4.39 3.21
CA CYS A 55 -5.58 -5.23 2.19
C CYS A 55 -7.05 -5.48 2.50
N ARG A 56 -7.86 -5.64 1.45
CA ARG A 56 -9.28 -5.88 1.62
C ARG A 56 -9.55 -6.77 2.83
N PRO A 57 -8.85 -7.92 2.88
CA PRO A 57 -9.00 -8.88 3.99
C PRO A 57 -8.93 -8.21 5.35
N CYS A 58 -7.77 -7.65 5.68
CA CYS A 58 -7.57 -6.98 6.96
C CYS A 58 -8.58 -5.83 7.13
N HIS A 59 -8.42 -4.79 6.33
CA HIS A 59 -9.30 -3.63 6.40
C HIS A 59 -10.73 -4.07 6.70
N ASN A 60 -11.21 -5.08 5.98
CA ASN A 60 -12.56 -5.58 6.18
C ASN A 60 -12.80 -5.98 7.63
N ARG A 61 -11.83 -6.69 8.20
CA ARG A 61 -11.92 -7.12 9.59
C ARG A 61 -12.14 -5.93 10.53
N GLU A 62 -11.38 -4.87 10.31
CA GLU A 62 -11.48 -3.67 11.13
C GLU A 62 -12.79 -2.94 10.86
N LYS A 63 -12.95 -2.46 9.63
CA LYS A 63 -14.17 -1.74 9.25
C LYS A 63 -15.41 -2.51 9.67
N ALA A 64 -15.30 -3.83 9.70
CA ALA A 64 -16.41 -4.69 10.10
C ALA A 64 -17.22 -4.05 11.23
N SER A 65 -16.55 -3.78 12.35
CA SER A 65 -17.21 -3.18 13.49
C SER A 65 -16.95 -1.68 13.55
N GLY A 66 -17.99 -0.91 13.84
CA GLY A 66 -17.86 0.53 13.91
C GLY A 66 -18.53 1.12 15.14
N PRO A 67 -18.04 2.28 15.60
CA PRO A 67 -18.58 2.97 16.77
C PRO A 67 -19.97 3.54 16.51
N SER A 68 -20.97 3.02 17.21
CA SER A 68 -22.34 3.49 17.07
C SER A 68 -23.00 3.69 18.42
N SER A 69 -23.49 4.90 18.66
CA SER A 69 -24.15 5.22 19.93
C SER A 69 -25.13 4.12 20.33
N GLY A 70 -24.72 3.29 21.28
CA GLY A 70 -25.58 2.21 21.74
C GLY A 70 -24.82 0.91 21.90
N GLY A 1 10.88 23.86 -8.52
CA GLY A 1 11.60 22.82 -9.21
C GLY A 1 10.75 21.60 -9.47
N SER A 2 11.36 20.56 -10.05
CA SER A 2 10.65 19.33 -10.36
C SER A 2 11.61 18.15 -10.46
N SER A 3 11.28 17.06 -9.77
CA SER A 3 12.12 15.87 -9.77
C SER A 3 11.57 14.82 -10.72
N GLY A 4 12.42 14.33 -11.61
CA GLY A 4 12.00 13.31 -12.56
C GLY A 4 12.61 11.96 -12.29
N SER A 5 12.30 11.40 -11.12
CA SER A 5 12.83 10.09 -10.74
C SER A 5 11.86 9.37 -9.82
N SER A 6 11.31 8.26 -10.30
CA SER A 6 10.36 7.47 -9.52
C SER A 6 11.09 6.41 -8.70
N GLY A 7 11.18 6.66 -7.39
CA GLY A 7 11.85 5.71 -6.51
C GLY A 7 10.95 5.21 -5.40
N CYS A 8 11.11 3.95 -5.04
CA CYS A 8 10.29 3.35 -3.99
C CYS A 8 10.51 4.06 -2.66
N HIS A 9 9.45 4.15 -1.86
CA HIS A 9 9.53 4.81 -0.56
C HIS A 9 9.82 3.80 0.54
N GLN A 10 9.20 2.62 0.44
CA GLN A 10 9.40 1.57 1.43
C GLN A 10 10.88 1.39 1.74
N CYS A 11 11.64 0.92 0.76
CA CYS A 11 13.07 0.70 0.93
C CYS A 11 13.86 1.93 0.50
N GLY A 12 13.48 2.51 -0.63
CA GLY A 12 14.17 3.68 -1.14
C GLY A 12 14.77 3.46 -2.51
N GLU A 13 15.31 2.27 -2.73
CA GLU A 13 15.93 1.92 -4.00
C GLU A 13 15.06 2.38 -5.17
N PHE A 14 15.69 2.67 -6.30
CA PHE A 14 14.97 3.13 -7.48
C PHE A 14 14.23 1.96 -8.14
N ILE A 15 13.00 2.22 -8.58
CA ILE A 15 12.19 1.20 -9.24
C ILE A 15 12.48 1.16 -10.73
N ILE A 16 12.68 -0.05 -11.26
CA ILE A 16 12.95 -0.23 -12.67
C ILE A 16 12.07 -1.32 -13.27
N GLY A 17 11.20 -0.94 -14.20
CA GLY A 17 10.32 -1.89 -14.84
C GLY A 17 8.87 -1.71 -14.42
N ARG A 18 8.56 -2.11 -13.18
CA ARG A 18 7.21 -1.99 -12.66
C ARG A 18 7.17 -1.04 -11.46
N VAL A 19 6.34 0.00 -11.57
CA VAL A 19 6.20 0.98 -10.50
C VAL A 19 4.80 0.97 -9.91
N ILE A 20 4.71 0.66 -8.62
CA ILE A 20 3.42 0.61 -7.94
C ILE A 20 3.08 1.96 -7.31
N LYS A 21 2.17 2.69 -7.95
CA LYS A 21 1.75 4.00 -7.45
C LYS A 21 0.72 3.86 -6.34
N ALA A 22 1.09 4.33 -5.15
CA ALA A 22 0.19 4.26 -4.00
C ALA A 22 0.50 5.36 -3.00
N MET A 23 -0.45 5.62 -2.11
CA MET A 23 -0.28 6.66 -1.09
C MET A 23 0.37 7.90 -1.69
N ASN A 24 0.15 8.12 -2.99
CA ASN A 24 0.71 9.28 -3.67
C ASN A 24 2.23 9.17 -3.76
N ASN A 25 2.72 7.97 -4.05
CA ASN A 25 4.15 7.73 -4.16
C ASN A 25 4.43 6.42 -4.90
N SER A 26 5.66 6.27 -5.38
CA SER A 26 6.06 5.08 -6.11
C SER A 26 6.62 4.03 -5.16
N TRP A 27 6.36 2.76 -5.46
CA TRP A 27 6.84 1.66 -4.63
C TRP A 27 7.11 0.42 -5.47
N HIS A 28 7.63 -0.62 -4.83
CA HIS A 28 7.93 -1.87 -5.53
C HIS A 28 6.75 -2.84 -5.44
N PRO A 29 6.71 -3.79 -6.38
CA PRO A 29 5.65 -4.81 -6.43
C PRO A 29 5.74 -5.80 -5.29
N GLU A 30 6.76 -5.64 -4.45
CA GLU A 30 6.96 -6.54 -3.31
C GLU A 30 6.99 -5.75 -2.01
N CYS A 31 7.50 -4.52 -2.07
CA CYS A 31 7.59 -3.67 -0.89
C CYS A 31 6.20 -3.31 -0.36
N PHE A 32 5.40 -2.66 -1.21
CA PHE A 32 4.04 -2.27 -0.83
C PHE A 32 3.26 -3.46 -0.29
N ARG A 33 3.28 -3.62 1.03
CA ARG A 33 2.57 -4.72 1.67
C ARG A 33 1.60 -4.20 2.72
N CYS A 34 0.71 -5.08 3.19
CA CYS A 34 -0.27 -4.71 4.20
C CYS A 34 0.41 -4.28 5.50
N ASP A 35 -0.37 -3.67 6.39
CA ASP A 35 0.16 -3.21 7.67
C ASP A 35 -0.30 -4.13 8.80
N LEU A 36 -1.09 -5.14 8.47
CA LEU A 36 -1.60 -6.08 9.45
C LEU A 36 -1.17 -7.50 9.13
N CYS A 37 -1.05 -7.80 7.84
CA CYS A 37 -0.63 -9.12 7.39
C CYS A 37 0.56 -9.03 6.44
N GLN A 38 0.96 -7.81 6.12
CA GLN A 38 2.09 -7.58 5.22
C GLN A 38 1.92 -8.37 3.93
N GLU A 39 0.78 -8.15 3.25
CA GLU A 39 0.50 -8.85 2.00
C GLU A 39 0.67 -7.90 0.81
N VAL A 40 1.43 -8.33 -0.18
CA VAL A 40 1.67 -7.53 -1.37
C VAL A 40 0.38 -6.87 -1.86
N LEU A 41 0.33 -5.55 -1.78
CA LEU A 41 -0.85 -4.81 -2.22
C LEU A 41 -0.62 -4.18 -3.59
N ALA A 42 0.00 -4.95 -4.48
CA ALA A 42 0.27 -4.47 -5.84
C ALA A 42 -0.89 -4.79 -6.78
N ASP A 43 -1.18 -6.08 -6.94
CA ASP A 43 -2.27 -6.52 -7.80
C ASP A 43 -3.58 -6.56 -7.04
N ILE A 44 -3.57 -7.21 -5.88
CA ILE A 44 -4.76 -7.33 -5.05
C ILE A 44 -5.33 -5.96 -4.71
N GLY A 45 -4.46 -4.96 -4.58
CA GLY A 45 -4.90 -3.62 -4.27
C GLY A 45 -4.69 -3.27 -2.81
N PHE A 46 -4.96 -2.02 -2.46
CA PHE A 46 -4.80 -1.55 -1.09
C PHE A 46 -5.96 -0.64 -0.68
N VAL A 47 -6.10 -0.43 0.63
CA VAL A 47 -7.17 0.43 1.14
C VAL A 47 -6.64 1.38 2.21
N LYS A 48 -6.42 2.63 1.82
CA LYS A 48 -5.92 3.65 2.73
C LYS A 48 -6.74 3.68 4.02
N ASN A 49 -6.07 3.80 5.15
CA ASN A 49 -6.75 3.85 6.44
C ASN A 49 -5.78 4.27 7.55
N ALA A 50 -6.20 5.25 8.34
CA ALA A 50 -5.37 5.75 9.43
C ALA A 50 -3.92 5.94 8.99
N GLY A 51 -3.74 6.38 7.75
CA GLY A 51 -2.41 6.60 7.22
C GLY A 51 -1.62 5.31 7.09
N ARG A 52 -2.31 4.22 6.78
CA ARG A 52 -1.66 2.92 6.63
C ARG A 52 -2.27 2.15 5.47
N HIS A 53 -1.44 1.36 4.79
CA HIS A 53 -1.88 0.56 3.66
C HIS A 53 -2.36 -0.82 4.11
N LEU A 54 -3.64 -1.11 3.88
CA LEU A 54 -4.22 -2.38 4.26
C LEU A 54 -4.85 -3.08 3.06
N CYS A 55 -4.98 -4.40 3.15
CA CYS A 55 -5.57 -5.18 2.07
C CYS A 55 -7.05 -5.40 2.31
N ARG A 56 -7.82 -5.48 1.22
CA ARG A 56 -9.26 -5.68 1.31
C ARG A 56 -9.61 -6.61 2.48
N PRO A 57 -8.96 -7.77 2.52
CA PRO A 57 -9.18 -8.77 3.57
C PRO A 57 -9.14 -8.16 4.97
N CYS A 58 -7.97 -7.64 5.35
CA CYS A 58 -7.81 -7.03 6.66
C CYS A 58 -8.78 -5.87 6.85
N HIS A 59 -8.59 -4.81 6.08
CA HIS A 59 -9.45 -3.64 6.16
C HIS A 59 -10.91 -4.05 6.41
N ASN A 60 -11.37 -5.05 5.67
CA ASN A 60 -12.73 -5.53 5.80
C ASN A 60 -12.98 -6.04 7.22
N ARG A 61 -12.01 -6.73 7.78
CA ARG A 61 -12.13 -7.27 9.13
C ARG A 61 -12.27 -6.15 10.16
N GLU A 62 -11.57 -5.04 9.90
CA GLU A 62 -11.62 -3.89 10.80
C GLU A 62 -12.96 -3.17 10.69
N LYS A 63 -13.22 -2.58 9.53
CA LYS A 63 -14.46 -1.86 9.29
C LYS A 63 -15.67 -2.72 9.65
N ALA A 64 -15.53 -4.03 9.46
CA ALA A 64 -16.61 -4.97 9.75
C ALA A 64 -17.23 -4.67 11.11
N SER A 65 -18.42 -4.08 11.11
CA SER A 65 -19.12 -3.75 12.34
C SER A 65 -19.74 -4.99 12.97
N GLY A 66 -20.70 -5.59 12.29
CA GLY A 66 -21.34 -6.77 12.81
C GLY A 66 -22.61 -6.46 13.57
N PRO A 67 -23.43 -7.49 13.82
CA PRO A 67 -24.70 -7.34 14.55
C PRO A 67 -24.48 -7.04 16.03
N SER A 68 -25.57 -6.99 16.79
CA SER A 68 -25.49 -6.71 18.22
C SER A 68 -26.16 -7.83 19.03
N SER A 69 -26.07 -7.73 20.34
CA SER A 69 -26.65 -8.74 21.23
C SER A 69 -28.15 -8.50 21.39
N GLY A 70 -28.88 -9.57 21.65
CA GLY A 70 -30.32 -9.47 21.82
C GLY A 70 -30.73 -9.41 23.28
N GLY A 1 5.23 19.95 -8.54
CA GLY A 1 4.82 20.40 -9.85
C GLY A 1 5.10 19.38 -10.94
N SER A 2 6.36 19.29 -11.35
CA SER A 2 6.77 18.35 -12.39
C SER A 2 7.39 17.10 -11.77
N SER A 3 6.85 15.94 -12.13
CA SER A 3 7.35 14.67 -11.62
C SER A 3 8.52 14.16 -12.45
N GLY A 4 9.57 13.73 -11.78
CA GLY A 4 10.74 13.21 -12.48
C GLY A 4 11.23 11.90 -11.91
N SER A 5 12.17 11.97 -10.98
CA SER A 5 12.73 10.77 -10.36
C SER A 5 11.63 9.96 -9.67
N SER A 6 11.69 8.64 -9.83
CA SER A 6 10.71 7.75 -9.24
C SER A 6 11.39 6.65 -8.42
N GLY A 7 11.27 6.74 -7.10
CA GLY A 7 11.88 5.75 -6.22
C GLY A 7 10.91 5.22 -5.19
N CYS A 8 11.09 3.96 -4.80
CA CYS A 8 10.22 3.32 -3.82
C CYS A 8 10.32 4.04 -2.47
N HIS A 9 9.20 4.08 -1.76
CA HIS A 9 9.15 4.73 -0.46
C HIS A 9 9.44 3.74 0.66
N GLN A 10 8.93 2.52 0.51
CA GLN A 10 9.13 1.48 1.50
C GLN A 10 10.61 1.37 1.89
N CYS A 11 11.41 0.86 0.97
CA CYS A 11 12.84 0.70 1.20
C CYS A 11 13.60 1.96 0.81
N GLY A 12 13.30 2.49 -0.38
CA GLY A 12 13.96 3.69 -0.85
C GLY A 12 14.62 3.49 -2.19
N GLU A 13 15.18 2.31 -2.42
CA GLU A 13 15.85 1.99 -3.66
C GLU A 13 15.05 2.51 -4.86
N PHE A 14 15.72 2.70 -5.99
CA PHE A 14 15.07 3.19 -7.20
C PHE A 14 14.37 2.05 -7.93
N ILE A 15 13.11 2.29 -8.29
CA ILE A 15 12.33 1.28 -9.00
C ILE A 15 12.62 1.31 -10.50
N ILE A 16 12.87 0.14 -11.06
CA ILE A 16 13.17 0.02 -12.48
C ILE A 16 12.35 -1.08 -13.14
N GLY A 17 11.50 -0.71 -14.07
CA GLY A 17 10.67 -1.68 -14.76
C GLY A 17 9.21 -1.58 -14.36
N ARG A 18 8.89 -2.02 -13.16
CA ARG A 18 7.52 -1.98 -12.66
C ARG A 18 7.41 -1.07 -11.44
N VAL A 19 6.62 -0.02 -11.56
CA VAL A 19 6.42 0.93 -10.47
C VAL A 19 4.99 0.88 -9.94
N ILE A 20 4.84 0.54 -8.67
CA ILE A 20 3.52 0.47 -8.05
C ILE A 20 3.12 1.82 -7.46
N LYS A 21 2.24 2.52 -8.17
CA LYS A 21 1.77 3.83 -7.71
C LYS A 21 0.70 3.67 -6.64
N ALA A 22 0.99 4.13 -5.44
CA ALA A 22 0.04 4.04 -4.33
C ALA A 22 0.28 5.15 -3.31
N MET A 23 -0.72 5.41 -2.48
CA MET A 23 -0.61 6.45 -1.46
C MET A 23 0.04 7.71 -2.03
N ASN A 24 -0.11 7.91 -3.33
CA ASN A 24 0.47 9.07 -4.00
C ASN A 24 2.00 8.99 -4.02
N ASN A 25 2.51 7.79 -4.25
CA ASN A 25 3.96 7.57 -4.30
C ASN A 25 4.29 6.27 -5.02
N SER A 26 5.54 6.14 -5.46
CA SER A 26 5.98 4.95 -6.16
C SER A 26 6.54 3.92 -5.19
N TRP A 27 6.30 2.64 -5.47
CA TRP A 27 6.78 1.56 -4.62
C TRP A 27 7.09 0.31 -5.43
N HIS A 28 7.66 -0.70 -4.79
CA HIS A 28 7.99 -1.95 -5.46
C HIS A 28 6.83 -2.93 -5.39
N PRO A 29 6.82 -3.88 -6.34
CA PRO A 29 5.77 -4.91 -6.41
C PRO A 29 5.85 -5.90 -5.26
N GLU A 30 6.84 -5.73 -4.40
CA GLU A 30 7.03 -6.61 -3.26
C GLU A 30 7.03 -5.82 -1.94
N CYS A 31 7.41 -4.56 -2.03
CA CYS A 31 7.46 -3.69 -0.86
C CYS A 31 6.05 -3.32 -0.40
N PHE A 32 5.29 -2.71 -1.28
CA PHE A 32 3.92 -2.30 -0.97
C PHE A 32 3.10 -3.49 -0.47
N ARG A 33 3.15 -3.72 0.84
CA ARG A 33 2.41 -4.82 1.45
C ARG A 33 1.54 -4.33 2.60
N CYS A 34 0.48 -5.08 2.89
CA CYS A 34 -0.44 -4.72 3.95
C CYS A 34 0.32 -4.31 5.22
N ASP A 35 -0.33 -3.53 6.06
CA ASP A 35 0.29 -3.07 7.31
C ASP A 35 -0.17 -3.90 8.48
N LEU A 36 -0.82 -5.03 8.19
CA LEU A 36 -1.30 -5.93 9.23
C LEU A 36 -0.88 -7.36 8.95
N CYS A 37 -0.86 -7.75 7.68
CA CYS A 37 -0.48 -9.09 7.28
C CYS A 37 0.71 -9.06 6.32
N GLN A 38 1.02 -7.86 5.82
CA GLN A 38 2.12 -7.69 4.88
C GLN A 38 1.88 -8.47 3.59
N GLU A 39 0.73 -8.25 2.97
CA GLU A 39 0.38 -8.94 1.74
C GLU A 39 0.49 -8.00 0.55
N VAL A 40 1.25 -8.44 -0.47
CA VAL A 40 1.43 -7.64 -1.67
C VAL A 40 0.13 -6.98 -2.11
N LEU A 41 0.13 -5.66 -2.18
CA LEU A 41 -1.05 -4.91 -2.58
C LEU A 41 -0.81 -4.21 -3.92
N ALA A 42 -0.14 -4.91 -4.83
CA ALA A 42 0.14 -4.35 -6.14
C ALA A 42 -0.92 -4.76 -7.15
N ASP A 43 -1.44 -5.98 -7.00
CA ASP A 43 -2.47 -6.49 -7.89
C ASP A 43 -3.83 -6.49 -7.21
N ILE A 44 -3.87 -7.02 -5.98
CA ILE A 44 -5.11 -7.08 -5.22
C ILE A 44 -5.58 -5.69 -4.80
N GLY A 45 -4.62 -4.76 -4.71
CA GLY A 45 -4.96 -3.40 -4.33
C GLY A 45 -4.83 -3.18 -2.84
N PHE A 46 -4.95 -1.92 -2.40
CA PHE A 46 -4.85 -1.59 -1.00
C PHE A 46 -6.02 -0.70 -0.56
N VAL A 47 -6.13 -0.48 0.74
CA VAL A 47 -7.19 0.35 1.29
C VAL A 47 -6.67 1.35 2.31
N LYS A 48 -6.54 2.60 1.90
CA LYS A 48 -6.04 3.65 2.77
C LYS A 48 -6.79 3.65 4.10
N ASN A 49 -6.04 3.74 5.20
CA ASN A 49 -6.64 3.76 6.53
C ASN A 49 -5.63 4.17 7.58
N ALA A 50 -5.86 5.33 8.20
CA ALA A 50 -4.95 5.85 9.22
C ALA A 50 -3.54 6.01 8.68
N GLY A 51 -3.44 6.57 7.47
CA GLY A 51 -2.14 6.78 6.87
C GLY A 51 -1.39 5.48 6.63
N ARG A 52 -2.13 4.38 6.55
CA ARG A 52 -1.53 3.07 6.35
C ARG A 52 -2.16 2.37 5.15
N HIS A 53 -1.45 1.38 4.59
CA HIS A 53 -1.95 0.63 3.44
C HIS A 53 -2.28 -0.81 3.84
N LEU A 54 -3.56 -1.11 3.93
CA LEU A 54 -4.02 -2.45 4.30
C LEU A 54 -4.68 -3.14 3.11
N CYS A 55 -5.03 -4.42 3.29
CA CYS A 55 -5.67 -5.19 2.24
C CYS A 55 -7.15 -5.39 2.55
N ARG A 56 -7.96 -5.49 1.50
CA ARG A 56 -9.40 -5.67 1.64
C ARG A 56 -9.70 -6.61 2.82
N PRO A 57 -9.06 -7.78 2.83
CA PRO A 57 -9.24 -8.78 3.89
C PRO A 57 -9.15 -8.17 5.28
N CYS A 58 -8.01 -7.55 5.57
CA CYS A 58 -7.80 -6.92 6.87
C CYS A 58 -8.75 -5.74 7.08
N HIS A 59 -8.57 -4.70 6.27
CA HIS A 59 -9.41 -3.51 6.35
C HIS A 59 -10.86 -3.89 6.61
N ASN A 60 -11.31 -4.98 5.99
CA ASN A 60 -12.68 -5.45 6.14
C ASN A 60 -12.91 -5.96 7.57
N ARG A 61 -11.98 -6.76 8.06
CA ARG A 61 -12.09 -7.32 9.41
C ARG A 61 -12.20 -6.21 10.45
N GLU A 62 -11.36 -5.19 10.30
CA GLU A 62 -11.36 -4.06 11.22
C GLU A 62 -12.62 -3.21 11.06
N LYS A 63 -12.80 -2.64 9.88
CA LYS A 63 -13.96 -1.82 9.59
C LYS A 63 -15.25 -2.55 9.95
N ALA A 64 -15.27 -3.86 9.73
CA ALA A 64 -16.43 -4.66 10.04
C ALA A 64 -17.14 -4.16 11.29
N SER A 65 -16.38 -4.01 12.38
CA SER A 65 -16.93 -3.54 13.64
C SER A 65 -17.34 -2.07 13.54
N GLY A 66 -18.41 -1.72 14.25
CA GLY A 66 -18.89 -0.34 14.23
C GLY A 66 -20.30 -0.21 14.74
N PRO A 67 -20.88 0.99 14.62
CA PRO A 67 -22.25 1.28 15.07
C PRO A 67 -23.30 0.56 14.22
N SER A 68 -24.56 0.74 14.59
CA SER A 68 -25.66 0.12 13.86
C SER A 68 -25.65 0.54 12.40
N SER A 69 -25.31 -0.40 11.52
CA SER A 69 -25.26 -0.13 10.08
C SER A 69 -26.09 -1.15 9.31
N GLY A 70 -27.23 -0.71 8.81
CA GLY A 70 -28.11 -1.60 8.05
C GLY A 70 -27.33 -2.48 7.10
N GLY A 1 22.35 11.80 -2.95
CA GLY A 1 22.11 10.43 -2.55
C GLY A 1 20.63 10.10 -2.42
N SER A 2 20.25 8.92 -2.88
CA SER A 2 18.86 8.49 -2.82
C SER A 2 17.96 9.46 -3.57
N SER A 3 18.42 9.90 -4.74
CA SER A 3 17.66 10.84 -5.56
C SER A 3 16.92 10.11 -6.68
N GLY A 4 15.60 10.08 -6.58
CA GLY A 4 14.79 9.42 -7.58
C GLY A 4 13.37 9.97 -7.66
N SER A 5 12.92 10.25 -8.88
CA SER A 5 11.58 10.80 -9.08
C SER A 5 10.52 9.72 -8.87
N SER A 6 10.76 8.53 -9.44
CA SER A 6 9.84 7.43 -9.32
C SER A 6 10.44 6.28 -8.51
N GLY A 7 11.28 6.64 -7.54
CA GLY A 7 11.92 5.64 -6.70
C GLY A 7 11.01 5.15 -5.59
N CYS A 8 11.23 3.91 -5.16
CA CYS A 8 10.43 3.33 -4.09
C CYS A 8 10.66 4.04 -2.76
N HIS A 9 9.61 4.16 -1.97
CA HIS A 9 9.71 4.82 -0.67
C HIS A 9 10.00 3.81 0.43
N GLN A 10 9.37 2.64 0.35
CA GLN A 10 9.56 1.59 1.34
C GLN A 10 11.04 1.41 1.65
N CYS A 11 11.79 0.89 0.68
CA CYS A 11 13.22 0.66 0.85
C CYS A 11 14.03 1.89 0.40
N GLY A 12 13.64 2.45 -0.75
CA GLY A 12 14.34 3.61 -1.26
C GLY A 12 14.95 3.36 -2.63
N GLU A 13 15.45 2.15 -2.84
CA GLU A 13 16.07 1.80 -4.12
C GLU A 13 15.20 2.24 -5.28
N PHE A 14 15.84 2.53 -6.41
CA PHE A 14 15.13 2.97 -7.60
C PHE A 14 14.36 1.82 -8.24
N ILE A 15 13.14 2.09 -8.69
CA ILE A 15 12.32 1.08 -9.32
C ILE A 15 12.57 1.01 -10.82
N ILE A 16 12.78 -0.21 -11.32
CA ILE A 16 13.04 -0.40 -12.75
C ILE A 16 12.15 -1.50 -13.31
N GLY A 17 11.30 -1.12 -14.26
CA GLY A 17 10.40 -2.08 -14.88
C GLY A 17 8.96 -1.88 -14.46
N ARG A 18 8.64 -2.27 -13.23
CA ARG A 18 7.29 -2.13 -12.71
C ARG A 18 7.26 -1.18 -11.52
N VAL A 19 6.45 -0.14 -11.62
CA VAL A 19 6.32 0.85 -10.54
C VAL A 19 4.91 0.85 -9.96
N ILE A 20 4.81 0.57 -8.67
CA ILE A 20 3.52 0.55 -7.99
C ILE A 20 3.20 1.90 -7.39
N LYS A 21 2.31 2.64 -8.03
CA LYS A 21 1.90 3.96 -7.56
C LYS A 21 0.92 3.84 -6.40
N ALA A 22 1.34 4.26 -5.22
CA ALA A 22 0.50 4.21 -4.03
C ALA A 22 0.86 5.31 -3.04
N MET A 23 -0.06 5.62 -2.14
CA MET A 23 0.17 6.66 -1.14
C MET A 23 0.89 7.85 -1.74
N ASN A 24 0.43 8.28 -2.91
CA ASN A 24 1.03 9.42 -3.61
C ASN A 24 2.55 9.25 -3.70
N ASN A 25 2.98 8.06 -4.08
CA ASN A 25 4.40 7.77 -4.23
C ASN A 25 4.62 6.43 -4.93
N SER A 26 5.81 6.24 -5.48
CA SER A 26 6.15 5.01 -6.18
C SER A 26 6.70 3.96 -5.21
N TRP A 27 6.44 2.70 -5.51
CA TRP A 27 6.91 1.61 -4.67
C TRP A 27 7.17 0.35 -5.49
N HIS A 28 7.72 -0.68 -4.85
CA HIS A 28 8.03 -1.93 -5.53
C HIS A 28 6.85 -2.90 -5.42
N PRO A 29 6.79 -3.86 -6.35
CA PRO A 29 5.72 -4.87 -6.38
C PRO A 29 5.83 -5.86 -5.22
N GLU A 30 6.84 -5.68 -4.39
CA GLU A 30 7.05 -6.55 -3.24
C GLU A 30 7.12 -5.74 -1.95
N CYS A 31 7.53 -4.48 -2.06
CA CYS A 31 7.64 -3.61 -0.91
C CYS A 31 6.27 -3.22 -0.38
N PHE A 32 5.45 -2.62 -1.26
CA PHE A 32 4.11 -2.20 -0.89
C PHE A 32 3.29 -3.38 -0.38
N ARG A 33 3.30 -3.59 0.93
CA ARG A 33 2.56 -4.68 1.54
C ARG A 33 1.61 -4.16 2.63
N CYS A 34 0.67 -5.00 3.04
CA CYS A 34 -0.28 -4.64 4.07
C CYS A 34 0.43 -4.17 5.34
N ASP A 35 -0.33 -3.58 6.26
CA ASP A 35 0.24 -3.10 7.51
C ASP A 35 -0.16 -4.02 8.67
N LEU A 36 -0.99 -5.00 8.38
CA LEU A 36 -1.45 -5.94 9.40
C LEU A 36 -0.98 -7.36 9.08
N CYS A 37 -0.95 -7.69 7.80
CA CYS A 37 -0.51 -9.01 7.35
C CYS A 37 0.67 -8.91 6.39
N GLN A 38 1.02 -7.67 6.03
CA GLN A 38 2.14 -7.43 5.12
C GLN A 38 1.96 -8.24 3.84
N GLU A 39 0.82 -8.06 3.18
CA GLU A 39 0.54 -8.78 1.94
C GLU A 39 0.67 -7.84 0.74
N VAL A 40 1.40 -8.30 -0.28
CA VAL A 40 1.60 -7.52 -1.48
C VAL A 40 0.32 -6.83 -1.92
N LEU A 41 0.33 -5.50 -1.92
CA LEU A 41 -0.84 -4.72 -2.32
C LEU A 41 -0.63 -4.09 -3.69
N ALA A 42 0.02 -4.82 -4.58
CA ALA A 42 0.28 -4.32 -5.93
C ALA A 42 -0.90 -4.60 -6.85
N ASP A 43 -1.27 -5.87 -6.97
CA ASP A 43 -2.39 -6.26 -7.83
C ASP A 43 -3.71 -6.19 -7.05
N ILE A 44 -3.77 -6.89 -5.93
CA ILE A 44 -4.97 -6.90 -5.10
C ILE A 44 -5.38 -5.48 -4.70
N GLY A 45 -4.39 -4.60 -4.58
CA GLY A 45 -4.66 -3.23 -4.20
C GLY A 45 -4.68 -3.03 -2.70
N PHE A 46 -4.75 -1.78 -2.26
CA PHE A 46 -4.77 -1.46 -0.85
C PHE A 46 -6.00 -0.63 -0.49
N VAL A 47 -6.21 -0.40 0.80
CA VAL A 47 -7.35 0.37 1.28
C VAL A 47 -6.93 1.35 2.37
N LYS A 48 -6.89 2.63 2.01
CA LYS A 48 -6.51 3.68 2.96
C LYS A 48 -7.32 3.57 4.24
N ASN A 49 -6.64 3.51 5.38
CA ASN A 49 -7.30 3.41 6.67
C ASN A 49 -6.40 3.93 7.79
N ALA A 50 -6.92 4.87 8.56
CA ALA A 50 -6.16 5.44 9.67
C ALA A 50 -4.74 5.78 9.24
N GLY A 51 -4.58 6.23 8.00
CA GLY A 51 -3.27 6.59 7.49
C GLY A 51 -2.39 5.37 7.28
N ARG A 52 -3.01 4.24 6.95
CA ARG A 52 -2.27 3.00 6.72
C ARG A 52 -2.86 2.24 5.53
N HIS A 53 -1.98 1.62 4.76
CA HIS A 53 -2.40 0.85 3.59
C HIS A 53 -2.65 -0.61 3.96
N LEU A 54 -3.91 -1.01 3.94
CA LEU A 54 -4.28 -2.37 4.27
C LEU A 54 -4.89 -3.10 3.07
N CYS A 55 -5.04 -4.41 3.18
CA CYS A 55 -5.61 -5.20 2.10
C CYS A 55 -7.09 -5.48 2.34
N ARG A 56 -7.85 -5.61 1.26
CA ARG A 56 -9.28 -5.87 1.35
C ARG A 56 -9.58 -6.77 2.54
N PRO A 57 -8.90 -7.93 2.60
CA PRO A 57 -9.08 -8.90 3.68
C PRO A 57 -9.06 -8.25 5.06
N CYS A 58 -7.90 -7.70 5.44
CA CYS A 58 -7.75 -7.05 6.73
C CYS A 58 -8.75 -5.92 6.89
N HIS A 59 -8.60 -4.87 6.07
CA HIS A 59 -9.49 -3.72 6.11
C HIS A 59 -10.92 -4.16 6.41
N ASN A 60 -11.37 -5.21 5.72
CA ASN A 60 -12.72 -5.72 5.91
C ASN A 60 -12.96 -6.11 7.36
N ARG A 61 -11.97 -6.75 7.96
CA ARG A 61 -12.07 -7.17 9.36
C ARG A 61 -12.15 -5.97 10.29
N GLU A 62 -11.33 -4.96 10.02
CA GLU A 62 -11.30 -3.74 10.83
C GLU A 62 -12.64 -3.02 10.76
N LYS A 63 -13.04 -2.65 9.55
CA LYS A 63 -14.30 -1.94 9.34
C LYS A 63 -15.48 -2.76 9.88
N ALA A 64 -15.35 -4.09 9.82
CA ALA A 64 -16.40 -4.98 10.30
C ALA A 64 -16.59 -4.83 11.81
N SER A 65 -15.51 -4.97 12.55
CA SER A 65 -15.56 -4.86 14.01
C SER A 65 -16.56 -3.78 14.43
N GLY A 66 -16.41 -2.59 13.86
CA GLY A 66 -17.30 -1.50 14.19
C GLY A 66 -17.38 -0.46 13.09
N PRO A 67 -18.41 0.40 13.15
CA PRO A 67 -18.62 1.46 12.16
C PRO A 67 -17.57 2.56 12.25
N SER A 68 -16.63 2.54 11.31
CA SER A 68 -15.56 3.54 11.28
C SER A 68 -16.08 4.88 10.75
N SER A 69 -15.21 5.87 10.75
CA SER A 69 -15.57 7.21 10.28
C SER A 69 -14.50 7.77 9.36
N GLY A 70 -14.94 8.51 8.33
CA GLY A 70 -14.00 9.08 7.39
C GLY A 70 -14.25 10.57 7.17
N GLY A 1 11.26 21.36 -5.04
CA GLY A 1 11.58 21.83 -6.38
C GLY A 1 11.33 20.78 -7.44
N SER A 2 11.48 21.18 -8.71
CA SER A 2 11.27 20.26 -9.82
C SER A 2 11.91 18.90 -9.55
N SER A 3 11.13 17.84 -9.69
CA SER A 3 11.63 16.49 -9.47
C SER A 3 11.10 15.52 -10.52
N GLY A 4 11.98 14.65 -11.01
CA GLY A 4 11.58 13.69 -12.02
C GLY A 4 12.22 12.33 -11.81
N SER A 5 12.09 11.80 -10.60
CA SER A 5 12.68 10.50 -10.28
C SER A 5 11.72 9.69 -9.40
N SER A 6 11.17 8.63 -9.97
CA SER A 6 10.25 7.76 -9.24
C SER A 6 10.99 6.64 -8.53
N GLY A 7 11.11 6.77 -7.21
CA GLY A 7 11.80 5.75 -6.44
C GLY A 7 10.94 5.19 -5.31
N CYS A 8 11.09 3.90 -5.05
CA CYS A 8 10.33 3.25 -3.99
C CYS A 8 10.54 3.94 -2.65
N HIS A 9 9.48 4.06 -1.87
CA HIS A 9 9.55 4.70 -0.56
C HIS A 9 9.85 3.67 0.53
N GLN A 10 9.27 2.49 0.40
CA GLN A 10 9.46 1.43 1.38
C GLN A 10 10.95 1.24 1.69
N CYS A 11 11.68 0.68 0.74
CA CYS A 11 13.11 0.45 0.91
C CYS A 11 13.91 1.68 0.50
N GLY A 12 13.50 2.31 -0.61
CA GLY A 12 14.19 3.48 -1.08
C GLY A 12 14.78 3.29 -2.46
N GLU A 13 15.28 2.08 -2.72
CA GLU A 13 15.88 1.76 -4.01
C GLU A 13 15.01 2.26 -5.16
N PHE A 14 15.64 2.57 -6.29
CA PHE A 14 14.92 3.06 -7.45
C PHE A 14 14.21 1.91 -8.18
N ILE A 15 12.98 2.17 -8.61
CA ILE A 15 12.19 1.17 -9.31
C ILE A 15 12.47 1.20 -10.81
N ILE A 16 12.76 0.02 -11.38
CA ILE A 16 13.04 -0.09 -12.80
C ILE A 16 12.17 -1.15 -13.45
N GLY A 17 11.19 -0.71 -14.24
CA GLY A 17 10.31 -1.65 -14.92
C GLY A 17 8.86 -1.49 -14.48
N ARG A 18 8.57 -1.94 -13.25
CA ARG A 18 7.22 -1.85 -12.71
C ARG A 18 7.18 -0.95 -11.47
N VAL A 19 6.40 0.13 -11.55
CA VAL A 19 6.28 1.06 -10.45
C VAL A 19 4.86 1.05 -9.88
N ILE A 20 4.74 0.66 -8.62
CA ILE A 20 3.44 0.62 -7.96
C ILE A 20 3.11 1.95 -7.31
N LYS A 21 2.17 2.68 -7.91
CA LYS A 21 1.75 3.98 -7.39
C LYS A 21 0.73 3.82 -6.29
N ALA A 22 1.08 4.24 -5.08
CA ALA A 22 0.18 4.14 -3.93
C ALA A 22 0.52 5.19 -2.88
N MET A 23 -0.37 5.37 -1.92
CA MET A 23 -0.17 6.34 -0.85
C MET A 23 0.49 7.60 -1.39
N ASN A 24 0.17 7.95 -2.64
CA ASN A 24 0.73 9.14 -3.27
C ASN A 24 2.24 9.03 -3.38
N ASN A 25 2.73 7.87 -3.81
CA ASN A 25 4.16 7.64 -3.96
C ASN A 25 4.42 6.35 -4.72
N SER A 26 5.65 6.20 -5.22
CA SER A 26 6.03 5.01 -5.97
C SER A 26 6.58 3.93 -5.04
N TRP A 27 6.32 2.68 -5.39
CA TRP A 27 6.79 1.55 -4.58
C TRP A 27 7.04 0.33 -5.45
N HIS A 28 7.65 -0.70 -4.87
CA HIS A 28 7.94 -1.93 -5.58
C HIS A 28 6.76 -2.90 -5.51
N PRO A 29 6.72 -3.85 -6.47
CA PRO A 29 5.66 -4.84 -6.54
C PRO A 29 5.75 -5.86 -5.40
N GLU A 30 6.74 -5.70 -4.54
CA GLU A 30 6.93 -6.60 -3.42
C GLU A 30 7.04 -5.83 -2.11
N CYS A 31 7.49 -4.58 -2.20
CA CYS A 31 7.64 -3.74 -1.02
C CYS A 31 6.27 -3.32 -0.48
N PHE A 32 5.44 -2.76 -1.35
CA PHE A 32 4.10 -2.32 -0.96
C PHE A 32 3.28 -3.48 -0.44
N ARG A 33 3.30 -3.67 0.88
CA ARG A 33 2.56 -4.75 1.52
C ARG A 33 1.62 -4.20 2.59
N CYS A 34 0.72 -5.06 3.07
CA CYS A 34 -0.24 -4.66 4.09
C CYS A 34 0.47 -4.19 5.35
N ASP A 35 -0.28 -3.56 6.25
CA ASP A 35 0.29 -3.06 7.50
C ASP A 35 -0.15 -3.94 8.67
N LEU A 36 -0.95 -4.96 8.38
CA LEU A 36 -1.41 -5.87 9.42
C LEU A 36 -0.98 -7.30 9.13
N CYS A 37 -0.89 -7.64 7.85
CA CYS A 37 -0.47 -8.98 7.44
C CYS A 37 0.71 -8.91 6.47
N GLN A 38 1.06 -7.69 6.07
CA GLN A 38 2.18 -7.49 5.16
C GLN A 38 1.99 -8.31 3.88
N GLU A 39 0.83 -8.13 3.24
CA GLU A 39 0.52 -8.86 2.01
C GLU A 39 0.68 -7.95 0.80
N VAL A 40 1.41 -8.44 -0.21
CA VAL A 40 1.63 -7.68 -1.44
C VAL A 40 0.34 -7.02 -1.91
N LEU A 41 0.32 -5.69 -1.88
CA LEU A 41 -0.84 -4.93 -2.31
C LEU A 41 -0.61 -4.33 -3.69
N ALA A 42 -0.06 -5.12 -4.60
CA ALA A 42 0.22 -4.68 -5.96
C ALA A 42 -0.94 -5.05 -6.89
N ASP A 43 -1.23 -6.34 -6.96
CA ASP A 43 -2.31 -6.84 -7.82
C ASP A 43 -3.65 -6.80 -7.09
N ILE A 44 -3.61 -7.09 -5.79
CA ILE A 44 -4.83 -7.09 -4.99
C ILE A 44 -5.24 -5.67 -4.62
N GLY A 45 -4.27 -4.75 -4.63
CA GLY A 45 -4.56 -3.36 -4.30
C GLY A 45 -4.54 -3.11 -2.81
N PHE A 46 -4.61 -1.84 -2.42
CA PHE A 46 -4.60 -1.46 -1.02
C PHE A 46 -5.82 -0.62 -0.66
N VAL A 47 -6.03 -0.40 0.62
CA VAL A 47 -7.16 0.39 1.10
C VAL A 47 -6.74 1.39 2.16
N LYS A 48 -6.57 2.65 1.75
CA LYS A 48 -6.16 3.70 2.67
C LYS A 48 -7.00 3.67 3.94
N ASN A 49 -6.34 3.52 5.08
CA ASN A 49 -7.02 3.49 6.36
C ASN A 49 -6.14 4.06 7.47
N ALA A 50 -6.71 4.97 8.26
CA ALA A 50 -5.98 5.59 9.36
C ALA A 50 -4.55 5.96 8.93
N GLY A 51 -4.37 6.21 7.63
CA GLY A 51 -3.06 6.57 7.12
C GLY A 51 -2.15 5.37 7.00
N ARG A 52 -2.71 4.23 6.62
CA ARG A 52 -1.93 3.01 6.48
C ARG A 52 -2.46 2.17 5.31
N HIS A 53 -1.54 1.57 4.55
CA HIS A 53 -1.91 0.74 3.41
C HIS A 53 -2.26 -0.67 3.86
N LEU A 54 -3.54 -1.02 3.77
CA LEU A 54 -4.00 -2.34 4.17
C LEU A 54 -4.62 -3.08 2.99
N CYS A 55 -4.90 -4.36 3.18
CA CYS A 55 -5.49 -5.18 2.13
C CYS A 55 -6.98 -5.40 2.37
N ARG A 56 -7.75 -5.51 1.29
CA ARG A 56 -9.18 -5.71 1.39
C ARG A 56 -9.53 -6.59 2.59
N PRO A 57 -8.88 -7.76 2.67
CA PRO A 57 -9.09 -8.71 3.77
C PRO A 57 -9.05 -8.04 5.13
N CYS A 58 -7.89 -7.53 5.51
CA CYS A 58 -7.72 -6.86 6.79
C CYS A 58 -8.69 -5.69 6.93
N HIS A 59 -8.50 -4.67 6.08
CA HIS A 59 -9.36 -3.49 6.11
C HIS A 59 -10.81 -3.89 6.38
N ASN A 60 -11.23 -5.01 5.82
CA ASN A 60 -12.60 -5.49 5.99
C ASN A 60 -12.84 -5.91 7.44
N ARG A 61 -11.85 -6.57 8.04
CA ARG A 61 -11.95 -7.03 9.41
C ARG A 61 -12.23 -5.86 10.35
N GLU A 62 -11.53 -4.76 10.15
CA GLU A 62 -11.70 -3.57 10.98
C GLU A 62 -13.05 -2.92 10.71
N LYS A 63 -13.21 -2.36 9.51
CA LYS A 63 -14.45 -1.70 9.14
C LYS A 63 -15.65 -2.60 9.42
N ALA A 64 -15.48 -3.90 9.23
CA ALA A 64 -16.54 -4.86 9.48
C ALA A 64 -17.43 -4.41 10.64
N SER A 65 -16.84 -4.34 11.84
CA SER A 65 -17.57 -3.94 13.03
C SER A 65 -17.65 -2.41 13.11
N GLY A 66 -18.67 -1.93 13.82
CA GLY A 66 -18.84 -0.49 13.98
C GLY A 66 -20.18 -0.14 14.59
N PRO A 67 -20.86 0.87 13.99
CA PRO A 67 -22.17 1.32 14.47
C PRO A 67 -23.27 0.29 14.23
N SER A 68 -22.86 -0.91 13.85
CA SER A 68 -23.82 -1.99 13.58
C SER A 68 -25.07 -1.85 14.46
N SER A 69 -26.23 -1.91 13.84
CA SER A 69 -27.49 -1.78 14.57
C SER A 69 -28.33 -3.04 14.43
N GLY A 70 -29.38 -3.15 15.25
CA GLY A 70 -30.24 -4.32 15.20
C GLY A 70 -29.50 -5.60 15.50
N GLY A 1 17.02 10.31 -24.67
CA GLY A 1 15.64 9.92 -24.49
C GLY A 1 14.98 10.64 -23.33
N SER A 2 13.79 10.18 -22.96
CA SER A 2 13.05 10.79 -21.86
C SER A 2 13.83 10.71 -20.56
N SER A 3 13.58 11.66 -19.66
CA SER A 3 14.26 11.70 -18.37
C SER A 3 13.26 11.67 -17.22
N GLY A 4 12.84 10.48 -16.84
CA GLY A 4 11.89 10.34 -15.75
C GLY A 4 12.56 10.04 -14.42
N SER A 5 11.83 10.23 -13.33
CA SER A 5 12.37 9.98 -12.00
C SER A 5 11.29 9.42 -11.07
N SER A 6 11.62 8.35 -10.37
CA SER A 6 10.68 7.71 -9.46
C SER A 6 11.36 6.58 -8.69
N GLY A 7 11.29 6.65 -7.36
CA GLY A 7 11.90 5.63 -6.52
C GLY A 7 10.96 5.12 -5.45
N CYS A 8 11.15 3.87 -5.04
CA CYS A 8 10.31 3.27 -4.01
C CYS A 8 10.53 3.95 -2.66
N HIS A 9 9.46 4.06 -1.88
CA HIS A 9 9.53 4.68 -0.56
C HIS A 9 9.81 3.65 0.52
N GLN A 10 9.18 2.49 0.39
CA GLN A 10 9.37 1.40 1.36
C GLN A 10 10.84 1.23 1.69
N CYS A 11 11.61 0.76 0.72
CA CYS A 11 13.04 0.54 0.92
C CYS A 11 13.84 1.77 0.52
N GLY A 12 13.49 2.36 -0.62
CA GLY A 12 14.19 3.54 -1.08
C GLY A 12 14.82 3.33 -2.45
N GLU A 13 15.31 2.12 -2.68
CA GLU A 13 15.96 1.79 -3.95
C GLU A 13 15.11 2.27 -5.13
N PHE A 14 15.77 2.57 -6.24
CA PHE A 14 15.09 3.04 -7.44
C PHE A 14 14.33 1.90 -8.11
N ILE A 15 13.11 2.20 -8.57
CA ILE A 15 12.29 1.19 -9.23
C ILE A 15 12.59 1.13 -10.72
N ILE A 16 12.81 -0.09 -11.23
CA ILE A 16 13.11 -0.28 -12.64
C ILE A 16 12.22 -1.37 -13.24
N GLY A 17 11.36 -0.97 -14.18
CA GLY A 17 10.47 -1.91 -14.82
C GLY A 17 9.02 -1.70 -14.43
N ARG A 18 8.67 -2.11 -13.21
CA ARG A 18 7.30 -1.98 -12.72
C ARG A 18 7.26 -1.05 -11.52
N VAL A 19 6.46 0.02 -11.62
CA VAL A 19 6.32 0.98 -10.54
C VAL A 19 4.91 0.97 -9.97
N ILE A 20 4.81 0.69 -8.66
CA ILE A 20 3.52 0.64 -8.00
C ILE A 20 3.16 1.99 -7.40
N LYS A 21 2.21 2.68 -8.02
CA LYS A 21 1.77 3.99 -7.55
C LYS A 21 0.75 3.85 -6.43
N ALA A 22 1.11 4.31 -5.23
CA ALA A 22 0.23 4.24 -4.08
C ALA A 22 0.56 5.33 -3.07
N MET A 23 -0.38 5.58 -2.16
CA MET A 23 -0.19 6.60 -1.13
C MET A 23 0.49 7.85 -1.71
N ASN A 24 0.20 8.13 -2.98
CA ASN A 24 0.78 9.28 -3.66
C ASN A 24 2.30 9.16 -3.74
N ASN A 25 2.77 7.97 -4.10
CA ASN A 25 4.20 7.71 -4.22
C ASN A 25 4.46 6.40 -4.95
N SER A 26 5.69 6.24 -5.44
CA SER A 26 6.06 5.03 -6.16
C SER A 26 6.61 3.98 -5.22
N TRP A 27 6.36 2.71 -5.54
CA TRP A 27 6.83 1.61 -4.71
C TRP A 27 7.09 0.36 -5.55
N HIS A 28 7.67 -0.65 -4.94
CA HIS A 28 7.97 -1.91 -5.64
C HIS A 28 6.78 -2.86 -5.56
N PRO A 29 6.73 -3.81 -6.51
CA PRO A 29 5.65 -4.80 -6.58
C PRO A 29 5.72 -5.81 -5.44
N GLU A 30 6.73 -5.67 -4.59
CA GLU A 30 6.93 -6.57 -3.46
C GLU A 30 6.96 -5.80 -2.15
N CYS A 31 7.45 -4.57 -2.20
CA CYS A 31 7.54 -3.72 -1.02
C CYS A 31 6.15 -3.36 -0.51
N PHE A 32 5.41 -2.61 -1.32
CA PHE A 32 4.05 -2.19 -0.96
C PHE A 32 3.24 -3.37 -0.42
N ARG A 33 3.33 -3.59 0.88
CA ARG A 33 2.61 -4.68 1.52
C ARG A 33 1.65 -4.15 2.59
N CYS A 34 0.74 -5.00 3.04
CA CYS A 34 -0.23 -4.63 4.06
C CYS A 34 0.47 -4.21 5.35
N ASP A 35 -0.23 -3.43 6.17
CA ASP A 35 0.33 -2.97 7.44
C ASP A 35 -0.22 -3.78 8.61
N LEU A 36 -0.86 -4.90 8.29
CA LEU A 36 -1.43 -5.77 9.30
C LEU A 36 -1.02 -7.23 9.07
N CYS A 37 -0.90 -7.60 7.80
CA CYS A 37 -0.51 -8.96 7.43
C CYS A 37 0.70 -8.95 6.51
N GLN A 38 1.06 -7.77 6.03
CA GLN A 38 2.21 -7.62 5.13
C GLN A 38 1.98 -8.39 3.84
N GLU A 39 0.87 -8.11 3.17
CA GLU A 39 0.54 -8.78 1.91
C GLU A 39 0.70 -7.84 0.73
N VAL A 40 1.39 -8.31 -0.31
CA VAL A 40 1.61 -7.50 -1.50
C VAL A 40 0.32 -6.84 -1.96
N LEU A 41 0.29 -5.50 -1.90
CA LEU A 41 -0.88 -4.74 -2.32
C LEU A 41 -0.67 -4.12 -3.69
N ALA A 42 -0.07 -4.89 -4.60
CA ALA A 42 0.18 -4.42 -5.95
C ALA A 42 -0.95 -4.82 -6.90
N ASP A 43 -1.29 -6.11 -6.89
CA ASP A 43 -2.35 -6.63 -7.74
C ASP A 43 -3.70 -6.56 -7.04
N ILE A 44 -3.74 -7.03 -5.79
CA ILE A 44 -4.97 -7.02 -5.02
C ILE A 44 -5.39 -5.60 -4.67
N GLY A 45 -4.41 -4.72 -4.43
CA GLY A 45 -4.70 -3.34 -4.10
C GLY A 45 -4.72 -3.11 -2.60
N PHE A 46 -4.61 -1.84 -2.20
CA PHE A 46 -4.61 -1.48 -0.79
C PHE A 46 -5.84 -0.66 -0.44
N VAL A 47 -6.04 -0.40 0.84
CA VAL A 47 -7.18 0.38 1.31
C VAL A 47 -6.76 1.40 2.36
N LYS A 48 -6.80 2.68 1.98
CA LYS A 48 -6.43 3.76 2.88
C LYS A 48 -7.23 3.69 4.18
N ASN A 49 -6.52 3.47 5.29
CA ASN A 49 -7.18 3.37 6.59
C ASN A 49 -6.24 3.85 7.70
N ALA A 50 -6.71 4.79 8.51
CA ALA A 50 -5.92 5.31 9.61
C ALA A 50 -4.51 5.66 9.15
N GLY A 51 -4.40 6.15 7.92
CA GLY A 51 -3.10 6.52 7.38
C GLY A 51 -2.20 5.32 7.18
N ARG A 52 -2.80 4.16 6.91
CA ARG A 52 -2.04 2.94 6.69
C ARG A 52 -2.59 2.15 5.51
N HIS A 53 -1.70 1.55 4.73
CA HIS A 53 -2.09 0.77 3.57
C HIS A 53 -2.41 -0.67 3.97
N LEU A 54 -3.70 -1.00 3.94
CA LEU A 54 -4.14 -2.35 4.30
C LEU A 54 -4.77 -3.05 3.10
N CYS A 55 -4.99 -4.35 3.22
CA CYS A 55 -5.58 -5.15 2.16
C CYS A 55 -7.06 -5.41 2.43
N ARG A 56 -7.84 -5.53 1.37
CA ARG A 56 -9.27 -5.78 1.49
C ARG A 56 -9.56 -6.71 2.68
N PRO A 57 -8.87 -7.86 2.72
CA PRO A 57 -9.04 -8.84 3.79
C PRO A 57 -8.98 -8.21 5.17
N CYS A 58 -7.83 -7.65 5.53
CA CYS A 58 -7.65 -7.01 6.83
C CYS A 58 -8.65 -5.87 7.00
N HIS A 59 -8.48 -4.81 6.22
CA HIS A 59 -9.36 -3.65 6.28
C HIS A 59 -10.80 -4.09 6.53
N ASN A 60 -11.26 -5.06 5.76
CA ASN A 60 -12.63 -5.57 5.89
C ASN A 60 -12.90 -6.01 7.33
N ARG A 61 -11.93 -6.69 7.92
CA ARG A 61 -12.07 -7.18 9.29
C ARG A 61 -12.30 -6.01 10.26
N GLU A 62 -11.52 -4.95 10.07
CA GLU A 62 -11.64 -3.77 10.94
C GLU A 62 -12.93 -3.01 10.65
N LYS A 63 -13.07 -2.52 9.43
CA LYS A 63 -14.26 -1.78 9.02
C LYS A 63 -15.52 -2.55 9.38
N ALA A 64 -15.46 -3.87 9.24
CA ALA A 64 -16.60 -4.72 9.55
C ALA A 64 -17.40 -4.18 10.73
N SER A 65 -18.50 -3.51 10.43
CA SER A 65 -19.34 -2.92 11.48
C SER A 65 -20.60 -3.77 11.69
N GLY A 66 -20.41 -5.08 11.78
CA GLY A 66 -21.53 -5.97 11.98
C GLY A 66 -22.32 -5.64 13.23
N PRO A 67 -23.61 -6.03 13.24
CA PRO A 67 -24.50 -5.78 14.38
C PRO A 67 -24.12 -6.61 15.60
N SER A 68 -23.08 -7.42 15.47
CA SER A 68 -22.61 -8.27 16.57
C SER A 68 -22.03 -7.43 17.69
N SER A 69 -22.79 -7.26 18.77
CA SER A 69 -22.35 -6.48 19.92
C SER A 69 -21.96 -5.07 19.49
N GLY A 70 -22.82 -4.44 18.70
CA GLY A 70 -22.56 -3.09 18.24
C GLY A 70 -23.46 -2.06 18.89
N GLY A 1 14.37 24.43 -10.80
CA GLY A 1 13.07 24.01 -11.31
C GLY A 1 12.56 22.76 -10.61
N SER A 2 11.50 22.17 -11.18
CA SER A 2 10.91 20.97 -10.61
C SER A 2 11.61 19.71 -11.14
N SER A 3 12.49 19.16 -10.32
CA SER A 3 13.23 17.96 -10.70
C SER A 3 13.02 16.84 -9.69
N GLY A 4 12.34 15.77 -10.13
CA GLY A 4 12.08 14.65 -9.26
C GLY A 4 12.06 13.33 -10.00
N SER A 5 12.55 12.28 -9.36
CA SER A 5 12.59 10.96 -9.97
C SER A 5 11.52 10.05 -9.37
N SER A 6 11.46 8.82 -9.86
CA SER A 6 10.48 7.86 -9.37
C SER A 6 11.17 6.68 -8.68
N GLY A 7 11.24 6.75 -7.35
CA GLY A 7 11.87 5.69 -6.59
C GLY A 7 10.97 5.14 -5.49
N CYS A 8 11.22 3.90 -5.09
CA CYS A 8 10.42 3.26 -4.06
C CYS A 8 10.60 3.96 -2.72
N HIS A 9 9.52 4.05 -1.95
CA HIS A 9 9.56 4.70 -0.65
C HIS A 9 9.85 3.68 0.46
N GLN A 10 9.31 2.48 0.30
CA GLN A 10 9.52 1.42 1.29
C GLN A 10 11.00 1.23 1.59
N CYS A 11 11.71 0.63 0.63
CA CYS A 11 13.14 0.38 0.80
C CYS A 11 13.95 1.61 0.38
N GLY A 12 13.57 2.21 -0.73
CA GLY A 12 14.27 3.39 -1.21
C GLY A 12 14.89 3.18 -2.59
N GLU A 13 15.34 1.95 -2.83
CA GLU A 13 15.97 1.62 -4.11
C GLU A 13 15.12 2.12 -5.28
N PHE A 14 15.78 2.45 -6.38
CA PHE A 14 15.08 2.94 -7.57
C PHE A 14 14.28 1.83 -8.23
N ILE A 15 13.03 2.13 -8.58
CA ILE A 15 12.17 1.15 -9.22
C ILE A 15 12.37 1.15 -10.74
N ILE A 16 12.56 -0.04 -11.31
CA ILE A 16 12.77 -0.17 -12.74
C ILE A 16 11.94 -1.32 -13.30
N GLY A 17 11.04 -1.01 -14.24
CA GLY A 17 10.21 -2.02 -14.84
C GLY A 17 8.76 -1.93 -14.38
N ARG A 18 8.53 -2.30 -13.12
CA ARG A 18 7.18 -2.27 -12.56
C ARG A 18 7.11 -1.30 -11.38
N VAL A 19 6.43 -0.17 -11.59
CA VAL A 19 6.29 0.83 -10.53
C VAL A 19 4.88 0.83 -9.95
N ILE A 20 4.78 0.70 -8.63
CA ILE A 20 3.49 0.69 -7.96
C ILE A 20 3.17 2.05 -7.36
N LYS A 21 2.15 2.71 -7.92
CA LYS A 21 1.74 4.02 -7.43
C LYS A 21 0.75 3.89 -6.29
N ALA A 22 1.12 4.45 -5.13
CA ALA A 22 0.26 4.40 -3.95
C ALA A 22 0.65 5.47 -2.94
N MET A 23 -0.25 5.76 -2.01
CA MET A 23 0.00 6.78 -1.00
C MET A 23 0.68 8.00 -1.59
N ASN A 24 0.41 8.25 -2.87
CA ASN A 24 0.99 9.39 -3.57
C ASN A 24 2.50 9.22 -3.71
N ASN A 25 2.93 8.01 -4.05
CA ASN A 25 4.35 7.71 -4.22
C ASN A 25 4.55 6.38 -4.94
N SER A 26 5.74 6.21 -5.52
CA SER A 26 6.05 4.98 -6.24
C SER A 26 6.66 3.94 -5.31
N TRP A 27 6.37 2.68 -5.57
CA TRP A 27 6.89 1.58 -4.75
C TRP A 27 7.09 0.32 -5.59
N HIS A 28 7.69 -0.70 -4.98
CA HIS A 28 7.95 -1.96 -5.67
C HIS A 28 6.74 -2.89 -5.57
N PRO A 29 6.64 -3.83 -6.51
CA PRO A 29 5.54 -4.80 -6.55
C PRO A 29 5.62 -5.81 -5.42
N GLU A 30 6.65 -5.68 -4.59
CA GLU A 30 6.84 -6.59 -3.46
C GLU A 30 6.93 -5.82 -2.15
N CYS A 31 7.49 -4.61 -2.22
CA CYS A 31 7.64 -3.76 -1.04
C CYS A 31 6.27 -3.38 -0.46
N PHE A 32 5.50 -2.64 -1.26
CA PHE A 32 4.17 -2.21 -0.83
C PHE A 32 3.36 -3.38 -0.31
N ARG A 33 3.39 -3.59 1.01
CA ARG A 33 2.66 -4.67 1.64
C ARG A 33 1.67 -4.13 2.68
N CYS A 34 0.72 -4.97 3.08
CA CYS A 34 -0.28 -4.59 4.06
C CYS A 34 0.38 -4.13 5.36
N ASP A 35 -0.33 -3.31 6.12
CA ASP A 35 0.18 -2.81 7.39
C ASP A 35 -0.35 -3.61 8.56
N LEU A 36 -0.96 -4.75 8.25
CA LEU A 36 -1.52 -5.62 9.28
C LEU A 36 -1.09 -7.07 9.07
N CYS A 37 -0.98 -7.47 7.81
CA CYS A 37 -0.57 -8.83 7.47
C CYS A 37 0.65 -8.81 6.56
N GLN A 38 1.01 -7.63 6.07
CA GLN A 38 2.16 -7.49 5.19
C GLN A 38 1.98 -8.29 3.92
N GLU A 39 0.87 -8.05 3.22
CA GLU A 39 0.57 -8.75 1.98
C GLU A 39 0.74 -7.83 0.77
N VAL A 40 1.53 -8.27 -0.19
CA VAL A 40 1.77 -7.48 -1.40
C VAL A 40 0.49 -6.83 -1.90
N LEU A 41 0.46 -5.50 -1.89
CA LEU A 41 -0.70 -4.75 -2.33
C LEU A 41 -0.46 -4.13 -3.71
N ALA A 42 0.21 -4.88 -4.57
CA ALA A 42 0.51 -4.41 -5.92
C ALA A 42 -0.60 -4.81 -6.90
N ASP A 43 -0.99 -6.07 -6.85
CA ASP A 43 -2.05 -6.57 -7.73
C ASP A 43 -3.41 -6.50 -7.04
N ILE A 44 -3.46 -6.96 -5.80
CA ILE A 44 -4.71 -6.95 -5.04
C ILE A 44 -5.13 -5.52 -4.69
N GLY A 45 -4.14 -4.66 -4.46
CA GLY A 45 -4.43 -3.27 -4.13
C GLY A 45 -4.42 -3.03 -2.63
N PHE A 46 -4.54 -1.77 -2.24
CA PHE A 46 -4.55 -1.40 -0.82
C PHE A 46 -5.81 -0.62 -0.48
N VAL A 47 -5.98 -0.33 0.81
CA VAL A 47 -7.15 0.41 1.28
C VAL A 47 -6.76 1.45 2.33
N LYS A 48 -6.77 2.71 1.93
CA LYS A 48 -6.42 3.80 2.83
C LYS A 48 -7.25 3.74 4.11
N ASN A 49 -6.58 3.66 5.25
CA ASN A 49 -7.26 3.59 6.54
C ASN A 49 -6.32 4.00 7.67
N ALA A 50 -6.77 4.94 8.50
CA ALA A 50 -5.97 5.41 9.62
C ALA A 50 -4.54 5.73 9.18
N GLY A 51 -4.40 6.28 7.97
CA GLY A 51 -3.09 6.61 7.46
C GLY A 51 -2.22 5.39 7.22
N ARG A 52 -2.86 4.27 6.94
CA ARG A 52 -2.15 3.02 6.69
C ARG A 52 -2.76 2.26 5.52
N HIS A 53 -1.91 1.62 4.72
CA HIS A 53 -2.38 0.86 3.57
C HIS A 53 -2.65 -0.59 3.95
N LEU A 54 -3.92 -0.99 3.93
CA LEU A 54 -4.30 -2.35 4.28
C LEU A 54 -4.93 -3.06 3.08
N CYS A 55 -5.04 -4.38 3.17
CA CYS A 55 -5.62 -5.17 2.10
C CYS A 55 -7.10 -5.45 2.36
N ARG A 56 -7.87 -5.59 1.28
CA ARG A 56 -9.30 -5.85 1.40
C ARG A 56 -9.59 -6.77 2.59
N PRO A 57 -8.89 -7.91 2.63
CA PRO A 57 -9.05 -8.90 3.70
C PRO A 57 -9.02 -8.26 5.09
N CYS A 58 -7.88 -7.71 5.46
CA CYS A 58 -7.71 -7.06 6.75
C CYS A 58 -8.74 -5.95 6.94
N HIS A 59 -8.57 -4.87 6.18
CA HIS A 59 -9.47 -3.73 6.25
C HIS A 59 -10.90 -4.19 6.54
N ASN A 60 -11.35 -5.19 5.78
CA ASN A 60 -12.70 -5.72 5.96
C ASN A 60 -12.93 -6.18 7.39
N ARG A 61 -11.96 -6.89 7.94
CA ARG A 61 -12.05 -7.39 9.31
C ARG A 61 -12.31 -6.25 10.29
N GLU A 62 -11.59 -5.14 10.10
CA GLU A 62 -11.74 -3.98 10.97
C GLU A 62 -13.06 -3.28 10.72
N LYS A 63 -13.22 -2.76 9.50
CA LYS A 63 -14.46 -2.06 9.13
C LYS A 63 -15.68 -2.91 9.44
N ALA A 64 -15.54 -4.22 9.30
CA ALA A 64 -16.64 -5.15 9.57
C ALA A 64 -17.48 -4.67 10.75
N SER A 65 -18.79 -4.59 10.55
CA SER A 65 -19.70 -4.14 11.59
C SER A 65 -19.24 -2.81 12.17
N GLY A 66 -18.82 -1.90 11.30
CA GLY A 66 -18.36 -0.60 11.74
C GLY A 66 -19.50 0.37 11.99
N PRO A 67 -19.17 1.58 12.47
CA PRO A 67 -20.17 2.61 12.77
C PRO A 67 -20.80 3.18 11.51
N SER A 68 -20.38 2.66 10.36
CA SER A 68 -20.91 3.13 9.08
C SER A 68 -21.55 1.97 8.31
N SER A 69 -22.88 1.93 8.30
CA SER A 69 -23.60 0.89 7.60
C SER A 69 -23.63 1.15 6.10
N GLY A 70 -22.56 0.74 5.41
CA GLY A 70 -22.48 0.94 3.98
C GLY A 70 -23.35 -0.03 3.21
N GLY A 1 24.62 13.81 -5.20
CA GLY A 1 23.91 12.56 -5.40
C GLY A 1 22.48 12.77 -5.85
N SER A 2 22.14 12.22 -7.01
CA SER A 2 20.80 12.37 -7.56
C SER A 2 20.03 11.04 -7.47
N SER A 3 19.02 11.01 -6.60
CA SER A 3 18.21 9.81 -6.42
C SER A 3 17.12 9.72 -7.49
N GLY A 4 17.51 9.99 -8.73
CA GLY A 4 16.55 9.94 -9.82
C GLY A 4 15.31 10.78 -9.56
N SER A 5 14.18 10.33 -10.09
CA SER A 5 12.93 11.04 -9.91
C SER A 5 11.89 10.16 -9.22
N SER A 6 11.70 8.95 -9.74
CA SER A 6 10.74 8.02 -9.17
C SER A 6 11.46 6.89 -8.42
N GLY A 7 11.28 6.86 -7.11
CA GLY A 7 11.91 5.84 -6.30
C GLY A 7 10.99 5.29 -5.23
N CYS A 8 11.14 4.00 -4.92
CA CYS A 8 10.31 3.35 -3.92
C CYS A 8 10.44 4.06 -2.56
N HIS A 9 9.34 4.14 -1.83
CA HIS A 9 9.33 4.79 -0.53
C HIS A 9 9.61 3.78 0.58
N GLN A 10 9.12 2.56 0.41
CA GLN A 10 9.32 1.50 1.39
C GLN A 10 10.80 1.37 1.74
N CYS A 11 11.57 0.83 0.81
CA CYS A 11 13.00 0.63 1.02
C CYS A 11 13.78 1.89 0.63
N GLY A 12 13.47 2.44 -0.53
CA GLY A 12 14.14 3.63 -1.00
C GLY A 12 14.78 3.44 -2.37
N GLU A 13 15.29 2.24 -2.62
CA GLU A 13 15.93 1.94 -3.89
C GLU A 13 15.09 2.47 -5.06
N PHE A 14 15.73 2.61 -6.22
CA PHE A 14 15.05 3.11 -7.40
C PHE A 14 14.32 1.98 -8.12
N ILE A 15 13.07 2.22 -8.49
CA ILE A 15 12.26 1.23 -9.19
C ILE A 15 12.52 1.26 -10.68
N ILE A 16 12.75 0.08 -11.27
CA ILE A 16 13.01 -0.02 -12.69
C ILE A 16 12.17 -1.14 -13.32
N GLY A 17 11.29 -0.75 -14.24
CA GLY A 17 10.44 -1.72 -14.90
C GLY A 17 8.99 -1.64 -14.46
N ARG A 18 8.71 -2.10 -13.24
CA ARG A 18 7.36 -2.07 -12.70
C ARG A 18 7.28 -1.15 -11.48
N VAL A 19 6.51 -0.08 -11.61
CA VAL A 19 6.35 0.88 -10.52
C VAL A 19 4.93 0.85 -9.98
N ILE A 20 4.80 0.50 -8.70
CA ILE A 20 3.49 0.44 -8.06
C ILE A 20 3.12 1.79 -7.44
N LYS A 21 2.21 2.50 -8.10
CA LYS A 21 1.76 3.80 -7.61
C LYS A 21 0.72 3.64 -6.51
N ALA A 22 1.07 4.10 -5.31
CA ALA A 22 0.16 4.01 -4.17
C ALA A 22 0.48 5.08 -3.13
N MET A 23 -0.46 5.31 -2.21
CA MET A 23 -0.27 6.30 -1.16
C MET A 23 0.37 7.57 -1.73
N ASN A 24 0.05 7.88 -2.98
CA ASN A 24 0.58 9.07 -3.63
C ASN A 24 2.11 8.99 -3.73
N ASN A 25 2.62 7.81 -4.07
CA ASN A 25 4.06 7.60 -4.21
C ASN A 25 4.34 6.29 -4.92
N SER A 26 5.58 6.15 -5.41
CA SER A 26 5.99 4.95 -6.12
C SER A 26 6.52 3.90 -5.15
N TRP A 27 6.32 2.63 -5.48
CA TRP A 27 6.78 1.54 -4.65
C TRP A 27 7.09 0.30 -5.48
N HIS A 28 7.70 -0.70 -4.85
CA HIS A 28 8.04 -1.94 -5.53
C HIS A 28 6.89 -2.94 -5.49
N PRO A 29 6.88 -3.89 -6.43
CA PRO A 29 5.84 -4.92 -6.51
C PRO A 29 5.93 -5.92 -5.37
N GLU A 30 6.93 -5.75 -4.50
CA GLU A 30 7.12 -6.64 -3.36
C GLU A 30 7.14 -5.85 -2.05
N CYS A 31 7.52 -4.58 -2.14
CA CYS A 31 7.59 -3.72 -0.97
C CYS A 31 6.18 -3.38 -0.47
N PHE A 32 5.41 -2.71 -1.32
CA PHE A 32 4.05 -2.33 -0.97
C PHE A 32 3.26 -3.51 -0.44
N ARG A 33 3.18 -3.62 0.89
CA ARG A 33 2.46 -4.71 1.52
C ARG A 33 1.49 -4.18 2.57
N CYS A 34 0.62 -5.06 3.08
CA CYS A 34 -0.36 -4.68 4.08
C CYS A 34 0.34 -4.28 5.39
N ASP A 35 -0.36 -3.49 6.20
CA ASP A 35 0.18 -3.04 7.47
C ASP A 35 -0.37 -3.88 8.63
N LEU A 36 -1.00 -5.00 8.29
CA LEU A 36 -1.58 -5.89 9.30
C LEU A 36 -1.16 -7.34 9.04
N CYS A 37 -1.06 -7.70 7.76
CA CYS A 37 -0.67 -9.05 7.38
C CYS A 37 0.54 -9.03 6.44
N GLN A 38 0.91 -7.83 5.99
CA GLN A 38 2.04 -7.68 5.09
C GLN A 38 1.82 -8.45 3.80
N GLU A 39 0.71 -8.19 3.13
CA GLU A 39 0.38 -8.87 1.89
C GLU A 39 0.56 -7.93 0.69
N VAL A 40 1.31 -8.40 -0.31
CA VAL A 40 1.55 -7.60 -1.51
C VAL A 40 0.27 -6.95 -2.00
N LEU A 41 0.23 -5.62 -1.92
CA LEU A 41 -0.94 -4.86 -2.37
C LEU A 41 -0.68 -4.20 -3.72
N ALA A 42 -0.01 -4.92 -4.60
CA ALA A 42 0.30 -4.41 -5.93
C ALA A 42 -0.84 -4.68 -6.90
N ASP A 43 -1.20 -5.94 -7.06
CA ASP A 43 -2.28 -6.33 -7.96
C ASP A 43 -3.62 -6.34 -7.23
N ILE A 44 -3.66 -6.99 -6.07
CA ILE A 44 -4.87 -7.06 -5.28
C ILE A 44 -5.36 -5.67 -4.88
N GLY A 45 -4.42 -4.74 -4.77
CA GLY A 45 -4.77 -3.37 -4.40
C GLY A 45 -4.71 -3.16 -2.89
N PHE A 46 -4.78 -1.89 -2.49
CA PHE A 46 -4.73 -1.55 -1.07
C PHE A 46 -5.92 -0.67 -0.68
N VAL A 47 -6.10 -0.46 0.62
CA VAL A 47 -7.19 0.35 1.12
C VAL A 47 -6.71 1.33 2.19
N LYS A 48 -6.62 2.60 1.82
CA LYS A 48 -6.17 3.64 2.76
C LYS A 48 -6.93 3.54 4.07
N ASN A 49 -6.21 3.74 5.18
CA ASN A 49 -6.82 3.68 6.51
C ASN A 49 -5.84 4.18 7.57
N ALA A 50 -6.18 5.31 8.18
CA ALA A 50 -5.34 5.89 9.23
C ALA A 50 -3.91 6.07 8.74
N GLY A 51 -3.76 6.50 7.49
CA GLY A 51 -2.44 6.69 6.93
C GLY A 51 -1.67 5.40 6.80
N ARG A 52 -2.39 4.29 6.62
CA ARG A 52 -1.77 2.98 6.49
C ARG A 52 -2.37 2.22 5.31
N HIS A 53 -1.54 1.42 4.65
CA HIS A 53 -1.98 0.62 3.50
C HIS A 53 -2.40 -0.78 3.95
N LEU A 54 -3.69 -1.05 3.88
CA LEU A 54 -4.21 -2.35 4.28
C LEU A 54 -4.87 -3.05 3.08
N CYS A 55 -5.10 -4.35 3.23
CA CYS A 55 -5.73 -5.14 2.17
C CYS A 55 -7.20 -5.38 2.47
N ARG A 56 -8.01 -5.51 1.42
CA ARG A 56 -9.44 -5.74 1.57
C ARG A 56 -9.71 -6.67 2.74
N PRO A 57 -9.03 -7.83 2.75
CA PRO A 57 -9.18 -8.84 3.81
C PRO A 57 -9.11 -8.22 5.20
N CYS A 58 -7.99 -7.57 5.51
CA CYS A 58 -7.80 -6.94 6.80
C CYS A 58 -8.76 -5.77 6.99
N HIS A 59 -8.57 -4.72 6.20
CA HIS A 59 -9.41 -3.54 6.27
C HIS A 59 -10.87 -3.93 6.55
N ASN A 60 -11.28 -5.07 6.00
CA ASN A 60 -12.65 -5.55 6.17
C ASN A 60 -12.87 -6.02 7.60
N ARG A 61 -11.90 -6.74 8.15
CA ARG A 61 -11.99 -7.26 9.50
C ARG A 61 -12.11 -6.12 10.51
N GLU A 62 -11.44 -5.01 10.22
CA GLU A 62 -11.47 -3.84 11.09
C GLU A 62 -12.84 -3.16 11.04
N LYS A 63 -13.16 -2.59 9.89
CA LYS A 63 -14.44 -1.90 9.70
C LYS A 63 -15.59 -2.79 10.14
N ALA A 64 -15.43 -4.10 9.98
CA ALA A 64 -16.46 -5.05 10.37
C ALA A 64 -17.06 -4.70 11.73
N SER A 65 -18.31 -4.27 11.72
CA SER A 65 -18.99 -3.91 12.97
C SER A 65 -20.08 -4.91 13.30
N GLY A 66 -21.10 -4.99 12.44
CA GLY A 66 -22.19 -5.92 12.67
C GLY A 66 -23.36 -5.27 13.38
N PRO A 67 -24.00 -6.03 14.28
CA PRO A 67 -25.16 -5.55 15.05
C PRO A 67 -24.76 -4.49 16.08
N SER A 68 -25.19 -3.26 15.85
CA SER A 68 -24.88 -2.15 16.76
C SER A 68 -25.19 -2.54 18.20
N SER A 69 -26.39 -3.09 18.43
CA SER A 69 -26.80 -3.49 19.76
C SER A 69 -25.79 -4.45 20.38
N GLY A 70 -25.48 -5.51 19.64
CA GLY A 70 -24.53 -6.49 20.13
C GLY A 70 -24.78 -6.88 21.58
N GLY A 1 10.38 19.99 -2.18
CA GLY A 1 9.10 20.26 -2.81
C GLY A 1 8.90 19.45 -4.08
N SER A 2 9.54 19.88 -5.16
CA SER A 2 9.43 19.19 -6.43
C SER A 2 10.58 18.21 -6.63
N SER A 3 10.31 16.93 -6.41
CA SER A 3 11.34 15.90 -6.55
C SER A 3 10.92 14.87 -7.60
N GLY A 4 11.59 14.89 -8.75
CA GLY A 4 11.27 13.95 -9.80
C GLY A 4 11.99 12.63 -9.64
N SER A 5 11.67 11.92 -8.56
CA SER A 5 12.28 10.63 -8.28
C SER A 5 11.22 9.55 -8.09
N SER A 6 11.16 8.62 -9.03
CA SER A 6 10.18 7.53 -8.97
C SER A 6 10.72 6.37 -8.13
N GLY A 7 11.51 6.70 -7.12
CA GLY A 7 12.08 5.68 -6.25
C GLY A 7 11.07 5.16 -5.24
N CYS A 8 11.27 3.93 -4.80
CA CYS A 8 10.37 3.32 -3.82
C CYS A 8 10.50 4.00 -2.46
N HIS A 9 9.39 4.11 -1.75
CA HIS A 9 9.39 4.74 -0.43
C HIS A 9 9.62 3.71 0.66
N GLN A 10 9.03 2.53 0.51
CA GLN A 10 9.17 1.47 1.49
C GLN A 10 10.63 1.27 1.87
N CYS A 11 11.42 0.72 0.95
CA CYS A 11 12.84 0.49 1.19
C CYS A 11 13.67 1.71 0.82
N GLY A 12 13.38 2.28 -0.35
CA GLY A 12 14.11 3.45 -0.80
C GLY A 12 14.77 3.25 -2.15
N GLU A 13 15.27 2.04 -2.38
CA GLU A 13 15.93 1.72 -3.64
C GLU A 13 15.15 2.27 -4.82
N PHE A 14 15.82 2.41 -5.97
CA PHE A 14 15.17 2.93 -7.17
C PHE A 14 14.42 1.82 -7.90
N ILE A 15 13.19 2.12 -8.31
CA ILE A 15 12.37 1.16 -9.02
C ILE A 15 12.68 1.16 -10.51
N ILE A 16 12.89 -0.03 -11.06
CA ILE A 16 13.19 -0.17 -12.48
C ILE A 16 12.34 -1.25 -13.12
N GLY A 17 11.49 -0.85 -14.07
CA GLY A 17 10.64 -1.80 -14.75
C GLY A 17 9.18 -1.63 -14.37
N ARG A 18 8.82 -2.06 -13.17
CA ARG A 18 7.45 -1.97 -12.69
C ARG A 18 7.36 -1.02 -11.49
N VAL A 19 6.64 0.08 -11.66
CA VAL A 19 6.47 1.06 -10.59
C VAL A 19 5.04 1.06 -10.06
N ILE A 20 4.89 0.68 -8.80
CA ILE A 20 3.57 0.64 -8.17
C ILE A 20 3.22 1.98 -7.54
N LYS A 21 2.39 2.76 -8.24
CA LYS A 21 1.97 4.07 -7.74
C LYS A 21 0.90 3.92 -6.67
N ALA A 22 1.19 4.41 -5.47
CA ALA A 22 0.24 4.35 -4.37
C ALA A 22 0.51 5.45 -3.34
N MET A 23 -0.47 5.72 -2.50
CA MET A 23 -0.34 6.75 -1.49
C MET A 23 0.36 7.98 -2.04
N ASN A 24 0.20 8.22 -3.34
CA ASN A 24 0.82 9.36 -3.99
C ASN A 24 2.34 9.23 -3.98
N ASN A 25 2.82 8.02 -4.27
CA ASN A 25 4.26 7.75 -4.31
C ASN A 25 4.55 6.44 -5.02
N SER A 26 5.80 6.28 -5.47
CA SER A 26 6.20 5.08 -6.18
C SER A 26 6.72 4.02 -5.20
N TRP A 27 6.45 2.76 -5.51
CA TRP A 27 6.88 1.66 -4.66
C TRP A 27 7.17 0.41 -5.49
N HIS A 28 7.65 -0.64 -4.82
CA HIS A 28 7.97 -1.89 -5.50
C HIS A 28 6.79 -2.86 -5.45
N PRO A 29 6.76 -3.80 -6.40
CA PRO A 29 5.69 -4.81 -6.48
C PRO A 29 5.75 -5.82 -5.34
N GLU A 30 6.75 -5.67 -4.47
CA GLU A 30 6.91 -6.56 -3.34
C GLU A 30 6.95 -5.78 -2.02
N CYS A 31 7.26 -4.49 -2.12
CA CYS A 31 7.34 -3.63 -0.95
C CYS A 31 5.94 -3.21 -0.49
N PHE A 32 5.19 -2.58 -1.39
CA PHE A 32 3.84 -2.14 -1.08
C PHE A 32 2.99 -3.30 -0.56
N ARG A 33 3.13 -3.61 0.72
CA ARG A 33 2.38 -4.69 1.33
C ARG A 33 1.46 -4.17 2.44
N CYS A 34 0.58 -5.03 2.92
CA CYS A 34 -0.36 -4.65 3.98
C CYS A 34 0.39 -4.17 5.22
N ASP A 35 -0.34 -3.57 6.14
CA ASP A 35 0.24 -3.06 7.38
C ASP A 35 -0.11 -3.96 8.55
N LEU A 36 -0.87 -5.02 8.28
CA LEU A 36 -1.27 -5.96 9.31
C LEU A 36 -0.80 -7.37 8.98
N CYS A 37 -0.84 -7.73 7.71
CA CYS A 37 -0.42 -9.05 7.25
C CYS A 37 0.73 -8.94 6.25
N GLN A 38 1.07 -7.70 5.88
CA GLN A 38 2.15 -7.47 4.93
C GLN A 38 1.92 -8.25 3.64
N GLU A 39 0.75 -8.07 3.04
CA GLU A 39 0.42 -8.76 1.80
C GLU A 39 0.53 -7.82 0.60
N VAL A 40 1.40 -8.18 -0.34
CA VAL A 40 1.61 -7.38 -1.54
C VAL A 40 0.29 -6.87 -2.09
N LEU A 41 0.09 -5.55 -2.01
CA LEU A 41 -1.15 -4.94 -2.50
C LEU A 41 -0.90 -4.27 -3.85
N ALA A 42 -0.10 -4.91 -4.69
CA ALA A 42 0.20 -4.38 -6.02
C ALA A 42 -0.97 -4.56 -6.97
N ASP A 43 -1.48 -5.79 -7.04
CA ASP A 43 -2.60 -6.10 -7.91
C ASP A 43 -3.90 -6.20 -7.11
N ILE A 44 -3.90 -7.05 -6.09
CA ILE A 44 -5.07 -7.25 -5.24
C ILE A 44 -5.66 -5.91 -4.82
N GLY A 45 -4.84 -4.86 -4.88
CA GLY A 45 -5.30 -3.54 -4.49
C GLY A 45 -5.14 -3.28 -3.01
N PHE A 46 -5.11 -2.01 -2.62
CA PHE A 46 -4.96 -1.63 -1.23
C PHE A 46 -6.15 -0.79 -0.76
N VAL A 47 -6.21 -0.53 0.54
CA VAL A 47 -7.30 0.25 1.12
C VAL A 47 -6.76 1.31 2.08
N LYS A 48 -6.65 2.54 1.59
CA LYS A 48 -6.15 3.63 2.40
C LYS A 48 -6.95 3.77 3.69
N ASN A 49 -6.26 3.70 4.82
CA ASN A 49 -6.92 3.81 6.12
C ASN A 49 -5.92 4.26 7.20
N ALA A 50 -6.32 5.24 7.99
CA ALA A 50 -5.46 5.75 9.05
C ALA A 50 -4.04 5.99 8.56
N GLY A 51 -3.93 6.41 7.30
CA GLY A 51 -2.62 6.67 6.72
C GLY A 51 -1.79 5.41 6.59
N ARG A 52 -2.45 4.28 6.38
CA ARG A 52 -1.77 3.00 6.24
C ARG A 52 -2.40 2.17 5.13
N HIS A 53 -1.56 1.42 4.42
CA HIS A 53 -2.03 0.57 3.32
C HIS A 53 -2.43 -0.80 3.83
N LEU A 54 -3.72 -1.11 3.75
CA LEU A 54 -4.23 -2.40 4.21
C LEU A 54 -4.93 -3.15 3.06
N CYS A 55 -5.12 -4.44 3.25
CA CYS A 55 -5.78 -5.27 2.24
C CYS A 55 -7.24 -5.51 2.60
N ARG A 56 -8.08 -5.66 1.58
CA ARG A 56 -9.50 -5.90 1.78
C ARG A 56 -9.74 -6.79 3.00
N PRO A 57 -9.05 -7.94 3.03
CA PRO A 57 -9.17 -8.90 4.13
C PRO A 57 -9.05 -8.24 5.49
N CYS A 58 -7.89 -7.65 5.78
CA CYS A 58 -7.64 -6.98 7.04
C CYS A 58 -8.61 -5.81 7.24
N HIS A 59 -8.50 -4.82 6.36
CA HIS A 59 -9.37 -3.65 6.44
C HIS A 59 -10.80 -4.05 6.77
N ASN A 60 -11.30 -5.07 6.09
CA ASN A 60 -12.66 -5.55 6.31
C ASN A 60 -12.81 -6.09 7.73
N ARG A 61 -11.79 -6.80 8.20
CA ARG A 61 -11.81 -7.37 9.55
C ARG A 61 -11.90 -6.27 10.61
N GLU A 62 -11.10 -5.23 10.44
CA GLU A 62 -11.08 -4.11 11.38
C GLU A 62 -12.44 -3.42 11.43
N LYS A 63 -12.81 -2.82 10.30
CA LYS A 63 -14.09 -2.11 10.20
C LYS A 63 -15.23 -2.97 10.73
N ALA A 64 -15.12 -4.28 10.54
CA ALA A 64 -16.13 -5.22 11.00
C ALA A 64 -16.70 -4.79 12.35
N SER A 65 -18.01 -4.55 12.38
CA SER A 65 -18.67 -4.12 13.61
C SER A 65 -20.16 -4.43 13.55
N GLY A 66 -20.59 -5.40 14.37
CA GLY A 66 -22.00 -5.78 14.39
C GLY A 66 -22.24 -7.13 13.76
N PRO A 67 -23.07 -7.96 14.42
CA PRO A 67 -23.40 -9.30 13.92
C PRO A 67 -24.27 -9.25 12.68
N SER A 68 -25.03 -8.18 12.52
CA SER A 68 -25.92 -8.02 11.37
C SER A 68 -26.04 -6.55 10.98
N SER A 69 -26.01 -6.28 9.68
CA SER A 69 -26.13 -4.91 9.19
C SER A 69 -27.58 -4.45 9.19
N GLY A 70 -27.89 -3.48 10.05
CA GLY A 70 -29.25 -2.97 10.13
C GLY A 70 -29.43 -1.68 9.35
N GLY A 1 23.08 15.08 -7.48
CA GLY A 1 22.20 14.71 -8.57
C GLY A 1 21.12 15.74 -8.84
N SER A 2 19.88 15.30 -8.89
CA SER A 2 18.76 16.19 -9.13
C SER A 2 17.47 15.64 -8.53
N SER A 3 16.59 16.54 -8.09
CA SER A 3 15.32 16.14 -7.49
C SER A 3 14.25 15.95 -8.56
N GLY A 4 13.85 14.70 -8.78
CA GLY A 4 12.85 14.42 -9.78
C GLY A 4 12.96 13.01 -10.34
N SER A 5 13.15 12.04 -9.46
CA SER A 5 13.29 10.65 -9.86
C SER A 5 12.21 9.78 -9.22
N SER A 6 11.97 8.61 -9.80
CA SER A 6 10.97 7.69 -9.30
C SER A 6 11.62 6.53 -8.55
N GLY A 7 11.61 6.60 -7.23
CA GLY A 7 12.21 5.56 -6.41
C GLY A 7 11.28 5.08 -5.31
N CYS A 8 11.30 3.78 -5.04
CA CYS A 8 10.46 3.20 -4.01
C CYS A 8 10.64 3.93 -2.69
N HIS A 9 9.56 4.04 -1.92
CA HIS A 9 9.59 4.71 -0.63
C HIS A 9 9.81 3.71 0.50
N GLN A 10 9.18 2.54 0.38
CA GLN A 10 9.30 1.50 1.40
C GLN A 10 10.76 1.27 1.77
N CYS A 11 11.53 0.72 0.83
CA CYS A 11 12.94 0.45 1.06
C CYS A 11 13.80 1.64 0.64
N GLY A 12 13.49 2.21 -0.51
CA GLY A 12 14.24 3.35 -1.01
C GLY A 12 14.89 3.09 -2.35
N GLU A 13 15.39 1.86 -2.54
CA GLU A 13 16.03 1.49 -3.79
C GLU A 13 15.23 1.99 -4.99
N PHE A 14 15.94 2.26 -6.08
CA PHE A 14 15.29 2.74 -7.30
C PHE A 14 14.52 1.62 -8.00
N ILE A 15 13.34 1.94 -8.50
CA ILE A 15 12.52 0.95 -9.19
C ILE A 15 12.85 0.92 -10.68
N ILE A 16 13.11 -0.28 -11.19
CA ILE A 16 13.44 -0.46 -12.60
C ILE A 16 12.56 -1.53 -13.24
N GLY A 17 11.64 -1.10 -14.10
CA GLY A 17 10.76 -2.03 -14.77
C GLY A 17 9.30 -1.80 -14.41
N ARG A 18 8.92 -2.21 -13.19
CA ARG A 18 7.54 -2.05 -12.73
C ARG A 18 7.49 -1.12 -11.52
N VAL A 19 6.76 -0.02 -11.66
CA VAL A 19 6.62 0.95 -10.57
C VAL A 19 5.18 1.02 -10.08
N ILE A 20 4.99 0.73 -8.79
CA ILE A 20 3.66 0.76 -8.20
C ILE A 20 3.35 2.12 -7.60
N LYS A 21 2.62 2.94 -8.35
CA LYS A 21 2.26 4.28 -7.89
C LYS A 21 1.13 4.21 -6.87
N ALA A 22 1.41 4.62 -5.64
CA ALA A 22 0.42 4.61 -4.58
C ALA A 22 0.71 5.69 -3.54
N MET A 23 -0.32 6.13 -2.84
CA MET A 23 -0.17 7.15 -1.81
C MET A 23 0.63 8.35 -2.35
N ASN A 24 0.53 8.58 -3.65
CA ASN A 24 1.24 9.69 -4.29
C ASN A 24 2.75 9.46 -4.23
N ASN A 25 3.16 8.21 -4.27
CA ASN A 25 4.57 7.86 -4.22
C ASN A 25 4.84 6.55 -4.95
N SER A 26 6.09 6.35 -5.36
CA SER A 26 6.47 5.14 -6.08
C SER A 26 6.89 4.04 -5.10
N TRP A 27 6.60 2.79 -5.45
CA TRP A 27 6.93 1.66 -4.61
C TRP A 27 7.17 0.41 -5.45
N HIS A 28 7.73 -0.63 -4.83
CA HIS A 28 8.00 -1.88 -5.51
C HIS A 28 6.79 -2.80 -5.46
N PRO A 29 6.72 -3.76 -6.40
CA PRO A 29 5.62 -4.72 -6.48
C PRO A 29 5.66 -5.73 -5.34
N GLU A 30 6.67 -5.63 -4.49
CA GLU A 30 6.82 -6.53 -3.35
C GLU A 30 6.87 -5.76 -2.05
N CYS A 31 7.25 -4.48 -2.14
CA CYS A 31 7.34 -3.63 -0.95
C CYS A 31 5.96 -3.19 -0.49
N PHE A 32 5.23 -2.51 -1.37
CA PHE A 32 3.90 -2.03 -1.05
C PHE A 32 3.01 -3.17 -0.56
N ARG A 33 3.13 -3.51 0.71
CA ARG A 33 2.35 -4.59 1.30
C ARG A 33 1.40 -4.05 2.37
N CYS A 34 0.56 -4.93 2.91
CA CYS A 34 -0.39 -4.55 3.94
C CYS A 34 0.33 -4.06 5.20
N ASP A 35 -0.43 -3.46 6.11
CA ASP A 35 0.14 -2.95 7.35
C ASP A 35 -0.25 -3.84 8.52
N LEU A 36 -1.00 -4.89 8.23
CA LEU A 36 -1.44 -5.83 9.27
C LEU A 36 -0.99 -7.25 8.96
N CYS A 37 -0.93 -7.58 7.67
CA CYS A 37 -0.50 -8.90 7.24
C CYS A 37 0.66 -8.81 6.26
N GLN A 38 0.99 -7.58 5.86
CA GLN A 38 2.08 -7.35 4.92
C GLN A 38 1.86 -8.14 3.64
N GLU A 39 0.69 -7.96 3.03
CA GLU A 39 0.36 -8.67 1.80
C GLU A 39 0.47 -7.73 0.59
N VAL A 40 1.36 -8.09 -0.33
CA VAL A 40 1.57 -7.28 -1.54
C VAL A 40 0.26 -6.73 -2.07
N LEU A 41 0.07 -5.42 -1.95
CA LEU A 41 -1.14 -4.77 -2.42
C LEU A 41 -0.93 -4.13 -3.79
N ALA A 42 -0.17 -4.81 -4.65
CA ALA A 42 0.11 -4.31 -5.99
C ALA A 42 -1.06 -4.58 -6.93
N ASP A 43 -1.48 -5.84 -6.99
CA ASP A 43 -2.59 -6.24 -7.85
C ASP A 43 -3.92 -6.18 -7.10
N ILE A 44 -3.98 -6.91 -5.98
CA ILE A 44 -5.19 -6.95 -5.17
C ILE A 44 -5.65 -5.54 -4.80
N GLY A 45 -4.69 -4.64 -4.63
CA GLY A 45 -5.01 -3.27 -4.27
C GLY A 45 -5.00 -3.04 -2.77
N PHE A 46 -5.05 -1.78 -2.37
CA PHE A 46 -5.03 -1.42 -0.96
C PHE A 46 -6.30 -0.67 -0.56
N VAL A 47 -6.50 -0.50 0.74
CA VAL A 47 -7.68 0.20 1.24
C VAL A 47 -7.29 1.23 2.29
N LYS A 48 -7.24 2.50 1.88
CA LYS A 48 -6.89 3.59 2.78
C LYS A 48 -7.68 3.48 4.09
N ASN A 49 -6.96 3.48 5.21
CA ASN A 49 -7.58 3.40 6.52
C ASN A 49 -6.66 3.93 7.60
N ALA A 50 -7.11 4.97 8.30
CA ALA A 50 -6.32 5.57 9.37
C ALA A 50 -4.92 5.93 8.88
N GLY A 51 -4.81 6.33 7.62
CA GLY A 51 -3.53 6.68 7.05
C GLY A 51 -2.62 5.49 6.89
N ARG A 52 -3.21 4.32 6.67
CA ARG A 52 -2.44 3.09 6.49
C ARG A 52 -2.99 2.26 5.34
N HIS A 53 -2.09 1.63 4.58
CA HIS A 53 -2.49 0.81 3.45
C HIS A 53 -2.78 -0.62 3.88
N LEU A 54 -4.05 -1.00 3.85
CA LEU A 54 -4.46 -2.34 4.25
C LEU A 54 -5.14 -3.07 3.09
N CYS A 55 -5.26 -4.38 3.21
CA CYS A 55 -5.88 -5.20 2.18
C CYS A 55 -7.33 -5.52 2.54
N ARG A 56 -8.16 -5.66 1.52
CA ARG A 56 -9.58 -5.95 1.72
C ARG A 56 -9.77 -6.88 2.93
N PRO A 57 -9.05 -8.01 2.92
CA PRO A 57 -9.12 -9.00 4.00
C PRO A 57 -9.01 -8.36 5.38
N CYS A 58 -7.89 -7.67 5.62
CA CYS A 58 -7.66 -7.00 6.90
C CYS A 58 -8.65 -5.86 7.10
N HIS A 59 -8.58 -4.86 6.22
CA HIS A 59 -9.48 -3.71 6.30
C HIS A 59 -10.89 -4.14 6.65
N ASN A 60 -11.25 -5.36 6.26
CA ASN A 60 -12.58 -5.88 6.53
C ASN A 60 -12.65 -6.48 7.94
N ARG A 61 -11.55 -7.07 8.38
CA ARG A 61 -11.49 -7.68 9.71
C ARG A 61 -11.42 -6.61 10.79
N GLU A 62 -10.63 -5.58 10.55
CA GLU A 62 -10.49 -4.49 11.52
C GLU A 62 -11.80 -3.73 11.68
N LYS A 63 -12.34 -3.25 10.57
CA LYS A 63 -13.60 -2.50 10.58
C LYS A 63 -14.73 -3.35 11.14
N ALA A 64 -14.69 -4.65 10.83
CA ALA A 64 -15.71 -5.58 11.30
C ALA A 64 -16.06 -5.33 12.77
N SER A 65 -17.31 -4.98 13.03
CA SER A 65 -17.76 -4.70 14.40
C SER A 65 -17.02 -3.50 14.98
N GLY A 66 -17.01 -2.40 14.22
CA GLY A 66 -16.33 -1.20 14.67
C GLY A 66 -17.13 0.05 14.38
N PRO A 67 -16.42 1.17 14.22
CA PRO A 67 -17.04 2.47 13.93
C PRO A 67 -17.63 2.53 12.52
N SER A 68 -17.54 1.41 11.81
CA SER A 68 -18.07 1.33 10.44
C SER A 68 -19.31 2.20 10.29
N SER A 69 -20.33 1.89 11.08
CA SER A 69 -21.59 2.63 11.03
C SER A 69 -21.35 4.11 11.32
N GLY A 70 -22.00 4.97 10.54
CA GLY A 70 -21.85 6.41 10.73
C GLY A 70 -21.47 7.12 9.46
N GLY A 1 14.98 20.87 -1.77
CA GLY A 1 16.31 20.58 -2.28
C GLY A 1 16.30 19.48 -3.32
N SER A 2 16.84 18.31 -2.96
CA SER A 2 16.89 17.18 -3.88
C SER A 2 16.17 15.98 -3.29
N SER A 3 14.95 15.74 -3.77
CA SER A 3 14.15 14.62 -3.29
C SER A 3 14.15 13.48 -4.31
N GLY A 4 13.95 13.83 -5.58
CA GLY A 4 13.92 12.83 -6.63
C GLY A 4 12.58 12.76 -7.33
N SER A 5 12.60 12.34 -8.59
CA SER A 5 11.38 12.24 -9.38
C SER A 5 10.56 11.01 -8.97
N SER A 6 11.21 9.84 -9.03
CA SER A 6 10.54 8.59 -8.67
C SER A 6 11.43 7.75 -7.77
N GLY A 7 10.91 6.62 -7.32
CA GLY A 7 11.66 5.74 -6.46
C GLY A 7 10.85 5.17 -5.31
N CYS A 8 11.00 3.88 -5.04
CA CYS A 8 10.25 3.23 -3.98
C CYS A 8 10.52 3.92 -2.64
N HIS A 9 9.48 4.04 -1.82
CA HIS A 9 9.59 4.68 -0.51
C HIS A 9 9.93 3.64 0.56
N GLN A 10 9.32 2.46 0.44
CA GLN A 10 9.56 1.39 1.41
C GLN A 10 11.05 1.20 1.66
N CYS A 11 11.75 0.64 0.67
CA CYS A 11 13.18 0.40 0.79
C CYS A 11 13.97 1.65 0.39
N GLY A 12 13.52 2.32 -0.66
CA GLY A 12 14.19 3.51 -1.13
C GLY A 12 14.79 3.34 -2.51
N GLU A 13 15.27 2.13 -2.80
CA GLU A 13 15.87 1.84 -4.09
C GLU A 13 14.99 2.33 -5.23
N PHE A 14 15.61 2.69 -6.35
CA PHE A 14 14.88 3.17 -7.51
C PHE A 14 14.17 2.03 -8.24
N ILE A 15 12.91 2.27 -8.60
CA ILE A 15 12.13 1.26 -9.30
C ILE A 15 12.37 1.32 -10.81
N ILE A 16 12.54 0.15 -11.42
CA ILE A 16 12.78 0.06 -12.85
C ILE A 16 11.95 -1.05 -13.49
N GLY A 17 11.00 -0.67 -14.33
CA GLY A 17 10.15 -1.65 -14.99
C GLY A 17 8.72 -1.60 -14.50
N ARG A 18 8.51 -2.01 -13.25
CA ARG A 18 7.18 -2.02 -12.67
C ARG A 18 7.12 -1.11 -11.44
N VAL A 19 6.35 -0.04 -11.53
CA VAL A 19 6.20 0.90 -10.42
C VAL A 19 4.80 0.85 -9.84
N ILE A 20 4.73 0.61 -8.53
CA ILE A 20 3.45 0.53 -7.84
C ILE A 20 3.08 1.88 -7.21
N LYS A 21 2.13 2.57 -7.83
CA LYS A 21 1.68 3.86 -7.34
C LYS A 21 0.65 3.69 -6.23
N ALA A 22 0.99 4.15 -5.03
CA ALA A 22 0.10 4.04 -3.88
C ALA A 22 0.43 5.10 -2.84
N MET A 23 -0.47 5.27 -1.87
CA MET A 23 -0.27 6.25 -0.81
C MET A 23 0.33 7.54 -1.36
N ASN A 24 0.08 7.81 -2.63
CA ASN A 24 0.60 9.01 -3.28
C ASN A 24 2.12 8.94 -3.40
N ASN A 25 2.62 7.77 -3.82
CA ASN A 25 4.06 7.58 -3.98
C ASN A 25 4.35 6.30 -4.75
N SER A 26 5.58 6.16 -5.23
CA SER A 26 5.98 4.99 -5.99
C SER A 26 6.56 3.92 -5.06
N TRP A 27 6.30 2.66 -5.38
CA TRP A 27 6.79 1.54 -4.59
C TRP A 27 7.03 0.32 -5.46
N HIS A 28 7.58 -0.73 -4.85
CA HIS A 28 7.87 -1.97 -5.57
C HIS A 28 6.70 -2.94 -5.46
N PRO A 29 6.62 -3.88 -6.41
CA PRO A 29 5.56 -4.89 -6.44
C PRO A 29 5.68 -5.90 -5.31
N GLU A 30 6.71 -5.74 -4.48
CA GLU A 30 6.94 -6.64 -3.36
C GLU A 30 7.05 -5.86 -2.05
N CYS A 31 7.48 -4.60 -2.15
CA CYS A 31 7.63 -3.75 -0.98
C CYS A 31 6.27 -3.33 -0.43
N PHE A 32 5.44 -2.77 -1.30
CA PHE A 32 4.10 -2.32 -0.91
C PHE A 32 3.28 -3.49 -0.39
N ARG A 33 3.31 -3.69 0.93
CA ARG A 33 2.56 -4.77 1.56
C ARG A 33 1.62 -4.23 2.63
N CYS A 34 0.72 -5.09 3.10
CA CYS A 34 -0.24 -4.70 4.13
C CYS A 34 0.47 -4.24 5.40
N ASP A 35 -0.28 -3.63 6.31
CA ASP A 35 0.27 -3.15 7.56
C ASP A 35 -0.15 -4.04 8.72
N LEU A 36 -0.99 -5.04 8.42
CA LEU A 36 -1.47 -5.96 9.44
C LEU A 36 -1.02 -7.39 9.13
N CYS A 37 -0.95 -7.72 7.85
CA CYS A 37 -0.53 -9.05 7.43
C CYS A 37 0.65 -8.97 6.46
N GLN A 38 1.02 -7.74 6.09
CA GLN A 38 2.13 -7.52 5.18
C GLN A 38 1.95 -8.34 3.90
N GLU A 39 0.80 -8.16 3.25
CA GLU A 39 0.51 -8.88 2.02
C GLU A 39 0.65 -7.96 0.81
N VAL A 40 1.38 -8.43 -0.20
CA VAL A 40 1.60 -7.65 -1.42
C VAL A 40 0.30 -7.02 -1.90
N LEU A 41 0.25 -5.70 -1.86
CA LEU A 41 -0.93 -4.96 -2.30
C LEU A 41 -0.74 -4.37 -3.69
N ALA A 42 -0.05 -5.12 -4.55
CA ALA A 42 0.21 -4.67 -5.92
C ALA A 42 -0.90 -5.10 -6.85
N ASP A 43 -1.11 -6.41 -6.98
CA ASP A 43 -2.15 -6.95 -7.85
C ASP A 43 -3.51 -6.89 -7.16
N ILE A 44 -3.56 -7.35 -5.92
CA ILE A 44 -4.81 -7.35 -5.16
C ILE A 44 -5.25 -5.93 -4.83
N GLY A 45 -4.27 -5.03 -4.66
CA GLY A 45 -4.58 -3.65 -4.35
C GLY A 45 -4.60 -3.39 -2.86
N PHE A 46 -4.51 -2.11 -2.49
CA PHE A 46 -4.50 -1.71 -1.08
C PHE A 46 -5.68 -0.82 -0.76
N VAL A 47 -5.89 -0.54 0.52
CA VAL A 47 -6.99 0.31 0.96
C VAL A 47 -6.52 1.31 2.01
N LYS A 48 -6.55 2.59 1.66
CA LYS A 48 -6.13 3.65 2.57
C LYS A 48 -6.95 3.62 3.85
N ASN A 49 -6.27 3.51 4.98
CA ASN A 49 -6.94 3.47 6.28
C ASN A 49 -6.02 4.00 7.38
N ALA A 50 -6.53 4.95 8.16
CA ALA A 50 -5.76 5.53 9.26
C ALA A 50 -4.33 5.82 8.82
N GLY A 51 -4.18 6.31 7.59
CA GLY A 51 -2.86 6.62 7.08
C GLY A 51 -1.97 5.39 6.96
N ARG A 52 -2.57 4.26 6.62
CA ARG A 52 -1.83 3.01 6.49
C ARG A 52 -2.37 2.18 5.32
N HIS A 53 -1.46 1.53 4.59
CA HIS A 53 -1.84 0.70 3.46
C HIS A 53 -2.24 -0.70 3.91
N LEU A 54 -3.51 -1.03 3.79
CA LEU A 54 -4.01 -2.34 4.19
C LEU A 54 -4.63 -3.08 3.01
N CYS A 55 -4.92 -4.35 3.19
CA CYS A 55 -5.53 -5.17 2.14
C CYS A 55 -7.00 -5.37 2.40
N ARG A 56 -7.78 -5.50 1.33
CA ARG A 56 -9.22 -5.70 1.44
C ARG A 56 -9.55 -6.57 2.64
N PRO A 57 -8.91 -7.74 2.72
CA PRO A 57 -9.12 -8.69 3.83
C PRO A 57 -9.06 -8.02 5.19
N CYS A 58 -7.88 -7.51 5.55
CA CYS A 58 -7.70 -6.84 6.82
C CYS A 58 -8.64 -5.64 6.96
N HIS A 59 -8.44 -4.64 6.10
CA HIS A 59 -9.26 -3.44 6.12
C HIS A 59 -10.73 -3.79 6.37
N ASN A 60 -11.20 -4.81 5.68
CA ASN A 60 -12.59 -5.26 5.82
C ASN A 60 -12.89 -5.63 7.26
N ARG A 61 -11.97 -6.36 7.89
CA ARG A 61 -12.14 -6.79 9.27
C ARG A 61 -12.24 -5.58 10.20
N GLU A 62 -11.45 -4.55 9.92
CA GLU A 62 -11.46 -3.34 10.73
C GLU A 62 -12.76 -2.57 10.55
N LYS A 63 -13.02 -2.15 9.32
CA LYS A 63 -14.24 -1.39 9.02
C LYS A 63 -15.48 -2.19 9.40
N ALA A 64 -15.38 -3.51 9.35
CA ALA A 64 -16.49 -4.39 9.69
C ALA A 64 -16.58 -4.59 11.20
N SER A 65 -16.41 -3.51 11.96
CA SER A 65 -16.46 -3.57 13.41
C SER A 65 -17.90 -3.76 13.90
N GLY A 66 -18.04 -4.22 15.13
CA GLY A 66 -19.37 -4.44 15.69
C GLY A 66 -19.67 -3.50 16.84
N PRO A 67 -20.83 -3.70 17.48
CA PRO A 67 -21.25 -2.86 18.61
C PRO A 67 -20.41 -3.09 19.86
N SER A 68 -20.11 -2.02 20.57
CA SER A 68 -19.30 -2.10 21.79
C SER A 68 -20.04 -2.87 22.88
N SER A 69 -19.28 -3.47 23.78
CA SER A 69 -19.86 -4.25 24.88
C SER A 69 -20.45 -3.34 25.94
N GLY A 70 -19.65 -2.38 26.41
CA GLY A 70 -20.12 -1.45 27.41
C GLY A 70 -19.53 -0.06 27.24
#